data_1LG4
#
_entry.id   1LG4
#
_entity_poly.entity_id   1
_entity_poly.type   'polypeptide(L)'
_entity_poly.pdbx_seq_one_letter_code
;VQTRGIKHRIKWNRKALPSTAQITEAQVAENRPGAFIKQGRKLDIDFGAEGNRYYEANYWQFPDGIHYNGCSEANVTKEA
FVTGCINATQAANQGEFQKPDNKLHQQVLWRLVQELCSLKHCEFWLERG
;
_entity_poly.pdbx_strand_id   A
#
# COMPACT_ATOMS: atom_id res chain seq x y z
N ALA A 29 -10.94 -2.59 13.70
CA ALA A 29 -9.59 -2.04 13.62
C ALA A 29 -9.38 -1.40 12.25
N GLU A 30 -10.00 -2.00 11.25
CA GLU A 30 -9.75 -1.79 9.84
C GLU A 30 -10.28 -0.42 9.38
N ASN A 31 -11.13 0.23 10.18
CA ASN A 31 -11.59 1.59 9.90
C ASN A 31 -10.57 2.66 10.33
N ARG A 32 -9.29 2.33 10.18
CA ARG A 32 -8.19 3.28 10.12
C ARG A 32 -8.17 3.94 8.75
N PRO A 33 -7.51 5.08 8.62
CA PRO A 33 -7.24 5.71 7.33
C PRO A 33 -6.11 5.00 6.56
N GLY A 34 -5.85 3.72 6.81
CA GLY A 34 -4.69 3.04 6.26
C GLY A 34 -4.63 1.56 6.61
N ALA A 35 -5.70 0.96 7.13
CA ALA A 35 -5.75 -0.46 7.42
C ALA A 35 -5.50 -1.28 6.16
N PHE A 36 -4.75 -2.36 6.34
CA PHE A 36 -4.45 -3.30 5.27
C PHE A 36 -5.66 -4.22 5.08
N ILE A 37 -6.27 -4.28 3.88
CA ILE A 37 -7.37 -5.20 3.58
C ILE A 37 -6.94 -6.67 3.69
N LYS A 38 -5.76 -7.02 3.16
CA LYS A 38 -5.05 -8.22 3.56
C LYS A 38 -5.77 -9.56 3.30
N GLN A 39 -6.58 -9.65 2.24
CA GLN A 39 -7.37 -10.85 1.92
C GLN A 39 -6.54 -12.13 1.67
N GLY A 40 -5.23 -12.05 1.41
CA GLY A 40 -4.40 -13.24 1.21
C GLY A 40 -4.25 -13.56 -0.28
N ARG A 41 -3.54 -12.74 -1.05
CA ARG A 41 -3.39 -12.91 -2.51
C ARG A 41 -2.01 -12.49 -3.00
N LYS A 42 -1.70 -12.64 -4.30
CA LYS A 42 -0.41 -12.26 -4.89
C LYS A 42 -0.49 -11.09 -5.87
N LEU A 43 -1.67 -10.54 -6.12
CA LEU A 43 -1.90 -9.38 -6.99
C LEU A 43 -1.18 -9.48 -8.35
N ASP A 44 -1.14 -8.36 -9.07
CA ASP A 44 -0.86 -8.23 -10.49
C ASP A 44 0.08 -7.04 -10.77
N ILE A 45 0.81 -6.61 -9.75
CA ILE A 45 1.63 -5.40 -9.76
C ILE A 45 3.07 -5.79 -10.16
N ASP A 46 3.63 -5.18 -11.23
CA ASP A 46 4.98 -5.50 -11.71
C ASP A 46 6.01 -4.80 -10.83
N PHE A 47 6.66 -5.52 -9.91
CA PHE A 47 7.64 -4.97 -8.97
C PHE A 47 9.05 -4.87 -9.55
N GLY A 48 9.35 -5.67 -10.56
CA GLY A 48 10.71 -6.02 -10.89
C GLY A 48 11.18 -7.19 -10.03
N ALA A 49 12.35 -7.71 -10.38
CA ALA A 49 12.87 -9.01 -10.01
C ALA A 49 12.79 -9.34 -8.52
N GLU A 50 13.67 -8.74 -7.71
CA GLU A 50 13.87 -9.15 -6.34
C GLU A 50 12.58 -9.00 -5.54
N GLY A 51 11.84 -7.92 -5.80
CA GLY A 51 10.55 -7.67 -5.20
C GLY A 51 9.54 -8.77 -5.55
N ASN A 52 9.31 -9.03 -6.84
CA ASN A 52 8.27 -9.98 -7.27
C ASN A 52 8.56 -11.38 -6.76
N ARG A 53 9.82 -11.82 -6.83
CA ARG A 53 10.21 -13.14 -6.33
C ARG A 53 10.01 -13.22 -4.82
N TYR A 54 10.37 -12.20 -4.04
CA TYR A 54 10.14 -12.23 -2.60
C TYR A 54 8.64 -12.22 -2.30
N TYR A 55 7.84 -11.47 -3.07
CA TYR A 55 6.39 -11.45 -2.92
C TYR A 55 5.86 -12.88 -3.05
N GLU A 56 6.16 -13.57 -4.14
CA GLU A 56 5.75 -14.94 -4.41
C GLU A 56 6.11 -15.90 -3.28
N ALA A 57 7.16 -15.58 -2.52
CA ALA A 57 7.57 -16.42 -1.42
C ALA A 57 6.66 -16.30 -0.19
N ASN A 58 6.11 -15.11 0.11
CA ASN A 58 5.43 -14.82 1.39
C ASN A 58 4.31 -13.77 1.25
N TYR A 59 3.53 -13.85 0.18
CA TYR A 59 2.55 -12.85 -0.23
C TYR A 59 1.34 -12.72 0.69
N TRP A 60 0.98 -13.78 1.42
CA TRP A 60 -0.13 -13.79 2.37
C TRP A 60 0.09 -12.79 3.50
N GLN A 61 1.31 -12.25 3.64
CA GLN A 61 1.66 -11.29 4.67
C GLN A 61 1.32 -9.84 4.25
N PHE A 62 0.87 -9.61 3.01
CA PHE A 62 0.72 -8.27 2.40
C PHE A 62 -0.76 -7.91 2.17
N PRO A 63 -1.11 -6.61 1.95
CA PRO A 63 -2.47 -6.15 1.70
C PRO A 63 -3.02 -6.46 0.30
N ASP A 64 -4.34 -6.27 0.12
CA ASP A 64 -5.08 -6.33 -1.16
C ASP A 64 -5.36 -4.91 -1.66
N GLY A 65 -5.58 -3.98 -0.72
CA GLY A 65 -5.96 -2.60 -0.92
C GLY A 65 -5.99 -1.92 0.46
N ILE A 66 -6.43 -0.67 0.50
CA ILE A 66 -6.48 0.20 1.67
C ILE A 66 -7.94 0.73 1.80
N HIS A 67 -8.31 1.34 2.93
CA HIS A 67 -9.63 1.93 3.18
C HIS A 67 -9.47 3.40 3.60
N TYR A 68 -8.66 4.16 2.88
CA TYR A 68 -8.29 5.54 3.19
C TYR A 68 -9.40 6.52 2.76
N ASN A 69 -10.66 6.20 3.10
CA ASN A 69 -11.86 6.97 2.81
C ASN A 69 -11.98 7.39 1.33
N GLY A 70 -11.44 6.55 0.43
CA GLY A 70 -11.49 6.68 -1.02
C GLY A 70 -10.51 7.74 -1.53
N CYS A 71 -10.68 8.99 -1.10
CA CYS A 71 -10.06 10.25 -1.51
C CYS A 71 -11.18 11.22 -1.84
N SER A 72 -11.37 12.24 -1.02
CA SER A 72 -12.25 13.35 -1.32
C SER A 72 -11.44 14.65 -1.22
N GLU A 73 -10.59 14.91 -2.22
CA GLU A 73 -9.86 16.14 -2.37
C GLU A 73 -9.85 16.51 -3.86
N ALA A 74 -10.46 17.66 -4.13
CA ALA A 74 -10.68 18.24 -5.44
C ALA A 74 -9.44 18.97 -5.97
N ASN A 75 -8.33 18.81 -5.26
CA ASN A 75 -7.06 19.51 -5.40
C ASN A 75 -6.00 18.78 -4.57
N VAL A 76 -5.61 17.57 -5.03
CA VAL A 76 -4.52 16.82 -4.44
C VAL A 76 -3.58 16.29 -5.52
N THR A 77 -2.29 16.34 -5.19
CA THR A 77 -1.24 15.77 -6.04
C THR A 77 -1.04 14.31 -5.67
N LYS A 78 -0.33 13.51 -6.48
CA LYS A 78 -0.03 12.14 -6.07
C LYS A 78 0.80 12.14 -4.79
N GLU A 79 1.84 12.97 -4.77
CA GLU A 79 2.78 13.05 -3.66
C GLU A 79 2.16 13.66 -2.41
N ALA A 80 0.96 14.19 -2.52
CA ALA A 80 0.12 14.58 -1.43
C ALA A 80 -0.74 13.37 -1.04
N PHE A 81 -1.58 12.88 -1.96
CA PHE A 81 -2.60 11.86 -1.72
C PHE A 81 -2.00 10.57 -1.16
N VAL A 82 -1.20 9.86 -1.96
CA VAL A 82 -0.81 8.50 -1.59
C VAL A 82 0.12 8.55 -0.38
N THR A 83 0.97 9.57 -0.32
CA THR A 83 1.71 9.97 0.86
C THR A 83 0.83 10.02 2.11
N GLY A 84 -0.31 10.73 2.10
CA GLY A 84 -1.20 10.81 3.25
C GLY A 84 -1.68 9.41 3.65
N CYS A 85 -2.01 8.57 2.66
CA CYS A 85 -2.35 7.17 2.88
C CYS A 85 -1.21 6.45 3.61
N ILE A 86 0.05 6.74 3.27
CA ILE A 86 1.22 6.05 3.82
C ILE A 86 1.55 6.55 5.20
N ASN A 87 1.42 7.85 5.44
CA ASN A 87 1.58 8.46 6.75
C ASN A 87 0.50 7.96 7.70
N ALA A 88 -0.63 7.53 7.15
CA ALA A 88 -1.67 6.85 7.89
C ALA A 88 -1.28 5.38 8.08
N THR A 89 -1.06 4.64 6.99
CA THR A 89 -0.87 3.20 7.00
C THR A 89 0.29 2.78 7.89
N GLN A 90 1.39 3.56 7.93
CA GLN A 90 2.53 3.22 8.77
C GLN A 90 2.12 3.09 10.23
N ALA A 91 1.18 3.94 10.68
CA ALA A 91 0.56 3.88 11.99
C ALA A 91 -0.70 3.01 12.04
N ALA A 92 -1.27 2.61 10.90
CA ALA A 92 -2.41 1.70 10.86
C ALA A 92 -1.92 0.34 11.31
N ASN A 93 -0.99 -0.23 10.55
CA ASN A 93 -0.60 -1.63 10.65
C ASN A 93 0.81 -1.76 11.18
N GLN A 94 1.19 -0.95 12.16
CA GLN A 94 2.52 -0.91 12.76
C GLN A 94 3.23 -2.25 12.86
N GLY A 95 2.55 -3.30 13.35
CA GLY A 95 3.10 -4.64 13.43
C GLY A 95 3.68 -5.20 12.13
N GLU A 96 3.32 -4.70 10.94
CA GLU A 96 3.97 -5.12 9.71
C GLU A 96 5.28 -4.37 9.57
N PHE A 97 5.25 -3.04 9.55
CA PHE A 97 6.43 -2.17 9.45
C PHE A 97 7.32 -2.20 10.72
N GLN A 98 7.40 -3.31 11.44
CA GLN A 98 8.41 -3.61 12.47
C GLN A 98 8.96 -5.04 12.35
N LYS A 99 9.18 -5.53 11.11
CA LYS A 99 9.79 -6.84 10.93
C LYS A 99 11.20 -6.85 11.51
N PRO A 100 11.73 -8.03 11.90
CA PRO A 100 13.07 -8.13 12.43
C PRO A 100 14.14 -8.10 11.33
N ASP A 101 13.79 -8.47 10.10
CA ASP A 101 14.69 -8.64 8.97
C ASP A 101 13.90 -8.14 7.75
N ASN A 102 13.44 -9.08 6.92
CA ASN A 102 12.43 -8.92 5.88
C ASN A 102 12.77 -7.81 4.87
N LYS A 103 14.04 -7.49 4.61
CA LYS A 103 14.49 -6.44 3.69
C LYS A 103 13.53 -6.10 2.56
N LEU A 104 13.30 -7.06 1.65
CA LEU A 104 12.53 -6.81 0.43
C LEU A 104 11.08 -6.54 0.75
N HIS A 105 10.56 -6.95 1.91
CA HIS A 105 9.20 -6.61 2.33
C HIS A 105 9.02 -5.09 2.33
N GLN A 106 10.04 -4.28 2.66
CA GLN A 106 9.95 -2.83 2.53
C GLN A 106 9.72 -2.49 1.06
N GLN A 107 10.68 -2.81 0.20
CA GLN A 107 10.62 -2.41 -1.19
C GLN A 107 9.41 -2.99 -1.94
N VAL A 108 8.88 -4.13 -1.53
CA VAL A 108 7.59 -4.61 -2.01
C VAL A 108 6.52 -3.72 -1.39
N LEU A 109 6.31 -3.80 -0.07
CA LEU A 109 5.15 -3.24 0.63
C LEU A 109 5.01 -1.74 0.38
N TRP A 110 6.10 -0.98 0.43
CA TRP A 110 6.08 0.45 0.18
C TRP A 110 5.60 0.73 -1.24
N ARG A 111 6.11 0.01 -2.25
CA ARG A 111 5.64 0.16 -3.63
C ARG A 111 4.20 -0.35 -3.78
N LEU A 112 3.87 -1.48 -3.14
CA LEU A 112 2.58 -2.15 -3.19
C LEU A 112 1.55 -1.16 -2.71
N VAL A 113 1.64 -0.74 -1.45
CA VAL A 113 0.73 0.21 -0.84
C VAL A 113 0.74 1.54 -1.61
N GLN A 114 1.86 1.97 -2.21
CA GLN A 114 1.83 3.15 -3.08
C GLN A 114 0.92 2.95 -4.27
N GLU A 115 0.98 1.82 -4.98
CA GLU A 115 0.04 1.57 -6.07
C GLU A 115 -1.38 1.47 -5.51
N LEU A 116 -1.59 0.75 -4.39
CA LEU A 116 -2.89 0.60 -3.76
C LEU A 116 -3.52 1.97 -3.45
N CYS A 117 -2.69 2.98 -3.21
CA CYS A 117 -3.11 4.31 -2.83
C CYS A 117 -2.95 5.31 -3.97
N SER A 118 -2.47 4.90 -5.14
CA SER A 118 -2.39 5.72 -6.34
C SER A 118 -3.52 5.29 -7.26
N LEU A 119 -3.46 4.05 -7.75
CA LEU A 119 -4.32 3.48 -8.77
C LEU A 119 -4.54 4.39 -9.97
N LYS A 120 -5.58 4.05 -10.75
CA LYS A 120 -6.25 4.83 -11.79
C LYS A 120 -6.17 6.33 -11.50
N HIS A 121 -7.04 6.86 -10.64
CA HIS A 121 -6.95 8.19 -10.06
C HIS A 121 -7.90 8.28 -8.85
N CYS A 122 -7.94 9.43 -8.19
CA CYS A 122 -8.95 9.79 -7.20
C CYS A 122 -10.14 10.42 -7.94
N GLU A 123 -10.17 11.74 -8.15
CA GLU A 123 -11.29 12.44 -8.77
C GLU A 123 -10.86 13.60 -9.66
N PHE A 124 -10.35 14.70 -9.08
CA PHE A 124 -10.19 15.97 -9.80
C PHE A 124 -9.22 15.81 -10.96
N TRP A 125 -8.15 15.08 -10.73
CA TRP A 125 -7.15 14.61 -11.65
C TRP A 125 -7.66 13.25 -12.12
N LEU A 126 -7.70 13.02 -13.43
CA LEU A 126 -8.24 11.82 -14.04
C LEU A 126 -7.48 11.50 -15.33
N GLU A 127 -7.60 10.26 -15.79
CA GLU A 127 -7.13 9.90 -17.12
C GLU A 127 -7.93 10.73 -18.13
N ALA A 29 -10.95 -1.65 13.89
CA ALA A 29 -9.70 -1.00 13.50
C ALA A 29 -9.41 -1.30 12.03
N GLU A 30 -10.28 -1.98 11.31
CA GLU A 30 -10.21 -1.99 9.84
C GLU A 30 -10.62 -0.59 9.36
N ASN A 31 -11.40 0.16 10.15
CA ASN A 31 -11.65 1.59 9.99
C ASN A 31 -10.40 2.47 10.17
N ARG A 32 -9.22 1.91 10.51
CA ARG A 32 -7.97 2.66 10.55
C ARG A 32 -7.78 3.37 9.21
N PRO A 33 -7.19 4.57 9.21
CA PRO A 33 -7.03 5.39 8.04
C PRO A 33 -5.97 4.84 7.06
N GLY A 34 -5.50 3.63 7.30
CA GLY A 34 -4.54 2.93 6.47
C GLY A 34 -4.50 1.46 6.84
N ALA A 35 -5.55 0.90 7.44
CA ALA A 35 -5.59 -0.53 7.75
C ALA A 35 -5.35 -1.32 6.46
N PHE A 36 -4.58 -2.39 6.57
CA PHE A 36 -4.28 -3.25 5.45
C PHE A 36 -5.45 -4.22 5.25
N ILE A 37 -6.04 -4.29 4.06
CA ILE A 37 -7.15 -5.22 3.81
C ILE A 37 -6.66 -6.69 3.71
N LYS A 38 -5.45 -6.89 3.19
CA LYS A 38 -4.73 -8.16 3.03
C LYS A 38 -5.62 -9.40 2.89
N GLN A 39 -6.28 -9.51 1.74
CA GLN A 39 -6.86 -10.77 1.36
C GLN A 39 -5.72 -11.74 1.00
N GLY A 40 -5.90 -13.03 1.26
CA GLY A 40 -4.99 -14.10 0.87
C GLY A 40 -4.94 -14.33 -0.65
N ARG A 41 -4.40 -13.38 -1.42
CA ARG A 41 -4.26 -13.44 -2.88
C ARG A 41 -2.85 -13.04 -3.25
N LYS A 42 -2.31 -13.66 -4.30
CA LYS A 42 -1.12 -13.19 -4.99
C LYS A 42 -1.58 -12.35 -6.18
N LEU A 43 -0.90 -11.26 -6.49
CA LEU A 43 -1.26 -10.33 -7.55
C LEU A 43 -0.15 -10.29 -8.58
N ASP A 44 -0.45 -9.67 -9.71
CA ASP A 44 0.46 -9.32 -10.77
C ASP A 44 0.67 -7.80 -10.70
N ILE A 45 1.49 -7.36 -9.74
CA ILE A 45 2.06 -6.03 -9.63
C ILE A 45 3.56 -6.26 -9.80
N ASP A 46 4.26 -5.47 -10.61
CA ASP A 46 5.71 -5.63 -10.79
C ASP A 46 6.46 -4.80 -9.76
N PHE A 47 7.72 -5.15 -9.49
CA PHE A 47 8.55 -4.54 -8.44
C PHE A 47 10.04 -4.50 -8.80
N GLY A 48 10.46 -5.20 -9.87
CA GLY A 48 11.85 -5.54 -10.08
C GLY A 48 12.11 -6.95 -9.57
N ALA A 49 13.31 -7.43 -9.84
CA ALA A 49 13.71 -8.82 -9.71
C ALA A 49 13.52 -9.40 -8.31
N GLU A 50 14.05 -8.74 -7.29
CA GLU A 50 13.99 -9.29 -5.94
C GLU A 50 12.60 -9.07 -5.35
N GLY A 51 11.98 -7.93 -5.64
CA GLY A 51 10.65 -7.63 -5.14
C GLY A 51 9.61 -8.61 -5.66
N ASN A 52 9.57 -8.85 -6.97
CA ASN A 52 8.56 -9.70 -7.60
C ASN A 52 8.65 -11.15 -7.08
N ARG A 53 9.87 -11.63 -6.84
CA ARG A 53 10.12 -12.97 -6.33
C ARG A 53 9.80 -13.07 -4.85
N TYR A 54 10.07 -12.03 -4.07
CA TYR A 54 9.66 -12.02 -2.66
C TYR A 54 8.13 -11.96 -2.56
N TYR A 55 7.44 -11.33 -3.52
CA TYR A 55 5.98 -11.34 -3.61
C TYR A 55 5.53 -12.80 -3.79
N GLU A 56 5.94 -13.46 -4.88
CA GLU A 56 5.69 -14.86 -5.22
C GLU A 56 5.88 -15.79 -4.02
N ALA A 57 6.88 -15.50 -3.20
CA ALA A 57 7.09 -16.23 -1.97
C ALA A 57 6.01 -15.98 -0.93
N ASN A 58 5.89 -14.74 -0.45
CA ASN A 58 5.15 -14.43 0.77
C ASN A 58 4.22 -13.26 0.52
N TYR A 59 3.20 -13.46 -0.32
CA TYR A 59 2.31 -12.41 -0.83
C TYR A 59 1.13 -12.08 0.09
N TRP A 60 0.53 -13.08 0.73
CA TRP A 60 -0.64 -12.97 1.60
C TRP A 60 -0.32 -12.25 2.92
N GLN A 61 0.92 -11.75 3.03
CA GLN A 61 1.56 -11.10 4.14
C GLN A 61 1.56 -9.57 3.92
N PHE A 62 0.82 -9.10 2.91
CA PHE A 62 0.76 -7.74 2.43
C PHE A 62 -0.70 -7.44 2.07
N PRO A 63 -1.11 -6.16 2.04
CA PRO A 63 -2.46 -5.78 1.70
C PRO A 63 -2.83 -6.14 0.25
N ASP A 64 -4.12 -5.97 -0.08
CA ASP A 64 -4.67 -6.01 -1.45
C ASP A 64 -5.51 -4.75 -1.75
N GLY A 65 -5.68 -3.89 -0.74
CA GLY A 65 -6.31 -2.58 -0.80
C GLY A 65 -6.08 -1.90 0.54
N ILE A 66 -6.41 -0.61 0.61
CA ILE A 66 -6.35 0.21 1.82
C ILE A 66 -7.72 0.85 2.01
N HIS A 67 -8.06 1.11 3.27
CA HIS A 67 -9.29 1.78 3.67
C HIS A 67 -9.12 3.27 3.43
N TYR A 68 -8.84 4.06 4.49
CA TYR A 68 -8.55 5.50 4.50
C TYR A 68 -9.76 6.39 4.22
N ASN A 69 -10.89 5.80 3.82
CA ASN A 69 -11.97 6.37 2.99
C ASN A 69 -11.46 6.58 1.57
N GLY A 70 -12.38 6.52 0.61
CA GLY A 70 -12.15 6.90 -0.76
C GLY A 70 -12.35 8.40 -0.86
N CYS A 71 -11.30 9.09 -1.30
CA CYS A 71 -11.17 10.49 -1.60
C CYS A 71 -11.12 11.34 -0.34
N SER A 72 -10.73 12.59 -0.54
CA SER A 72 -10.53 13.62 0.47
C SER A 72 -10.43 15.03 -0.11
N GLU A 73 -9.91 15.18 -1.33
CA GLU A 73 -9.54 16.46 -1.94
C GLU A 73 -9.95 16.49 -3.39
N ALA A 74 -9.83 17.66 -3.98
CA ALA A 74 -9.91 17.90 -5.41
C ALA A 74 -8.63 18.55 -5.95
N ASN A 75 -7.72 18.97 -5.08
CA ASN A 75 -6.41 19.51 -5.43
C ASN A 75 -5.39 18.71 -4.65
N VAL A 76 -5.04 17.54 -5.20
CA VAL A 76 -4.05 16.63 -4.64
C VAL A 76 -3.48 15.82 -5.79
N THR A 77 -2.39 15.10 -5.54
CA THR A 77 -1.63 14.41 -6.56
C THR A 77 -1.35 12.97 -6.16
N LYS A 78 -0.89 12.17 -7.12
CA LYS A 78 -0.50 10.80 -6.90
C LYS A 78 0.73 10.68 -6.00
N GLU A 79 1.49 11.75 -5.83
CA GLU A 79 2.40 11.85 -4.71
C GLU A 79 1.56 12.13 -3.46
N ALA A 80 0.97 13.34 -3.38
CA ALA A 80 0.46 13.90 -2.13
C ALA A 80 -0.53 12.99 -1.40
N PHE A 81 -1.56 12.51 -2.09
CA PHE A 81 -2.62 11.70 -1.49
C PHE A 81 -2.07 10.33 -1.09
N VAL A 82 -1.28 9.69 -1.95
CA VAL A 82 -0.72 8.38 -1.66
C VAL A 82 0.24 8.50 -0.47
N THR A 83 1.06 9.54 -0.45
CA THR A 83 1.87 9.90 0.69
C THR A 83 1.00 10.09 1.95
N GLY A 84 -0.14 10.78 1.86
CA GLY A 84 -1.10 10.88 2.96
C GLY A 84 -1.54 9.50 3.42
N CYS A 85 -1.85 8.61 2.49
CA CYS A 85 -2.31 7.25 2.80
C CYS A 85 -1.20 6.48 3.51
N ILE A 86 0.06 6.77 3.18
CA ILE A 86 1.23 6.17 3.78
C ILE A 86 1.48 6.71 5.18
N ASN A 87 1.33 8.02 5.38
CA ASN A 87 1.41 8.61 6.72
C ASN A 87 0.39 7.97 7.65
N ALA A 88 -0.76 7.59 7.08
CA ALA A 88 -1.80 6.92 7.82
C ALA A 88 -1.44 5.45 8.03
N THR A 89 -1.05 4.73 6.98
CA THR A 89 -0.82 3.29 7.04
C THR A 89 0.41 2.95 7.88
N GLN A 90 1.45 3.79 7.91
CA GLN A 90 2.63 3.52 8.73
C GLN A 90 2.21 3.42 10.20
N ALA A 91 1.23 4.23 10.60
CA ALA A 91 0.68 4.25 11.94
C ALA A 91 -0.53 3.32 12.08
N ALA A 92 -1.15 2.88 10.98
CA ALA A 92 -2.13 1.80 11.06
C ALA A 92 -1.37 0.57 11.56
N ASN A 93 -0.32 0.19 10.83
CA ASN A 93 0.34 -1.10 10.98
C ASN A 93 1.73 -0.85 11.59
N GLN A 94 1.78 -0.17 12.75
CA GLN A 94 3.01 0.26 13.40
C GLN A 94 4.02 -0.90 13.50
N GLY A 95 3.68 -1.92 14.29
CA GLY A 95 4.48 -3.11 14.46
C GLY A 95 4.34 -4.09 13.30
N GLU A 96 4.20 -3.59 12.08
CA GLU A 96 4.27 -4.39 10.86
C GLU A 96 5.26 -3.76 9.89
N PHE A 97 5.25 -2.43 9.73
CA PHE A 97 6.37 -1.75 9.10
C PHE A 97 7.63 -1.85 9.95
N GLN A 98 7.51 -1.72 11.28
CA GLN A 98 8.57 -2.18 12.18
C GLN A 98 8.45 -3.70 12.28
N LYS A 99 9.00 -4.37 11.29
CA LYS A 99 9.59 -5.70 11.47
C LYS A 99 11.00 -5.51 12.02
N PRO A 100 11.57 -6.54 12.69
CA PRO A 100 12.88 -6.48 13.33
C PRO A 100 14.02 -6.93 12.40
N ASP A 101 13.72 -7.33 11.16
CA ASP A 101 14.64 -8.03 10.27
C ASP A 101 14.58 -7.41 8.88
N ASN A 102 13.37 -7.38 8.31
CA ASN A 102 12.90 -6.56 7.20
C ASN A 102 13.93 -6.32 6.09
N LYS A 103 13.94 -7.16 5.04
CA LYS A 103 14.65 -6.86 3.78
C LYS A 103 13.71 -6.44 2.67
N LEU A 104 13.15 -7.36 1.87
CA LEU A 104 12.42 -6.95 0.67
C LEU A 104 11.03 -6.45 1.04
N HIS A 105 10.52 -6.87 2.20
CA HIS A 105 9.14 -6.64 2.55
C HIS A 105 8.82 -5.13 2.61
N GLN A 106 9.70 -4.28 3.12
CA GLN A 106 9.55 -2.83 3.06
C GLN A 106 9.49 -2.38 1.60
N GLN A 107 10.56 -2.66 0.85
CA GLN A 107 10.71 -2.29 -0.54
C GLN A 107 9.46 -2.62 -1.37
N VAL A 108 8.94 -3.85 -1.25
CA VAL A 108 7.69 -4.27 -1.86
C VAL A 108 6.54 -3.45 -1.26
N LEU A 109 6.33 -3.50 0.06
CA LEU A 109 5.16 -2.96 0.76
C LEU A 109 4.99 -1.47 0.46
N TRP A 110 6.08 -0.73 0.24
CA TRP A 110 6.04 0.65 -0.17
C TRP A 110 5.36 0.77 -1.53
N ARG A 111 6.00 0.28 -2.60
CA ARG A 111 5.47 0.34 -3.97
C ARG A 111 4.06 -0.26 -4.05
N LEU A 112 3.82 -1.35 -3.32
CA LEU A 112 2.56 -2.06 -3.28
C LEU A 112 1.49 -1.12 -2.76
N VAL A 113 1.60 -0.66 -1.51
CA VAL A 113 0.60 0.22 -0.90
C VAL A 113 0.46 1.53 -1.69
N GLN A 114 1.54 2.02 -2.29
CA GLN A 114 1.45 3.17 -3.17
C GLN A 114 0.44 2.91 -4.28
N GLU A 115 0.53 1.76 -4.95
CA GLU A 115 -0.42 1.40 -5.99
C GLU A 115 -1.81 1.10 -5.45
N LEU A 116 -1.94 0.54 -4.24
CA LEU A 116 -3.25 0.28 -3.63
C LEU A 116 -4.03 1.57 -3.41
N CYS A 117 -3.32 2.65 -3.08
CA CYS A 117 -3.89 3.98 -2.97
C CYS A 117 -4.13 4.56 -4.36
N SER A 118 -3.16 4.55 -5.29
CA SER A 118 -3.36 5.15 -6.60
C SER A 118 -4.22 4.33 -7.58
N LEU A 119 -4.72 3.16 -7.16
CA LEU A 119 -5.35 2.13 -7.98
C LEU A 119 -6.28 2.74 -9.02
N LYS A 120 -7.22 3.57 -8.56
CA LYS A 120 -7.93 4.53 -9.39
C LYS A 120 -7.80 5.86 -8.67
N HIS A 121 -7.39 6.91 -9.39
CA HIS A 121 -7.39 8.29 -8.94
C HIS A 121 -8.79 8.72 -8.51
N CYS A 122 -8.93 9.90 -7.86
CA CYS A 122 -10.24 10.53 -7.73
C CYS A 122 -10.64 11.11 -9.09
N GLU A 123 -10.23 12.33 -9.43
CA GLU A 123 -10.70 12.99 -10.65
C GLU A 123 -9.60 13.81 -11.33
N PHE A 124 -9.21 14.93 -10.74
CA PHE A 124 -8.31 15.95 -11.33
C PHE A 124 -6.95 15.38 -11.69
N TRP A 125 -6.45 14.46 -10.86
CA TRP A 125 -5.14 13.85 -10.99
C TRP A 125 -5.23 12.51 -11.74
N LEU A 126 -6.07 12.46 -12.77
CA LEU A 126 -6.19 11.32 -13.67
C LEU A 126 -4.90 10.99 -14.40
N GLU A 127 -4.82 9.77 -14.92
CA GLU A 127 -4.00 9.48 -16.07
C GLU A 127 -4.77 9.99 -17.28
N ALA A 29 -9.90 -2.94 14.62
CA ALA A 29 -8.82 -2.06 14.27
C ALA A 29 -8.64 -2.05 12.76
N GLU A 30 -9.20 -3.05 12.07
CA GLU A 30 -9.15 -3.15 10.62
C GLU A 30 -10.04 -2.08 9.99
N ASN A 31 -10.97 -1.49 10.75
CA ASN A 31 -11.69 -0.29 10.37
C ASN A 31 -10.87 0.98 10.68
N ARG A 32 -9.55 0.94 10.81
CA ARG A 32 -8.74 2.16 10.90
C ARG A 32 -8.57 2.79 9.52
N PRO A 33 -8.44 4.12 9.43
CA PRO A 33 -7.89 4.75 8.24
C PRO A 33 -6.47 4.22 8.07
N GLY A 34 -6.22 3.54 6.95
CA GLY A 34 -4.92 2.98 6.64
C GLY A 34 -4.73 1.55 7.13
N ALA A 35 -5.72 0.94 7.79
CA ALA A 35 -5.68 -0.47 8.10
C ALA A 35 -5.48 -1.35 6.86
N PHE A 36 -4.74 -2.45 7.01
CA PHE A 36 -4.41 -3.43 5.98
C PHE A 36 -5.52 -4.49 5.87
N ILE A 37 -6.11 -4.67 4.69
CA ILE A 37 -7.11 -5.72 4.44
C ILE A 37 -6.48 -7.12 4.49
N LYS A 38 -5.34 -7.33 3.80
CA LYS A 38 -4.52 -8.51 3.95
C LYS A 38 -5.28 -9.83 3.74
N GLN A 39 -5.99 -9.92 2.61
CA GLN A 39 -6.72 -11.10 2.12
C GLN A 39 -5.86 -12.35 1.86
N GLY A 40 -4.56 -12.36 2.16
CA GLY A 40 -3.70 -13.53 1.97
C GLY A 40 -3.46 -13.91 0.51
N ARG A 41 -3.74 -13.00 -0.42
CA ARG A 41 -3.61 -13.18 -1.87
C ARG A 41 -2.28 -12.64 -2.37
N LYS A 42 -1.87 -13.13 -3.53
CA LYS A 42 -0.78 -12.62 -4.35
C LYS A 42 -1.39 -11.76 -5.43
N LEU A 43 -0.83 -10.59 -5.68
CA LEU A 43 -1.30 -9.68 -6.72
C LEU A 43 -0.16 -9.53 -7.73
N ASP A 44 -0.49 -9.56 -9.00
CA ASP A 44 0.47 -9.48 -10.11
C ASP A 44 0.82 -8.02 -10.44
N ILE A 45 1.04 -7.20 -9.40
CA ILE A 45 1.54 -5.82 -9.49
C ILE A 45 3.05 -5.96 -9.73
N ASP A 46 3.69 -5.00 -10.41
CA ASP A 46 5.11 -5.06 -10.71
C ASP A 46 5.93 -4.25 -9.70
N PHE A 47 7.06 -4.83 -9.28
CA PHE A 47 7.99 -4.30 -8.30
C PHE A 47 9.39 -4.13 -8.88
N GLY A 48 9.60 -4.41 -10.17
CA GLY A 48 10.87 -4.29 -10.87
C GLY A 48 11.40 -5.69 -11.18
N ALA A 49 12.34 -6.18 -10.38
CA ALA A 49 12.88 -7.54 -10.49
C ALA A 49 12.60 -8.27 -9.17
N GLU A 50 13.53 -8.08 -8.23
CA GLU A 50 13.65 -8.77 -6.95
C GLU A 50 12.34 -8.80 -6.19
N GLY A 51 11.64 -7.67 -6.15
CA GLY A 51 10.42 -7.56 -5.36
C GLY A 51 9.33 -8.50 -5.84
N ASN A 52 9.23 -8.73 -7.15
CA ASN A 52 8.24 -9.64 -7.73
C ASN A 52 8.55 -11.06 -7.27
N ARG A 53 9.82 -11.44 -7.38
CA ARG A 53 10.33 -12.74 -6.96
C ARG A 53 10.07 -12.96 -5.48
N TYR A 54 10.37 -11.96 -4.66
CA TYR A 54 10.14 -12.03 -3.22
C TYR A 54 8.66 -12.11 -2.89
N TYR A 55 7.81 -11.41 -3.65
CA TYR A 55 6.38 -11.41 -3.43
C TYR A 55 5.85 -12.84 -3.52
N GLU A 56 6.15 -13.55 -4.60
CA GLU A 56 5.75 -14.95 -4.82
C GLU A 56 6.19 -15.86 -3.67
N ALA A 57 7.21 -15.47 -2.92
CA ALA A 57 7.69 -16.23 -1.80
C ALA A 57 6.81 -16.12 -0.54
N ASN A 58 6.17 -14.98 -0.30
CA ASN A 58 5.51 -14.70 0.99
C ASN A 58 4.38 -13.69 0.87
N TYR A 59 3.70 -13.65 -0.26
CA TYR A 59 2.60 -12.76 -0.57
C TYR A 59 1.45 -12.82 0.43
N TRP A 60 1.23 -13.96 1.06
CA TRP A 60 0.21 -14.16 2.08
C TRP A 60 0.38 -13.17 3.25
N GLN A 61 1.58 -12.63 3.43
CA GLN A 61 1.90 -11.68 4.48
C GLN A 61 1.56 -10.23 4.12
N PHE A 62 1.04 -9.94 2.93
CA PHE A 62 0.92 -8.58 2.41
C PHE A 62 -0.54 -8.14 2.31
N PRO A 63 -0.82 -6.83 2.32
CA PRO A 63 -2.16 -6.28 2.16
C PRO A 63 -2.71 -6.56 0.76
N ASP A 64 -3.93 -6.11 0.51
CA ASP A 64 -4.65 -6.34 -0.74
C ASP A 64 -5.32 -5.03 -1.19
N GLY A 65 -5.97 -4.38 -0.23
CA GLY A 65 -6.36 -2.99 -0.29
C GLY A 65 -6.20 -2.36 1.08
N ILE A 66 -6.59 -1.09 1.18
CA ILE A 66 -6.53 -0.27 2.38
C ILE A 66 -7.93 0.33 2.60
N HIS A 67 -8.28 0.54 3.86
CA HIS A 67 -9.52 1.16 4.32
C HIS A 67 -9.43 2.70 4.31
N TYR A 68 -8.55 3.30 3.52
CA TYR A 68 -8.37 4.75 3.46
C TYR A 68 -9.07 5.25 2.19
N ASN A 69 -9.18 6.55 2.00
CA ASN A 69 -9.70 7.14 0.79
C ASN A 69 -9.35 8.63 0.72
N GLY A 70 -9.44 9.20 -0.48
CA GLY A 70 -9.14 10.59 -0.76
C GLY A 70 -10.39 11.21 -1.33
N CYS A 71 -10.46 11.28 -2.66
CA CYS A 71 -11.64 11.72 -3.40
C CYS A 71 -12.10 13.15 -3.02
N SER A 72 -11.22 14.00 -2.51
CA SER A 72 -11.63 15.26 -1.87
C SER A 72 -10.77 16.47 -2.27
N GLU A 73 -9.98 16.34 -3.33
CA GLU A 73 -9.54 17.44 -4.19
C GLU A 73 -9.77 16.99 -5.63
N ALA A 74 -9.50 17.86 -6.59
CA ALA A 74 -9.49 17.55 -8.00
C ALA A 74 -8.11 17.81 -8.60
N ASN A 75 -7.16 18.30 -7.79
CA ASN A 75 -5.77 18.57 -8.14
C ASN A 75 -4.91 18.04 -7.00
N VAL A 76 -4.65 16.73 -6.97
CA VAL A 76 -3.79 16.09 -5.98
C VAL A 76 -2.90 15.09 -6.67
N THR A 77 -1.82 14.69 -6.01
CA THR A 77 -0.89 13.70 -6.53
C THR A 77 -0.89 12.51 -5.57
N LYS A 78 -0.35 11.36 -5.98
CA LYS A 78 -0.16 10.26 -5.04
C LYS A 78 0.75 10.70 -3.90
N GLU A 79 1.71 11.58 -4.17
CA GLU A 79 2.65 12.03 -3.16
C GLU A 79 2.05 13.05 -2.19
N ALA A 80 0.81 13.47 -2.44
CA ALA A 80 0.00 14.28 -1.57
C ALA A 80 -1.01 13.35 -0.87
N PHE A 81 -1.89 12.72 -1.65
CA PHE A 81 -2.98 11.90 -1.15
C PHE A 81 -2.46 10.61 -0.49
N VAL A 82 -1.79 9.74 -1.26
CA VAL A 82 -1.36 8.43 -0.79
C VAL A 82 -0.33 8.59 0.32
N THR A 83 0.51 9.62 0.27
CA THR A 83 1.32 10.04 1.41
C THR A 83 0.52 10.08 2.72
N GLY A 84 -0.65 10.72 2.73
CA GLY A 84 -1.50 10.76 3.92
C GLY A 84 -1.93 9.35 4.33
N CYS A 85 -2.34 8.53 3.36
CA CYS A 85 -2.69 7.12 3.56
C CYS A 85 -1.53 6.37 4.21
N ILE A 86 -0.30 6.65 3.78
CA ILE A 86 0.91 5.97 4.23
C ILE A 86 1.34 6.46 5.61
N ASN A 87 1.17 7.74 5.89
CA ASN A 87 1.37 8.31 7.23
C ASN A 87 0.34 7.79 8.22
N ALA A 88 -0.71 7.13 7.74
CA ALA A 88 -1.80 6.59 8.53
C ALA A 88 -1.64 5.07 8.68
N THR A 89 -1.29 4.36 7.60
CA THR A 89 -0.98 2.94 7.64
C THR A 89 0.31 2.67 8.42
N GLN A 90 1.33 3.55 8.35
CA GLN A 90 2.55 3.30 9.12
C GLN A 90 2.27 3.19 10.62
N ALA A 91 1.25 3.89 11.11
CA ALA A 91 0.80 3.78 12.50
C ALA A 91 -0.24 2.68 12.68
N ALA A 92 -0.83 2.14 11.61
CA ALA A 92 -1.60 0.90 11.66
C ALA A 92 -0.67 -0.28 11.90
N ASN A 93 0.57 -0.26 11.37
CA ASN A 93 1.42 -1.46 11.29
C ASN A 93 2.90 -1.17 11.63
N GLN A 94 3.20 -0.50 12.75
CA GLN A 94 4.60 -0.29 13.14
C GLN A 94 5.34 -1.62 13.29
N GLY A 95 4.72 -2.60 13.94
CA GLY A 95 5.29 -3.94 14.17
C GLY A 95 5.43 -4.79 12.91
N GLU A 96 5.31 -4.21 11.73
CA GLU A 96 5.32 -4.88 10.45
C GLU A 96 6.31 -4.22 9.53
N PHE A 97 6.23 -2.89 9.41
CA PHE A 97 7.15 -2.16 8.55
C PHE A 97 8.58 -2.05 9.10
N GLN A 98 8.89 -2.68 10.23
CA GLN A 98 10.14 -2.53 10.98
C GLN A 98 10.72 -3.89 11.43
N LYS A 99 10.43 -4.96 10.69
CA LYS A 99 10.92 -6.30 11.00
C LYS A 99 12.45 -6.38 10.88
N PRO A 100 13.09 -7.42 11.43
CA PRO A 100 14.55 -7.53 11.41
C PRO A 100 15.14 -7.95 10.06
N ASP A 101 14.31 -8.23 9.05
CA ASP A 101 14.73 -8.38 7.66
C ASP A 101 13.79 -7.50 6.85
N ASN A 102 14.12 -6.21 6.82
CA ASN A 102 13.27 -5.13 6.31
C ASN A 102 13.70 -4.75 4.89
N LYS A 103 13.95 -5.76 4.04
CA LYS A 103 14.67 -5.56 2.79
C LYS A 103 13.69 -5.50 1.62
N LEU A 104 13.50 -6.60 0.89
CA LEU A 104 12.63 -6.55 -0.27
C LEU A 104 11.22 -6.48 0.23
N HIS A 105 10.89 -7.20 1.31
CA HIS A 105 9.54 -7.23 1.82
C HIS A 105 9.06 -5.81 2.13
N GLN A 106 9.94 -4.96 2.68
CA GLN A 106 9.72 -3.54 2.89
C GLN A 106 9.50 -2.78 1.58
N GLN A 107 10.46 -2.86 0.65
CA GLN A 107 10.36 -2.13 -0.61
C GLN A 107 9.11 -2.53 -1.40
N VAL A 108 8.80 -3.83 -1.46
CA VAL A 108 7.56 -4.37 -2.00
C VAL A 108 6.40 -3.70 -1.26
N LEU A 109 6.37 -3.80 0.08
CA LEU A 109 5.24 -3.33 0.88
C LEU A 109 4.91 -1.89 0.51
N TRP A 110 5.93 -1.05 0.38
CA TRP A 110 5.79 0.34 0.02
C TRP A 110 5.20 0.51 -1.37
N ARG A 111 5.80 -0.04 -2.42
CA ARG A 111 5.24 0.09 -3.77
C ARG A 111 3.80 -0.47 -3.82
N LEU A 112 3.55 -1.54 -3.07
CA LEU A 112 2.26 -2.19 -3.00
C LEU A 112 1.29 -1.16 -2.44
N VAL A 113 1.48 -0.68 -1.20
CA VAL A 113 0.56 0.25 -0.55
C VAL A 113 0.44 1.60 -1.27
N GLN A 114 1.48 2.04 -1.98
CA GLN A 114 1.40 3.18 -2.90
C GLN A 114 0.33 2.98 -3.98
N GLU A 115 0.24 1.79 -4.58
CA GLU A 115 -0.87 1.47 -5.48
C GLU A 115 -2.15 1.19 -4.69
N LEU A 116 -2.10 0.57 -3.50
CA LEU A 116 -3.33 0.14 -2.82
C LEU A 116 -4.22 1.30 -2.44
N CYS A 117 -3.65 2.41 -1.94
CA CYS A 117 -4.46 3.57 -1.62
C CYS A 117 -5.01 4.20 -2.91
N SER A 118 -4.21 4.16 -3.98
CA SER A 118 -4.55 4.58 -5.34
C SER A 118 -5.69 3.75 -5.96
N LEU A 119 -5.37 2.64 -6.67
CA LEU A 119 -6.14 1.58 -7.34
C LEU A 119 -7.58 1.92 -7.82
N LYS A 120 -7.76 3.17 -8.19
CA LYS A 120 -9.01 3.84 -8.55
C LYS A 120 -8.63 5.28 -8.90
N HIS A 121 -7.85 5.93 -8.02
CA HIS A 121 -7.66 7.39 -7.96
C HIS A 121 -9.02 8.07 -7.74
N CYS A 122 -9.11 9.40 -7.75
CA CYS A 122 -10.40 10.07 -7.92
C CYS A 122 -10.32 11.40 -8.68
N GLU A 123 -9.12 11.92 -8.95
CA GLU A 123 -8.92 13.33 -9.25
C GLU A 123 -8.56 13.51 -10.73
N PHE A 124 -7.27 13.48 -11.10
CA PHE A 124 -6.84 13.62 -12.51
C PHE A 124 -5.88 12.52 -12.97
N TRP A 125 -5.18 11.87 -12.05
CA TRP A 125 -4.10 10.93 -12.29
C TRP A 125 -4.61 9.49 -12.50
N LEU A 126 -5.69 9.34 -13.27
CA LEU A 126 -6.29 8.04 -13.56
C LEU A 126 -5.36 7.15 -14.39
N GLU A 127 -5.69 5.85 -14.44
CA GLU A 127 -5.20 4.91 -15.41
C GLU A 127 -5.62 5.37 -16.81
N ALA A 29 -12.00 -3.20 13.54
CA ALA A 29 -10.64 -2.68 13.70
C ALA A 29 -9.93 -2.34 12.38
N GLU A 30 -10.27 -3.02 11.29
CA GLU A 30 -9.82 -2.74 9.94
C GLU A 30 -10.54 -1.56 9.28
N ASN A 31 -11.51 -0.98 9.96
CA ASN A 31 -12.03 0.34 9.61
C ASN A 31 -10.99 1.45 9.77
N ARG A 32 -9.85 1.19 10.43
CA ARG A 32 -8.88 2.24 10.69
C ARG A 32 -8.46 2.88 9.36
N PRO A 33 -8.17 4.18 9.37
CA PRO A 33 -7.78 4.91 8.19
C PRO A 33 -6.42 4.36 7.77
N GLY A 34 -6.42 3.62 6.67
CA GLY A 34 -5.36 2.69 6.35
C GLY A 34 -5.87 1.28 6.61
N ALA A 35 -5.76 0.84 7.87
CA ALA A 35 -5.79 -0.58 8.25
C ALA A 35 -4.89 -1.39 7.29
N PHE A 36 -5.10 -2.70 7.10
CA PHE A 36 -4.56 -3.56 6.03
C PHE A 36 -5.64 -4.64 5.78
N ILE A 37 -6.00 -4.97 4.53
CA ILE A 37 -7.02 -5.99 4.19
C ILE A 37 -6.51 -7.43 4.34
N LYS A 38 -5.24 -7.66 3.97
CA LYS A 38 -4.45 -8.90 4.08
C LYS A 38 -5.26 -10.21 4.09
N GLN A 39 -5.57 -10.73 2.90
CA GLN A 39 -6.32 -11.97 2.69
C GLN A 39 -5.40 -13.12 2.24
N GLY A 40 -4.10 -12.91 2.18
CA GLY A 40 -3.11 -13.94 1.92
C GLY A 40 -2.99 -14.31 0.44
N ARG A 41 -3.42 -13.44 -0.49
CA ARG A 41 -3.39 -13.73 -1.93
C ARG A 41 -2.10 -13.22 -2.58
N LYS A 42 -1.78 -13.70 -3.79
CA LYS A 42 -0.65 -13.23 -4.59
C LYS A 42 -1.20 -12.36 -5.70
N LEU A 43 -1.15 -11.05 -5.52
CA LEU A 43 -1.67 -10.10 -6.48
C LEU A 43 -0.84 -10.05 -7.75
N ASP A 44 -1.39 -9.37 -8.76
CA ASP A 44 -0.84 -9.15 -10.07
C ASP A 44 -0.39 -7.69 -10.16
N ILE A 45 0.74 -7.39 -9.53
CA ILE A 45 1.34 -6.07 -9.41
C ILE A 45 2.82 -6.22 -9.75
N ASP A 46 3.36 -5.37 -10.63
CA ASP A 46 4.70 -5.47 -11.23
C ASP A 46 5.74 -4.76 -10.36
N PHE A 47 6.50 -5.55 -9.58
CA PHE A 47 7.40 -5.00 -8.57
C PHE A 47 8.80 -4.69 -9.07
N GLY A 48 9.31 -5.32 -10.13
CA GLY A 48 10.67 -5.18 -10.59
C GLY A 48 11.29 -6.57 -10.67
N ALA A 49 12.50 -6.73 -10.14
CA ALA A 49 13.19 -8.01 -10.05
C ALA A 49 13.21 -8.49 -8.60
N GLU A 50 14.05 -7.90 -7.73
CA GLU A 50 14.22 -8.38 -6.35
C GLU A 50 12.86 -8.52 -5.67
N GLY A 51 12.07 -7.45 -5.70
CA GLY A 51 10.82 -7.38 -4.97
C GLY A 51 9.75 -8.28 -5.54
N ASN A 52 9.74 -8.50 -6.86
CA ASN A 52 8.81 -9.44 -7.48
C ASN A 52 9.16 -10.87 -7.03
N ARG A 53 10.44 -11.25 -7.13
CA ARG A 53 10.91 -12.54 -6.64
C ARG A 53 10.61 -12.73 -5.15
N TYR A 54 10.74 -11.68 -4.35
CA TYR A 54 10.36 -11.68 -2.95
C TYR A 54 8.86 -11.86 -2.78
N TYR A 55 8.03 -11.08 -3.49
CA TYR A 55 6.57 -11.19 -3.40
C TYR A 55 6.18 -12.62 -3.69
N GLU A 56 6.60 -13.18 -4.84
CA GLU A 56 6.45 -14.58 -5.24
C GLU A 56 6.75 -15.55 -4.11
N ALA A 57 7.73 -15.23 -3.26
CA ALA A 57 8.14 -16.10 -2.18
C ALA A 57 7.21 -16.07 -0.95
N ASN A 58 6.66 -14.91 -0.61
CA ASN A 58 6.06 -14.68 0.72
C ASN A 58 4.82 -13.78 0.69
N TYR A 59 4.22 -13.57 -0.49
CA TYR A 59 3.14 -12.64 -0.81
C TYR A 59 1.98 -12.65 0.19
N TRP A 60 1.71 -13.76 0.88
CA TRP A 60 0.62 -13.83 1.85
C TRP A 60 0.89 -12.95 3.07
N GLN A 61 2.11 -12.46 3.24
CA GLN A 61 2.56 -11.62 4.34
C GLN A 61 2.23 -10.14 4.06
N PHE A 62 1.36 -9.81 3.11
CA PHE A 62 1.09 -8.44 2.65
C PHE A 62 -0.42 -8.14 2.75
N PRO A 63 -0.84 -6.86 2.68
CA PRO A 63 -2.24 -6.47 2.51
C PRO A 63 -2.72 -6.73 1.08
N ASP A 64 -4.03 -6.60 0.85
CA ASP A 64 -4.62 -6.67 -0.50
C ASP A 64 -5.62 -5.53 -0.75
N GLY A 65 -5.66 -4.50 0.10
CA GLY A 65 -6.57 -3.36 0.00
C GLY A 65 -6.46 -2.41 1.20
N ILE A 66 -6.71 -1.11 1.01
CA ILE A 66 -6.67 -0.08 2.03
C ILE A 66 -8.08 0.51 2.23
N HIS A 67 -8.33 1.10 3.42
CA HIS A 67 -9.61 1.64 3.86
C HIS A 67 -9.45 3.15 4.06
N TYR A 68 -9.28 3.88 2.96
CA TYR A 68 -8.97 5.31 2.98
C TYR A 68 -9.33 5.88 1.61
N ASN A 69 -10.58 6.31 1.43
CA ASN A 69 -10.97 7.04 0.22
C ASN A 69 -10.60 8.50 0.44
N GLY A 70 -9.33 8.82 0.22
CA GLY A 70 -8.88 10.19 0.11
C GLY A 70 -9.21 10.60 -1.32
N CYS A 71 -10.40 11.15 -1.53
CA CYS A 71 -10.74 11.72 -2.83
C CYS A 71 -11.28 13.14 -2.74
N SER A 72 -11.54 13.64 -1.55
CA SER A 72 -12.24 14.89 -1.35
C SER A 72 -11.32 16.13 -1.48
N GLU A 73 -10.00 15.93 -1.50
CA GLU A 73 -9.04 16.98 -1.84
C GLU A 73 -9.21 17.43 -3.29
N ALA A 74 -8.51 18.50 -3.63
CA ALA A 74 -8.54 19.16 -4.94
C ALA A 74 -7.13 19.49 -5.45
N ASN A 75 -6.07 19.06 -4.77
CA ASN A 75 -4.69 19.35 -5.20
C ASN A 75 -3.77 18.21 -4.76
N VAL A 76 -3.89 17.04 -5.37
CA VAL A 76 -3.13 15.86 -5.00
C VAL A 76 -2.66 15.08 -6.22
N THR A 77 -1.78 14.09 -5.99
CA THR A 77 -1.15 13.25 -6.99
C THR A 77 -0.90 11.85 -6.37
N LYS A 78 -0.36 10.90 -7.15
CA LYS A 78 0.12 9.62 -6.61
C LYS A 78 1.38 9.77 -5.75
N GLU A 79 1.96 10.96 -5.68
CA GLU A 79 2.78 11.31 -4.55
C GLU A 79 1.82 11.71 -3.42
N ALA A 80 1.24 12.91 -3.50
CA ALA A 80 0.69 13.62 -2.36
C ALA A 80 -0.38 12.82 -1.61
N PHE A 81 -1.45 12.45 -2.31
CA PHE A 81 -2.59 11.78 -1.70
C PHE A 81 -2.15 10.42 -1.15
N VAL A 82 -1.48 9.62 -1.96
CA VAL A 82 -1.07 8.27 -1.58
C VAL A 82 -0.12 8.34 -0.36
N THR A 83 0.77 9.31 -0.31
CA THR A 83 1.63 9.58 0.83
C THR A 83 0.81 9.91 2.07
N GLY A 84 -0.25 10.72 1.96
CA GLY A 84 -1.18 10.97 3.04
C GLY A 84 -1.89 9.70 3.49
N CYS A 85 -2.15 8.77 2.56
CA CYS A 85 -2.73 7.48 2.91
C CYS A 85 -1.73 6.71 3.77
N ILE A 86 -0.47 6.71 3.33
CA ILE A 86 0.63 6.01 3.96
C ILE A 86 0.88 6.56 5.35
N ASN A 87 0.78 7.88 5.55
CA ASN A 87 0.87 8.47 6.88
C ASN A 87 -0.19 7.85 7.81
N ALA A 88 -1.36 7.50 7.28
CA ALA A 88 -2.39 6.85 8.06
C ALA A 88 -2.05 5.37 8.27
N THR A 89 -1.72 4.63 7.20
CA THR A 89 -1.50 3.17 7.30
C THR A 89 -0.24 2.84 8.11
N GLN A 90 0.82 3.67 8.07
CA GLN A 90 2.03 3.41 8.85
C GLN A 90 1.67 3.28 10.33
N ALA A 91 0.81 4.17 10.83
CA ALA A 91 0.31 4.13 12.19
C ALA A 91 -0.81 3.09 12.35
N ALA A 92 -1.47 2.66 11.27
CA ALA A 92 -2.46 1.58 11.36
C ALA A 92 -1.76 0.26 11.71
N ASN A 93 -0.53 0.05 11.22
CA ASN A 93 0.16 -1.22 11.28
C ASN A 93 1.63 -0.99 11.64
N GLN A 94 1.91 -0.35 12.78
CA GLN A 94 3.28 -0.08 13.21
C GLN A 94 4.09 -1.37 13.32
N GLY A 95 3.49 -2.41 13.90
CA GLY A 95 4.12 -3.72 14.02
C GLY A 95 4.25 -4.46 12.69
N GLU A 96 3.80 -3.90 11.57
CA GLU A 96 4.14 -4.34 10.23
C GLU A 96 5.42 -3.64 9.79
N PHE A 97 5.36 -2.31 9.57
CA PHE A 97 6.42 -1.46 9.03
C PHE A 97 7.67 -1.32 9.91
N GLN A 98 7.84 -2.25 10.87
CA GLN A 98 9.00 -2.47 11.68
C GLN A 98 9.25 -3.99 11.76
N LYS A 99 9.68 -4.67 10.69
CA LYS A 99 10.28 -6.02 10.83
C LYS A 99 11.79 -5.92 10.97
N PRO A 100 12.45 -6.97 11.50
CA PRO A 100 13.89 -7.07 11.47
C PRO A 100 14.43 -7.22 10.04
N ASP A 101 13.59 -7.64 9.09
CA ASP A 101 13.98 -7.80 7.69
C ASP A 101 14.19 -6.45 7.05
N ASN A 102 13.14 -5.60 7.03
CA ASN A 102 13.03 -4.32 6.33
C ASN A 102 13.90 -4.26 5.08
N LYS A 103 13.74 -5.24 4.19
CA LYS A 103 14.46 -5.28 2.93
C LYS A 103 13.47 -5.27 1.80
N LEU A 104 13.19 -6.41 1.18
CA LEU A 104 12.30 -6.44 0.04
C LEU A 104 10.88 -6.48 0.52
N HIS A 105 10.59 -7.13 1.65
CA HIS A 105 9.29 -7.09 2.28
C HIS A 105 8.77 -5.64 2.35
N GLN A 106 9.56 -4.72 2.92
CA GLN A 106 9.10 -3.36 3.13
C GLN A 106 9.10 -2.56 1.84
N GLN A 107 10.13 -2.72 1.00
CA GLN A 107 10.19 -2.13 -0.32
C GLN A 107 9.00 -2.51 -1.22
N VAL A 108 8.65 -3.79 -1.28
CA VAL A 108 7.49 -4.32 -1.98
C VAL A 108 6.25 -3.71 -1.35
N LEU A 109 6.10 -3.80 -0.02
CA LEU A 109 4.93 -3.29 0.68
C LEU A 109 4.72 -1.82 0.38
N TRP A 110 5.81 -1.04 0.19
CA TRP A 110 5.72 0.35 -0.20
C TRP A 110 5.02 0.51 -1.55
N ARG A 111 5.51 -0.16 -2.61
CA ARG A 111 4.90 -0.15 -3.93
C ARG A 111 3.44 -0.63 -3.85
N LEU A 112 3.23 -1.72 -3.12
CA LEU A 112 1.97 -2.41 -2.98
C LEU A 112 0.95 -1.45 -2.36
N VAL A 113 1.19 -0.94 -1.15
CA VAL A 113 0.26 -0.05 -0.47
C VAL A 113 0.11 1.29 -1.20
N GLN A 114 1.15 1.78 -1.90
CA GLN A 114 1.00 2.93 -2.77
C GLN A 114 -0.11 2.64 -3.80
N GLU A 115 -0.10 1.45 -4.39
CA GLU A 115 -1.10 1.09 -5.39
C GLU A 115 -2.46 0.83 -4.76
N LEU A 116 -2.54 0.25 -3.57
CA LEU A 116 -3.81 -0.03 -2.92
C LEU A 116 -4.57 1.25 -2.58
N CYS A 117 -3.89 2.36 -2.27
CA CYS A 117 -4.62 3.61 -2.11
C CYS A 117 -5.05 4.18 -3.46
N SER A 118 -4.11 4.23 -4.41
CA SER A 118 -4.28 4.67 -5.80
C SER A 118 -5.48 4.00 -6.48
N LEU A 119 -5.39 2.70 -6.71
CA LEU A 119 -6.10 1.90 -7.70
C LEU A 119 -6.15 2.52 -9.09
N LYS A 120 -6.88 3.60 -9.27
CA LYS A 120 -6.89 4.44 -10.47
C LYS A 120 -6.76 5.86 -9.97
N HIS A 121 -5.55 6.41 -9.91
CA HIS A 121 -5.23 7.77 -9.42
C HIS A 121 -6.06 8.11 -8.18
N CYS A 122 -7.16 8.84 -8.36
CA CYS A 122 -8.36 8.77 -7.54
C CYS A 122 -9.48 9.32 -8.45
N GLU A 123 -9.53 10.64 -8.66
CA GLU A 123 -10.55 11.34 -9.45
C GLU A 123 -9.91 12.61 -10.04
N PHE A 124 -10.45 13.81 -9.78
CA PHE A 124 -10.00 15.17 -10.18
C PHE A 124 -8.72 15.24 -11.02
N TRP A 125 -7.58 14.82 -10.45
CA TRP A 125 -6.23 14.78 -10.99
C TRP A 125 -6.10 13.58 -11.93
N LEU A 126 -7.01 13.55 -12.90
CA LEU A 126 -7.44 12.40 -13.65
C LEU A 126 -6.38 12.03 -14.66
N GLU A 127 -5.91 10.78 -14.64
CA GLU A 127 -5.02 10.25 -15.65
C GLU A 127 -5.81 10.07 -16.95
N ALA A 29 -10.49 -1.97 14.31
CA ALA A 29 -9.25 -1.29 14.02
C ALA A 29 -8.99 -1.24 12.51
N GLU A 30 -9.70 -2.09 11.75
CA GLU A 30 -9.61 -2.12 10.30
C GLU A 30 -10.29 -0.88 9.70
N ASN A 31 -11.21 -0.24 10.44
CA ASN A 31 -11.97 0.94 10.04
C ASN A 31 -11.13 2.19 9.81
N ARG A 32 -9.84 2.11 10.12
CA ARG A 32 -8.94 3.25 10.23
C ARG A 32 -8.57 3.80 8.88
N PRO A 33 -8.26 5.10 8.81
CA PRO A 33 -7.60 5.65 7.65
C PRO A 33 -6.25 4.95 7.57
N GLY A 34 -5.94 4.31 6.46
CA GLY A 34 -4.67 3.63 6.28
C GLY A 34 -4.66 2.18 6.75
N ALA A 35 -5.70 1.65 7.39
CA ALA A 35 -5.69 0.25 7.82
C ALA A 35 -5.57 -0.72 6.63
N PHE A 36 -5.04 -1.91 6.89
CA PHE A 36 -4.59 -2.88 5.89
C PHE A 36 -5.72 -3.91 5.64
N ILE A 37 -6.29 -3.98 4.43
CA ILE A 37 -7.33 -4.99 4.11
C ILE A 37 -6.78 -6.42 4.22
N LYS A 38 -5.53 -6.67 3.79
CA LYS A 38 -4.75 -7.86 4.11
C LYS A 38 -5.49 -9.21 3.91
N GLN A 39 -6.17 -9.38 2.77
CA GLN A 39 -6.98 -10.55 2.46
C GLN A 39 -6.19 -11.85 2.33
N GLY A 40 -4.86 -11.82 2.32
CA GLY A 40 -4.04 -13.03 2.15
C GLY A 40 -3.90 -13.41 0.68
N ARG A 41 -4.28 -12.54 -0.25
CA ARG A 41 -4.27 -12.80 -1.69
C ARG A 41 -2.93 -12.46 -2.32
N LYS A 42 -2.73 -12.91 -3.57
CA LYS A 42 -1.67 -12.48 -4.46
C LYS A 42 -2.32 -11.58 -5.50
N LEU A 43 -2.02 -10.28 -5.51
CA LEU A 43 -2.31 -9.45 -6.67
C LEU A 43 -1.20 -9.65 -7.70
N ASP A 44 -1.22 -8.79 -8.70
CA ASP A 44 -0.24 -8.65 -9.76
C ASP A 44 0.08 -7.16 -9.83
N ILE A 45 1.19 -6.78 -9.21
CA ILE A 45 1.70 -5.42 -9.11
C ILE A 45 3.16 -5.48 -9.58
N ASP A 46 3.53 -4.72 -10.60
CA ASP A 46 4.87 -4.78 -11.19
C ASP A 46 5.84 -3.98 -10.32
N PHE A 47 6.62 -4.65 -9.47
CA PHE A 47 7.53 -4.03 -8.53
C PHE A 47 8.85 -3.60 -9.15
N GLY A 48 9.30 -4.29 -10.20
CA GLY A 48 10.69 -4.27 -10.61
C GLY A 48 11.09 -5.67 -11.04
N ALA A 49 12.03 -6.31 -10.35
CA ALA A 49 12.34 -7.73 -10.52
C ALA A 49 12.15 -8.46 -9.19
N GLU A 50 13.05 -8.20 -8.22
CA GLU A 50 13.03 -8.89 -6.92
C GLU A 50 11.69 -8.75 -6.25
N GLY A 51 11.05 -7.58 -6.35
CA GLY A 51 9.87 -7.30 -5.58
C GLY A 51 8.74 -8.26 -5.98
N ASN A 52 8.63 -8.58 -7.28
CA ASN A 52 7.66 -9.55 -7.79
C ASN A 52 7.97 -10.89 -7.16
N ARG A 53 9.23 -11.34 -7.31
CA ARG A 53 9.72 -12.62 -6.79
C ARG A 53 9.48 -12.78 -5.29
N TYR A 54 9.82 -11.77 -4.49
CA TYR A 54 9.60 -11.77 -3.05
C TYR A 54 8.11 -11.72 -2.72
N TYR A 55 7.27 -11.03 -3.51
CA TYR A 55 5.82 -11.04 -3.28
C TYR A 55 5.31 -12.46 -3.52
N GLU A 56 5.57 -13.04 -4.69
CA GLU A 56 5.28 -14.42 -5.08
C GLU A 56 5.62 -15.44 -4.00
N ALA A 57 6.67 -15.17 -3.23
CA ALA A 57 7.13 -16.07 -2.19
C ALA A 57 6.27 -16.13 -0.93
N ASN A 58 5.46 -15.10 -0.63
CA ASN A 58 4.85 -14.89 0.68
C ASN A 58 3.85 -13.73 0.62
N TYR A 59 3.07 -13.68 -0.45
CA TYR A 59 2.19 -12.57 -0.81
C TYR A 59 1.06 -12.37 0.21
N TRP A 60 0.59 -13.47 0.79
CA TRP A 60 -0.47 -13.49 1.79
C TRP A 60 -0.11 -12.69 3.05
N GLN A 61 1.16 -12.36 3.23
CA GLN A 61 1.66 -11.67 4.39
C GLN A 61 1.53 -10.14 4.29
N PHE A 62 0.88 -9.61 3.24
CA PHE A 62 0.84 -8.19 2.84
C PHE A 62 -0.60 -7.69 2.69
N PRO A 63 -0.84 -6.36 2.59
CA PRO A 63 -2.17 -5.80 2.35
C PRO A 63 -2.73 -6.12 0.96
N ASP A 64 -3.92 -5.57 0.68
CA ASP A 64 -4.66 -5.72 -0.58
C ASP A 64 -5.18 -4.36 -1.04
N GLY A 65 -5.91 -3.66 -0.18
CA GLY A 65 -6.33 -2.28 -0.38
C GLY A 65 -6.31 -1.56 0.97
N ILE A 66 -6.69 -0.28 0.96
CA ILE A 66 -6.60 0.61 2.11
C ILE A 66 -7.92 1.35 2.33
N HIS A 67 -8.44 1.27 3.56
CA HIS A 67 -9.68 1.84 4.09
C HIS A 67 -9.65 3.38 4.22
N TYR A 68 -8.83 4.08 3.44
CA TYR A 68 -8.58 5.52 3.54
C TYR A 68 -9.68 6.37 2.86
N ASN A 69 -10.73 5.73 2.35
CA ASN A 69 -11.77 6.24 1.46
C ASN A 69 -11.26 6.29 0.02
N GLY A 70 -12.15 6.17 -0.96
CA GLY A 70 -11.75 6.05 -2.36
C GLY A 70 -11.10 7.31 -2.91
N CYS A 71 -11.42 8.50 -2.38
CA CYS A 71 -10.78 9.74 -2.73
C CYS A 71 -11.04 10.74 -1.60
N SER A 72 -10.28 11.81 -1.63
CA SER A 72 -10.18 12.84 -0.59
C SER A 72 -10.35 14.21 -1.24
N GLU A 73 -9.57 14.50 -2.27
CA GLU A 73 -9.61 15.69 -3.10
C GLU A 73 -9.33 15.33 -4.56
N ALA A 74 -9.69 16.24 -5.47
CA ALA A 74 -9.68 16.05 -6.90
C ALA A 74 -8.72 17.03 -7.57
N ASN A 75 -7.71 17.49 -6.82
CA ASN A 75 -6.69 18.46 -7.23
C ASN A 75 -5.29 18.11 -6.69
N VAL A 76 -5.07 16.87 -6.25
CA VAL A 76 -3.89 16.44 -5.50
C VAL A 76 -2.91 15.69 -6.39
N THR A 77 -1.80 15.23 -5.82
CA THR A 77 -0.73 14.57 -6.55
C THR A 77 -0.44 13.19 -5.94
N LYS A 78 0.29 12.37 -6.71
CA LYS A 78 0.91 11.13 -6.24
C LYS A 78 1.99 11.35 -5.18
N GLU A 79 2.29 12.59 -4.78
CA GLU A 79 3.17 12.86 -3.65
C GLU A 79 2.47 13.56 -2.48
N ALA A 80 1.17 13.85 -2.61
CA ALA A 80 0.35 14.43 -1.56
C ALA A 80 -0.61 13.37 -1.00
N PHE A 81 -1.45 12.80 -1.85
CA PHE A 81 -2.60 12.00 -1.44
C PHE A 81 -2.23 10.57 -1.03
N VAL A 82 -1.33 9.89 -1.76
CA VAL A 82 -0.85 8.57 -1.37
C VAL A 82 -0.04 8.71 -0.06
N THR A 83 0.62 9.84 0.14
CA THR A 83 1.41 10.17 1.30
C THR A 83 0.51 10.32 2.53
N GLY A 84 -0.64 10.98 2.42
CA GLY A 84 -1.58 11.05 3.54
C GLY A 84 -2.09 9.65 3.92
N CYS A 85 -2.24 8.79 2.90
CA CYS A 85 -2.61 7.38 3.09
C CYS A 85 -1.50 6.68 3.87
N ILE A 86 -0.25 6.90 3.46
CA ILE A 86 0.92 6.28 4.06
C ILE A 86 1.12 6.76 5.47
N ASN A 87 1.05 8.05 5.75
CA ASN A 87 1.15 8.56 7.13
C ASN A 87 0.13 7.88 8.03
N ALA A 88 -1.03 7.53 7.48
CA ALA A 88 -2.09 6.87 8.22
C ALA A 88 -1.76 5.38 8.42
N THR A 89 -1.28 4.67 7.39
CA THR A 89 -0.93 3.26 7.48
C THR A 89 0.34 3.05 8.33
N GLN A 90 1.30 3.95 8.22
CA GLN A 90 2.54 4.01 8.98
C GLN A 90 2.18 3.86 10.46
N ALA A 91 1.21 4.64 10.92
CA ALA A 91 0.73 4.57 12.29
C ALA A 91 -0.21 3.37 12.52
N ALA A 92 -0.87 2.86 11.47
CA ALA A 92 -1.67 1.64 11.58
C ALA A 92 -0.75 0.48 12.01
N ASN A 93 0.49 0.42 11.49
CA ASN A 93 1.38 -0.72 11.58
C ASN A 93 2.80 -0.31 11.98
N GLN A 94 2.96 0.51 13.03
CA GLN A 94 4.26 0.99 13.50
C GLN A 94 5.24 -0.19 13.67
N GLY A 95 4.94 -1.10 14.58
CA GLY A 95 5.67 -2.35 14.78
C GLY A 95 5.31 -3.39 13.72
N GLU A 96 5.15 -3.01 12.46
CA GLU A 96 5.13 -3.96 11.35
C GLU A 96 6.18 -3.60 10.29
N PHE A 97 6.23 -2.34 9.86
CA PHE A 97 7.22 -1.94 8.86
C PHE A 97 8.65 -2.02 9.38
N GLN A 98 8.87 -1.96 10.70
CA GLN A 98 10.14 -2.34 11.32
C GLN A 98 10.05 -3.82 11.65
N LYS A 99 10.39 -4.64 10.67
CA LYS A 99 10.83 -6.02 10.88
C LYS A 99 12.34 -5.99 11.17
N PRO A 100 12.97 -7.15 11.45
CA PRO A 100 14.42 -7.24 11.58
C PRO A 100 15.07 -7.23 10.19
N ASP A 101 14.41 -7.89 9.24
CA ASP A 101 14.75 -8.02 7.82
C ASP A 101 14.87 -6.63 7.16
N ASN A 102 13.74 -6.03 6.83
CA ASN A 102 13.59 -4.80 6.05
C ASN A 102 14.33 -4.82 4.70
N LYS A 103 14.66 -6.00 4.15
CA LYS A 103 15.33 -6.13 2.86
C LYS A 103 14.26 -5.99 1.78
N LEU A 104 13.82 -7.12 1.22
CA LEU A 104 12.92 -7.09 0.09
C LEU A 104 11.51 -6.95 0.61
N HIS A 105 11.17 -7.53 1.76
CA HIS A 105 9.82 -7.37 2.28
C HIS A 105 9.49 -5.89 2.42
N GLN A 106 10.46 -5.02 2.77
CA GLN A 106 10.25 -3.57 2.81
C GLN A 106 10.12 -3.00 1.40
N GLN A 107 11.09 -3.29 0.52
CA GLN A 107 11.06 -2.87 -0.89
C GLN A 107 9.85 -3.42 -1.67
N VAL A 108 9.11 -4.40 -1.13
CA VAL A 108 7.78 -4.78 -1.55
C VAL A 108 6.77 -3.91 -0.79
N LEU A 109 6.68 -3.99 0.55
CA LEU A 109 5.54 -3.52 1.34
C LEU A 109 5.22 -2.08 0.99
N TRP A 110 6.22 -1.19 1.08
CA TRP A 110 6.00 0.22 0.82
C TRP A 110 5.55 0.43 -0.62
N ARG A 111 6.23 -0.19 -1.59
CA ARG A 111 5.81 -0.08 -2.99
C ARG A 111 4.38 -0.58 -3.19
N LEU A 112 3.99 -1.64 -2.48
CA LEU A 112 2.68 -2.26 -2.56
C LEU A 112 1.67 -1.19 -2.13
N VAL A 113 1.71 -0.74 -0.87
CA VAL A 113 0.76 0.24 -0.32
C VAL A 113 0.79 1.57 -1.08
N GLN A 114 1.95 2.00 -1.58
CA GLN A 114 2.06 3.15 -2.47
C GLN A 114 1.16 2.97 -3.69
N GLU A 115 1.09 1.76 -4.28
CA GLU A 115 0.17 1.54 -5.38
C GLU A 115 -1.27 1.33 -4.91
N LEU A 116 -1.49 0.74 -3.73
CA LEU A 116 -2.84 0.45 -3.22
C LEU A 116 -3.70 1.70 -3.14
N CYS A 117 -3.09 2.84 -2.77
CA CYS A 117 -3.78 4.12 -2.75
C CYS A 117 -3.72 4.81 -4.12
N SER A 118 -2.65 4.61 -4.91
CA SER A 118 -2.49 5.16 -6.26
C SER A 118 -3.41 4.54 -7.33
N LEU A 119 -4.16 3.49 -7.00
CA LEU A 119 -4.80 2.52 -7.89
C LEU A 119 -5.53 3.13 -9.09
N LYS A 120 -4.83 3.24 -10.23
CA LYS A 120 -5.16 4.09 -11.39
C LYS A 120 -5.92 5.36 -10.98
N HIS A 121 -5.16 6.22 -10.30
CA HIS A 121 -5.45 7.56 -9.80
C HIS A 121 -6.74 7.69 -9.00
N CYS A 122 -6.97 8.91 -8.51
CA CYS A 122 -8.21 9.31 -7.88
C CYS A 122 -9.12 9.81 -9.00
N GLU A 123 -9.00 11.09 -9.33
CA GLU A 123 -9.72 11.81 -10.37
C GLU A 123 -8.84 12.97 -10.78
N PHE A 124 -9.10 13.57 -11.94
CA PHE A 124 -8.34 14.59 -12.66
C PHE A 124 -6.92 14.13 -13.04
N TRP A 125 -6.08 13.76 -12.07
CA TRP A 125 -4.66 13.47 -12.27
C TRP A 125 -4.43 12.06 -12.83
N LEU A 126 -4.99 11.73 -13.99
CA LEU A 126 -4.70 10.45 -14.61
C LEU A 126 -3.19 10.31 -14.93
N GLU A 127 -2.69 9.09 -14.79
CA GLU A 127 -1.36 8.68 -15.23
C GLU A 127 -1.56 8.04 -16.60
N ALA A 29 -11.35 -2.58 12.57
CA ALA A 29 -10.06 -2.45 11.92
C ALA A 29 -10.07 -1.43 10.78
N GLU A 30 -10.91 -1.62 9.77
CA GLU A 30 -11.07 -0.83 8.54
C GLU A 30 -11.30 0.68 8.79
N ASN A 31 -11.77 1.04 9.99
CA ASN A 31 -12.03 2.42 10.40
C ASN A 31 -10.74 3.24 10.48
N ARG A 32 -9.57 2.60 10.59
CA ARG A 32 -8.30 3.30 10.42
C ARG A 32 -8.20 3.81 8.99
N PRO A 33 -7.76 5.06 8.79
CA PRO A 33 -7.55 5.69 7.50
C PRO A 33 -6.33 5.09 6.76
N GLY A 34 -5.91 3.89 7.11
CA GLY A 34 -4.75 3.20 6.58
C GLY A 34 -4.69 1.76 7.08
N ALA A 35 -5.83 1.17 7.49
CA ALA A 35 -5.85 -0.25 7.81
C ALA A 35 -5.40 -1.05 6.58
N PHE A 36 -4.75 -2.19 6.80
CA PHE A 36 -4.33 -3.12 5.76
C PHE A 36 -5.49 -4.06 5.45
N ILE A 37 -6.09 -3.96 4.26
CA ILE A 37 -7.21 -4.83 3.87
C ILE A 37 -6.78 -6.30 4.00
N LYS A 38 -5.59 -6.65 3.50
CA LYS A 38 -4.94 -7.96 3.67
C LYS A 38 -5.93 -9.12 3.50
N GLN A 39 -6.39 -9.32 2.26
CA GLN A 39 -7.21 -10.47 1.90
C GLN A 39 -6.35 -11.75 1.79
N GLY A 40 -5.02 -11.64 1.75
CA GLY A 40 -4.14 -12.73 1.38
C GLY A 40 -4.34 -13.06 -0.10
N ARG A 41 -3.71 -12.31 -1.00
CA ARG A 41 -3.71 -12.64 -2.43
C ARG A 41 -2.43 -12.20 -3.11
N LYS A 42 -2.09 -12.84 -4.22
CA LYS A 42 -0.87 -12.58 -4.98
C LYS A 42 -1.02 -11.42 -5.96
N LEU A 43 -2.22 -10.86 -6.08
CA LEU A 43 -2.52 -9.62 -6.81
C LEU A 43 -1.98 -9.69 -8.24
N ASP A 44 -1.80 -8.54 -8.86
CA ASP A 44 -1.22 -8.38 -10.20
C ASP A 44 -0.28 -7.17 -10.19
N ILE A 45 0.31 -6.87 -9.01
CA ILE A 45 1.23 -5.76 -8.78
C ILE A 45 2.57 -6.24 -9.33
N ASP A 46 2.89 -5.85 -10.56
CA ASP A 46 4.07 -6.35 -11.23
C ASP A 46 5.30 -5.57 -10.73
N PHE A 47 6.12 -6.19 -9.88
CA PHE A 47 7.30 -5.55 -9.32
C PHE A 47 8.54 -5.68 -10.21
N GLY A 48 8.63 -6.70 -11.09
CA GLY A 48 9.72 -6.86 -12.04
C GLY A 48 10.66 -8.01 -11.70
N ALA A 49 11.61 -7.77 -10.80
CA ALA A 49 12.67 -8.72 -10.44
C ALA A 49 12.60 -9.05 -8.95
N GLU A 50 13.37 -8.37 -8.10
CA GLU A 50 13.58 -8.78 -6.72
C GLU A 50 12.32 -8.66 -5.90
N GLY A 51 11.60 -7.54 -6.03
CA GLY A 51 10.34 -7.35 -5.34
C GLY A 51 9.31 -8.36 -5.82
N ASN A 52 9.35 -8.74 -7.10
CA ASN A 52 8.48 -9.73 -7.72
C ASN A 52 8.73 -11.09 -7.09
N ARG A 53 9.96 -11.61 -7.17
CA ARG A 53 10.30 -12.91 -6.61
C ARG A 53 10.03 -12.96 -5.11
N TYR A 54 10.29 -11.89 -4.37
CA TYR A 54 9.88 -11.80 -2.97
C TYR A 54 8.36 -11.86 -2.81
N TYR A 55 7.58 -11.14 -3.64
CA TYR A 55 6.12 -11.21 -3.59
C TYR A 55 5.66 -12.63 -3.85
N GLU A 56 6.04 -13.24 -4.97
CA GLU A 56 5.79 -14.65 -5.31
C GLU A 56 6.03 -15.56 -4.10
N ALA A 57 7.08 -15.28 -3.32
CA ALA A 57 7.43 -16.08 -2.16
C ALA A 57 6.50 -15.96 -0.96
N ASN A 58 5.95 -14.78 -0.71
CA ASN A 58 5.35 -14.45 0.58
C ASN A 58 4.37 -13.28 0.46
N TYR A 59 3.60 -13.26 -0.62
CA TYR A 59 2.59 -12.26 -1.00
C TYR A 59 1.49 -12.14 0.06
N TRP A 60 1.15 -13.24 0.71
CA TRP A 60 0.11 -13.37 1.73
C TRP A 60 0.30 -12.43 2.94
N GLN A 61 1.48 -11.80 3.05
CA GLN A 61 1.82 -10.90 4.15
C GLN A 61 1.56 -9.43 3.80
N PHE A 62 0.97 -9.13 2.63
CA PHE A 62 0.80 -7.77 2.14
C PHE A 62 -0.69 -7.48 1.90
N PRO A 63 -1.11 -6.20 1.90
CA PRO A 63 -2.52 -5.85 1.78
C PRO A 63 -3.03 -6.07 0.34
N ASP A 64 -4.36 -6.17 0.18
CA ASP A 64 -5.02 -6.17 -1.15
C ASP A 64 -5.17 -4.73 -1.63
N GLY A 65 -5.72 -3.89 -0.76
CA GLY A 65 -6.03 -2.49 -0.94
C GLY A 65 -5.67 -1.77 0.36
N ILE A 66 -5.73 -0.45 0.33
CA ILE A 66 -5.80 0.38 1.51
C ILE A 66 -7.20 0.97 1.50
N HIS A 67 -7.84 0.97 2.67
CA HIS A 67 -9.15 1.56 2.88
C HIS A 67 -9.02 3.07 2.62
N TYR A 68 -8.52 3.83 3.60
CA TYR A 68 -8.37 5.28 3.56
C TYR A 68 -9.64 5.94 2.98
N ASN A 69 -10.79 5.55 3.55
CA ASN A 69 -12.11 6.00 3.13
C ASN A 69 -12.29 5.93 1.60
N GLY A 70 -12.90 6.96 1.01
CA GLY A 70 -12.52 7.47 -0.29
C GLY A 70 -11.73 8.77 -0.12
N CYS A 71 -11.57 9.46 -1.23
CA CYS A 71 -10.75 10.61 -1.46
C CYS A 71 -11.54 11.58 -2.34
N SER A 72 -11.61 12.82 -1.88
CA SER A 72 -12.50 13.83 -2.41
C SER A 72 -11.83 15.20 -2.48
N GLU A 73 -10.50 15.23 -2.39
CA GLU A 73 -9.71 16.30 -2.94
C GLU A 73 -10.01 16.42 -4.45
N ALA A 74 -9.64 17.57 -5.00
CA ALA A 74 -9.79 17.95 -6.40
C ALA A 74 -8.48 18.49 -6.98
N ASN A 75 -7.51 18.82 -6.12
CA ASN A 75 -6.31 19.58 -6.47
C ASN A 75 -5.11 18.91 -5.82
N VAL A 76 -4.90 17.61 -6.08
CA VAL A 76 -3.95 16.78 -5.34
C VAL A 76 -3.05 16.02 -6.31
N THR A 77 -1.96 15.49 -5.80
CA THR A 77 -0.95 14.78 -6.57
C THR A 77 -0.72 13.40 -5.98
N LYS A 78 -0.04 12.54 -6.73
CA LYS A 78 0.49 11.28 -6.23
C LYS A 78 1.62 11.47 -5.22
N GLU A 79 2.02 12.69 -4.86
CA GLU A 79 2.91 12.96 -3.73
C GLU A 79 2.19 13.62 -2.54
N ALA A 80 0.88 13.88 -2.67
CA ALA A 80 0.06 14.40 -1.59
C ALA A 80 -0.96 13.36 -1.09
N PHE A 81 -1.72 12.72 -1.99
CA PHE A 81 -2.81 11.81 -1.63
C PHE A 81 -2.31 10.52 -0.97
N VAL A 82 -1.56 9.71 -1.72
CA VAL A 82 -1.15 8.37 -1.31
C VAL A 82 -0.21 8.43 -0.10
N THR A 83 0.58 9.48 -0.03
CA THR A 83 1.38 9.94 1.09
C THR A 83 0.50 10.12 2.34
N GLY A 84 -0.65 10.79 2.27
CA GLY A 84 -1.56 10.89 3.41
C GLY A 84 -2.02 9.51 3.86
N CYS A 85 -2.27 8.61 2.90
CA CYS A 85 -2.67 7.23 3.19
C CYS A 85 -1.53 6.46 3.87
N ILE A 86 -0.28 6.78 3.54
CA ILE A 86 0.92 6.22 4.18
C ILE A 86 1.08 6.75 5.59
N ASN A 87 0.93 8.05 5.80
CA ASN A 87 1.02 8.62 7.14
C ASN A 87 0.00 7.99 8.06
N ALA A 88 -1.16 7.61 7.52
CA ALA A 88 -2.17 6.90 8.25
C ALA A 88 -1.72 5.45 8.48
N THR A 89 -1.32 4.74 7.43
CA THR A 89 -1.01 3.30 7.52
C THR A 89 0.23 3.03 8.38
N GLN A 90 1.24 3.91 8.41
CA GLN A 90 2.45 3.62 9.17
C GLN A 90 2.15 3.45 10.65
N ALA A 91 1.19 4.24 11.16
CA ALA A 91 0.70 4.11 12.52
C ALA A 91 -0.37 3.01 12.67
N ALA A 92 -0.86 2.41 11.56
CA ALA A 92 -1.70 1.22 11.59
C ALA A 92 -0.86 -0.04 11.86
N ASN A 93 0.40 -0.08 11.41
CA ASN A 93 1.19 -1.32 11.37
C ASN A 93 2.65 -1.05 11.76
N GLN A 94 2.92 -0.28 12.82
CA GLN A 94 4.29 0.09 13.21
C GLN A 94 5.18 -1.14 13.38
N GLY A 95 4.69 -2.18 14.07
CA GLY A 95 5.42 -3.42 14.33
C GLY A 95 5.47 -4.35 13.13
N GLU A 96 5.02 -3.90 11.96
CA GLU A 96 5.13 -4.61 10.69
C GLU A 96 6.09 -3.86 9.78
N PHE A 97 6.10 -2.54 9.82
CA PHE A 97 7.12 -1.77 9.14
C PHE A 97 8.46 -1.77 9.89
N GLN A 98 8.53 -1.16 11.08
CA GLN A 98 9.77 -1.00 11.87
C GLN A 98 10.08 -2.23 12.73
N LYS A 99 9.69 -3.42 12.26
CA LYS A 99 10.23 -4.68 12.75
C LYS A 99 11.73 -4.76 12.40
N PRO A 100 12.50 -5.69 12.98
CA PRO A 100 13.94 -5.81 12.75
C PRO A 100 14.31 -6.79 11.62
N ASP A 101 13.34 -7.42 10.96
CA ASP A 101 13.55 -8.60 10.11
C ASP A 101 12.68 -8.43 8.88
N ASN A 102 13.14 -7.54 7.99
CA ASN A 102 12.30 -6.95 6.94
C ASN A 102 12.98 -6.74 5.58
N LYS A 103 14.21 -7.20 5.34
CA LYS A 103 15.09 -6.86 4.19
C LYS A 103 14.35 -6.31 3.00
N LEU A 104 13.62 -7.19 2.30
CA LEU A 104 12.97 -6.83 1.05
C LEU A 104 11.48 -6.69 1.26
N HIS A 105 10.91 -7.25 2.34
CA HIS A 105 9.49 -7.15 2.59
C HIS A 105 9.11 -5.69 2.84
N GLN A 106 9.92 -4.91 3.57
CA GLN A 106 9.71 -3.46 3.65
C GLN A 106 9.89 -2.77 2.30
N GLN A 107 10.92 -3.18 1.54
CA GLN A 107 11.25 -2.53 0.28
C GLN A 107 10.07 -2.70 -0.72
N VAL A 108 9.51 -3.91 -0.78
CA VAL A 108 8.29 -4.23 -1.51
C VAL A 108 7.14 -3.41 -0.92
N LEU A 109 6.96 -3.43 0.41
CA LEU A 109 5.80 -2.86 1.09
C LEU A 109 5.59 -1.41 0.68
N TRP A 110 6.65 -0.63 0.55
CA TRP A 110 6.53 0.75 0.11
C TRP A 110 5.89 0.86 -1.27
N ARG A 111 6.45 0.22 -2.29
CA ARG A 111 5.90 0.23 -3.64
C ARG A 111 4.48 -0.35 -3.64
N LEU A 112 4.26 -1.44 -2.89
CA LEU A 112 2.98 -2.11 -2.73
C LEU A 112 1.94 -1.10 -2.24
N VAL A 113 2.11 -0.60 -1.01
CA VAL A 113 1.14 0.25 -0.34
C VAL A 113 0.96 1.56 -1.12
N GLN A 114 2.01 2.10 -1.75
CA GLN A 114 1.88 3.24 -2.65
C GLN A 114 0.87 2.92 -3.75
N GLU A 115 1.11 1.84 -4.50
CA GLU A 115 0.23 1.53 -5.62
C GLU A 115 -1.19 1.25 -5.14
N LEU A 116 -1.39 0.69 -3.95
CA LEU A 116 -2.73 0.39 -3.44
C LEU A 116 -3.63 1.61 -3.31
N CYS A 117 -3.07 2.79 -3.00
CA CYS A 117 -3.83 4.02 -3.04
C CYS A 117 -3.83 4.58 -4.47
N SER A 118 -2.68 4.58 -5.17
CA SER A 118 -2.53 5.06 -6.55
C SER A 118 -3.40 4.30 -7.58
N LEU A 119 -3.90 3.12 -7.20
CA LEU A 119 -4.86 2.28 -7.87
C LEU A 119 -6.20 2.98 -8.08
N LYS A 120 -6.48 4.07 -7.35
CA LYS A 120 -7.55 4.99 -7.65
C LYS A 120 -7.01 6.42 -7.72
N HIS A 121 -7.91 7.38 -7.91
CA HIS A 121 -7.62 8.79 -8.02
C HIS A 121 -8.78 9.55 -7.40
N CYS A 122 -8.57 10.84 -7.17
CA CYS A 122 -9.56 11.76 -6.63
C CYS A 122 -9.83 12.78 -7.74
N GLU A 123 -10.56 12.34 -8.78
CA GLU A 123 -10.81 13.06 -10.02
C GLU A 123 -9.52 13.68 -10.60
N PHE A 124 -9.63 14.73 -11.42
CA PHE A 124 -8.57 15.61 -11.93
C PHE A 124 -7.43 14.84 -12.60
N TRP A 125 -6.58 14.20 -11.81
CA TRP A 125 -5.49 13.32 -12.20
C TRP A 125 -6.03 11.94 -12.58
N LEU A 126 -6.95 11.94 -13.55
CA LEU A 126 -7.13 10.83 -14.47
C LEU A 126 -5.83 10.66 -15.28
N GLU A 127 -5.76 9.63 -16.12
CA GLU A 127 -4.59 9.15 -16.82
C GLU A 127 -3.35 9.20 -15.91
N ALA A 29 -10.63 -2.69 14.03
CA ALA A 29 -9.39 -2.01 13.67
C ALA A 29 -9.42 -1.65 12.20
N GLU A 30 -10.15 -2.42 11.39
CA GLU A 30 -10.24 -2.28 9.95
C GLU A 30 -10.93 -0.96 9.56
N ASN A 31 -11.80 -0.51 10.47
CA ASN A 31 -12.50 0.76 10.44
C ASN A 31 -11.56 1.96 10.66
N ARG A 32 -10.24 1.76 10.69
CA ARG A 32 -9.24 2.83 10.71
C ARG A 32 -9.09 3.42 9.32
N PRO A 33 -8.73 4.70 9.22
CA PRO A 33 -8.24 5.28 7.98
C PRO A 33 -6.88 4.64 7.74
N GLY A 34 -6.75 3.91 6.63
CA GLY A 34 -5.47 3.30 6.27
C GLY A 34 -5.29 1.89 6.80
N ALA A 35 -6.29 1.27 7.45
CA ALA A 35 -6.15 -0.12 7.86
C ALA A 35 -5.84 -1.03 6.66
N PHE A 36 -5.16 -2.16 6.91
CA PHE A 36 -4.74 -3.15 5.93
C PHE A 36 -5.83 -4.21 5.76
N ILE A 37 -6.48 -4.32 4.59
CA ILE A 37 -7.53 -5.33 4.36
C ILE A 37 -6.99 -6.78 4.49
N LYS A 38 -5.71 -7.00 4.19
CA LYS A 38 -4.91 -8.22 4.24
C LYS A 38 -5.79 -9.49 4.30
N GLN A 39 -6.21 -9.96 3.12
CA GLN A 39 -6.97 -11.20 3.00
C GLN A 39 -6.00 -12.37 2.73
N GLY A 40 -6.19 -13.10 1.64
CA GLY A 40 -5.54 -14.37 1.29
C GLY A 40 -5.26 -14.47 -0.22
N ARG A 41 -4.64 -13.44 -0.82
CA ARG A 41 -4.47 -13.27 -2.27
C ARG A 41 -3.03 -13.01 -2.71
N LYS A 42 -2.76 -12.86 -4.02
CA LYS A 42 -1.44 -12.48 -4.59
C LYS A 42 -1.54 -11.31 -5.58
N LEU A 43 -2.67 -10.62 -5.63
CA LEU A 43 -2.99 -9.47 -6.50
C LEU A 43 -2.48 -9.68 -7.93
N ASP A 44 -2.23 -8.58 -8.65
CA ASP A 44 -1.54 -8.53 -9.93
C ASP A 44 -0.79 -7.21 -9.94
N ILE A 45 0.26 -7.09 -9.12
CA ILE A 45 1.07 -5.87 -8.99
C ILE A 45 2.47 -6.29 -9.44
N ASP A 46 2.91 -5.81 -10.60
CA ASP A 46 4.25 -6.06 -11.10
C ASP A 46 5.22 -5.13 -10.38
N PHE A 47 6.14 -5.69 -9.61
CA PHE A 47 7.11 -4.98 -8.78
C PHE A 47 8.48 -4.84 -9.47
N GLY A 48 8.56 -4.96 -10.80
CA GLY A 48 9.77 -4.77 -11.55
C GLY A 48 10.42 -6.10 -11.79
N ALA A 49 11.48 -6.43 -11.04
CA ALA A 49 12.06 -7.77 -10.98
C ALA A 49 12.03 -8.29 -9.54
N GLU A 50 12.96 -7.80 -8.72
CA GLU A 50 13.30 -8.42 -7.44
C GLU A 50 12.09 -8.52 -6.51
N GLY A 51 11.25 -7.47 -6.51
CA GLY A 51 10.08 -7.44 -5.67
C GLY A 51 9.08 -8.54 -6.02
N ASN A 52 8.97 -8.97 -7.28
CA ASN A 52 8.01 -10.02 -7.66
C ASN A 52 8.45 -11.35 -7.09
N ARG A 53 9.74 -11.66 -7.20
CA ARG A 53 10.30 -12.90 -6.66
C ARG A 53 10.07 -12.99 -5.15
N TYR A 54 10.37 -11.91 -4.42
CA TYR A 54 10.13 -11.80 -2.97
C TYR A 54 8.62 -11.80 -2.66
N TYR A 55 7.77 -11.31 -3.57
CA TYR A 55 6.33 -11.45 -3.43
C TYR A 55 6.01 -12.93 -3.49
N GLU A 56 6.29 -13.62 -4.60
CA GLU A 56 6.02 -15.05 -4.81
C GLU A 56 6.38 -15.92 -3.63
N ALA A 57 7.49 -15.59 -2.97
CA ALA A 57 7.84 -16.17 -1.70
C ALA A 57 6.71 -16.08 -0.65
N ASN A 58 6.48 -14.88 -0.12
CA ASN A 58 5.77 -14.62 1.13
C ASN A 58 4.81 -13.43 1.02
N TYR A 59 4.22 -13.25 -0.16
CA TYR A 59 3.21 -12.26 -0.58
C TYR A 59 2.02 -12.15 0.36
N TRP A 60 1.73 -13.20 1.12
CA TRP A 60 0.57 -13.27 1.99
C TRP A 60 0.69 -12.37 3.22
N GLN A 61 1.92 -11.94 3.56
CA GLN A 61 2.18 -11.06 4.70
C GLN A 61 2.05 -9.58 4.28
N PHE A 62 1.14 -9.28 3.35
CA PHE A 62 0.97 -7.97 2.75
C PHE A 62 -0.52 -7.69 2.55
N PRO A 63 -0.97 -6.42 2.46
CA PRO A 63 -2.38 -6.10 2.36
C PRO A 63 -2.96 -6.50 1.01
N ASP A 64 -4.28 -6.40 0.92
CA ASP A 64 -5.07 -6.68 -0.27
C ASP A 64 -5.53 -5.36 -0.89
N GLY A 65 -6.31 -4.60 -0.11
CA GLY A 65 -6.60 -3.20 -0.35
C GLY A 65 -6.37 -2.39 0.91
N ILE A 66 -6.57 -1.08 0.81
CA ILE A 66 -6.58 -0.17 1.95
C ILE A 66 -7.97 0.44 2.07
N HIS A 67 -8.49 0.50 3.30
CA HIS A 67 -9.82 1.02 3.60
C HIS A 67 -9.90 2.55 3.45
N TYR A 68 -8.75 3.23 3.37
CA TYR A 68 -8.68 4.67 3.13
C TYR A 68 -9.31 4.97 1.77
N ASN A 69 -10.03 6.09 1.68
CA ASN A 69 -10.79 6.51 0.51
C ASN A 69 -10.66 8.01 0.28
N GLY A 70 -9.52 8.60 0.63
CA GLY A 70 -9.23 10.01 0.40
C GLY A 70 -9.05 10.39 -1.08
N CYS A 71 -9.38 9.51 -2.04
CA CYS A 71 -9.43 9.90 -3.45
C CYS A 71 -10.70 10.73 -3.64
N SER A 72 -10.61 12.02 -3.31
CA SER A 72 -11.72 12.94 -3.12
C SER A 72 -11.31 14.39 -3.48
N GLU A 73 -10.33 14.53 -4.37
CA GLU A 73 -9.56 15.75 -4.54
C GLU A 73 -9.68 16.38 -5.93
N ALA A 74 -9.05 17.55 -6.06
CA ALA A 74 -9.00 18.38 -7.25
C ALA A 74 -7.68 19.09 -7.46
N ASN A 75 -6.75 19.03 -6.50
CA ASN A 75 -5.39 19.55 -6.66
C ASN A 75 -4.42 18.73 -5.81
N VAL A 76 -4.13 17.50 -6.24
CA VAL A 76 -3.36 16.56 -5.43
C VAL A 76 -2.40 15.78 -6.34
N THR A 77 -1.56 14.96 -5.73
CA THR A 77 -0.52 14.15 -6.34
C THR A 77 -0.42 12.86 -5.53
N LYS A 78 0.41 11.91 -5.95
CA LYS A 78 0.78 10.76 -5.14
C LYS A 78 1.38 11.21 -3.81
N GLU A 79 2.31 12.15 -3.84
CA GLU A 79 3.08 12.56 -2.68
C GLU A 79 2.27 13.41 -1.70
N ALA A 80 1.14 13.91 -2.15
CA ALA A 80 0.14 14.54 -1.33
C ALA A 80 -0.76 13.44 -0.78
N PHE A 81 -1.55 12.81 -1.65
CA PHE A 81 -2.65 11.94 -1.23
C PHE A 81 -2.14 10.63 -0.61
N VAL A 82 -1.30 9.87 -1.33
CA VAL A 82 -0.86 8.54 -0.92
C VAL A 82 0.02 8.66 0.32
N THR A 83 0.92 9.64 0.37
CA THR A 83 1.67 9.91 1.58
C THR A 83 0.72 10.13 2.76
N GLY A 84 -0.37 10.88 2.59
CA GLY A 84 -1.37 11.03 3.65
C GLY A 84 -2.01 9.69 4.03
N CYS A 85 -2.22 8.79 3.05
CA CYS A 85 -2.75 7.46 3.33
C CYS A 85 -1.72 6.64 4.13
N ILE A 86 -0.44 6.89 3.88
CA ILE A 86 0.67 6.18 4.51
C ILE A 86 0.90 6.72 5.92
N ASN A 87 0.74 8.01 6.13
CA ASN A 87 0.67 8.67 7.44
C ASN A 87 -0.55 8.27 8.26
N ALA A 88 -1.39 7.41 7.70
CA ALA A 88 -2.51 6.79 8.35
C ALA A 88 -2.18 5.30 8.54
N THR A 89 -1.87 4.58 7.47
CA THR A 89 -1.57 3.16 7.50
C THR A 89 -0.36 2.82 8.40
N GLN A 90 0.67 3.67 8.45
CA GLN A 90 1.92 3.31 9.13
C GLN A 90 1.68 3.04 10.61
N ALA A 91 0.73 3.75 11.20
CA ALA A 91 0.29 3.55 12.57
C ALA A 91 -0.99 2.70 12.66
N ALA A 92 -1.56 2.23 11.54
CA ALA A 92 -2.67 1.28 11.52
C ALA A 92 -2.17 -0.16 11.69
N ASN A 93 -1.02 -0.49 11.09
CA ASN A 93 -0.45 -1.83 11.05
C ASN A 93 1.06 -1.78 11.28
N GLN A 94 1.46 -1.23 12.43
CA GLN A 94 2.85 -1.20 12.86
C GLN A 94 3.48 -2.58 12.78
N GLY A 95 2.75 -3.64 13.12
CA GLY A 95 3.25 -5.01 13.06
C GLY A 95 3.62 -5.53 11.67
N GLU A 96 3.33 -4.82 10.56
CA GLU A 96 3.83 -5.18 9.23
C GLU A 96 5.07 -4.36 8.92
N PHE A 97 5.02 -3.04 9.11
CA PHE A 97 6.17 -2.19 8.81
C PHE A 97 7.31 -2.26 9.83
N GLN A 98 7.11 -2.86 11.02
CA GLN A 98 8.17 -3.15 11.97
C GLN A 98 8.93 -4.39 11.45
N LYS A 99 8.72 -5.56 12.06
CA LYS A 99 9.48 -6.77 11.83
C LYS A 99 10.98 -6.52 12.02
N PRO A 100 11.85 -7.53 11.81
CA PRO A 100 13.28 -7.35 11.97
C PRO A 100 13.86 -6.29 11.06
N ASP A 101 13.24 -6.11 9.88
CA ASP A 101 13.57 -5.25 8.74
C ASP A 101 14.22 -6.17 7.72
N ASN A 102 13.53 -6.45 6.61
CA ASN A 102 14.02 -7.25 5.51
C ASN A 102 14.02 -6.36 4.27
N LYS A 103 15.16 -6.35 3.60
CA LYS A 103 15.54 -5.62 2.39
C LYS A 103 14.37 -5.49 1.42
N LEU A 104 13.95 -6.60 0.82
CA LEU A 104 13.01 -6.54 -0.28
C LEU A 104 11.60 -6.37 0.24
N HIS A 105 11.26 -6.95 1.39
CA HIS A 105 9.90 -6.83 1.91
C HIS A 105 9.54 -5.37 2.17
N GLN A 106 10.52 -4.52 2.55
CA GLN A 106 10.39 -3.07 2.58
C GLN A 106 9.96 -2.54 1.21
N GLN A 107 10.77 -2.79 0.17
CA GLN A 107 10.50 -2.36 -1.19
C GLN A 107 9.12 -2.83 -1.66
N VAL A 108 8.73 -4.06 -1.37
CA VAL A 108 7.43 -4.58 -1.73
C VAL A 108 6.37 -3.80 -0.94
N LEU A 109 6.47 -3.73 0.39
CA LEU A 109 5.40 -3.21 1.24
C LEU A 109 5.01 -1.84 0.78
N TRP A 110 6.01 -0.95 0.67
CA TRP A 110 5.75 0.44 0.34
C TRP A 110 5.20 0.58 -1.07
N ARG A 111 5.80 -0.04 -2.09
CA ARG A 111 5.28 0.01 -3.46
C ARG A 111 3.82 -0.42 -3.50
N LEU A 112 3.53 -1.53 -2.83
CA LEU A 112 2.22 -2.17 -2.73
C LEU A 112 1.24 -1.19 -2.09
N VAL A 113 1.43 -0.80 -0.83
CA VAL A 113 0.48 0.09 -0.15
C VAL A 113 0.33 1.43 -0.90
N GLN A 114 1.40 1.94 -1.50
CA GLN A 114 1.34 3.15 -2.32
C GLN A 114 0.37 2.96 -3.49
N GLU A 115 0.49 1.85 -4.25
CA GLU A 115 -0.40 1.61 -5.38
C GLU A 115 -1.81 1.26 -4.92
N LEU A 116 -1.97 0.60 -3.78
CA LEU A 116 -3.29 0.27 -3.24
C LEU A 116 -4.11 1.52 -3.01
N CYS A 117 -3.50 2.57 -2.44
CA CYS A 117 -4.19 3.84 -2.27
C CYS A 117 -4.39 4.52 -3.64
N SER A 118 -3.31 4.74 -4.39
CA SER A 118 -3.40 5.56 -5.61
C SER A 118 -4.25 4.92 -6.70
N LEU A 119 -4.16 3.59 -6.85
CA LEU A 119 -4.81 2.76 -7.84
C LEU A 119 -4.94 3.45 -9.21
N LYS A 120 -3.80 3.68 -9.87
CA LYS A 120 -3.69 4.38 -11.16
C LYS A 120 -4.11 5.85 -11.14
N HIS A 121 -4.32 6.43 -9.97
CA HIS A 121 -4.93 7.73 -9.65
C HIS A 121 -6.45 7.60 -9.78
N CYS A 122 -7.22 8.52 -9.18
CA CYS A 122 -8.67 8.47 -9.28
C CYS A 122 -9.35 9.79 -9.68
N GLU A 123 -8.63 10.92 -9.77
CA GLU A 123 -9.25 12.21 -10.05
C GLU A 123 -8.81 12.83 -11.37
N PHE A 124 -7.70 13.59 -11.41
CA PHE A 124 -7.28 14.35 -12.59
C PHE A 124 -5.77 14.30 -12.84
N TRP A 125 -4.96 13.96 -11.84
CA TRP A 125 -3.51 13.98 -11.88
C TRP A 125 -2.90 12.71 -12.53
N LEU A 126 -3.51 12.18 -13.59
CA LEU A 126 -3.14 10.90 -14.19
C LEU A 126 -1.71 10.91 -14.76
N GLU A 127 -1.03 9.78 -14.59
CA GLU A 127 0.26 9.42 -15.15
C GLU A 127 0.09 9.18 -16.66
N ALA A 29 -10.65 -1.16 13.87
CA ALA A 29 -9.36 -1.33 13.23
C ALA A 29 -9.41 -1.38 11.70
N GLU A 30 -10.36 -2.07 11.09
CA GLU A 30 -10.54 -2.12 9.64
C GLU A 30 -11.07 -0.81 9.07
N ASN A 31 -11.87 -0.06 9.84
CA ASN A 31 -12.47 1.18 9.37
C ASN A 31 -11.57 2.36 9.74
N ARG A 32 -10.28 2.19 9.48
CA ARG A 32 -9.24 3.16 9.79
C ARG A 32 -8.65 3.68 8.50
N PRO A 33 -8.05 4.88 8.53
CA PRO A 33 -7.61 5.58 7.34
C PRO A 33 -6.40 4.96 6.63
N GLY A 34 -5.96 3.77 7.05
CA GLY A 34 -4.90 2.98 6.43
C GLY A 34 -4.84 1.56 6.95
N ALA A 35 -5.95 1.05 7.50
CA ALA A 35 -6.14 -0.36 7.78
C ALA A 35 -5.78 -1.23 6.56
N PHE A 36 -5.04 -2.31 6.78
CA PHE A 36 -4.66 -3.25 5.74
C PHE A 36 -5.80 -4.25 5.56
N ILE A 37 -6.37 -4.39 4.35
CA ILE A 37 -7.43 -5.38 4.08
C ILE A 37 -6.88 -6.82 4.18
N LYS A 38 -5.69 -7.09 3.65
CA LYS A 38 -4.97 -8.34 3.85
C LYS A 38 -5.81 -9.60 3.56
N GLN A 39 -6.57 -9.64 2.46
CA GLN A 39 -7.28 -10.85 2.04
C GLN A 39 -6.32 -12.04 1.81
N GLY A 40 -5.01 -11.82 1.67
CA GLY A 40 -4.06 -12.88 1.41
C GLY A 40 -4.19 -13.25 -0.04
N ARG A 41 -3.66 -12.43 -0.94
CA ARG A 41 -3.65 -12.72 -2.37
C ARG A 41 -2.26 -12.44 -2.93
N LYS A 42 -2.07 -12.76 -4.21
CA LYS A 42 -0.92 -12.33 -4.98
C LYS A 42 -1.48 -11.25 -5.90
N LEU A 43 -1.22 -9.99 -5.56
CA LEU A 43 -1.63 -8.79 -6.28
C LEU A 43 -0.66 -8.62 -7.44
N ASP A 44 -1.14 -8.59 -8.68
CA ASP A 44 -0.31 -8.65 -9.88
C ASP A 44 0.43 -7.33 -10.21
N ILE A 45 1.00 -6.70 -9.17
CA ILE A 45 1.70 -5.43 -9.21
C ILE A 45 3.12 -5.66 -9.74
N ASP A 46 3.62 -4.70 -10.50
CA ASP A 46 4.96 -4.67 -11.07
C ASP A 46 5.97 -4.11 -10.06
N PHE A 47 6.89 -4.95 -9.55
CA PHE A 47 7.95 -4.56 -8.61
C PHE A 47 9.36 -4.54 -9.23
N GLY A 48 9.60 -5.07 -10.43
CA GLY A 48 10.90 -5.11 -11.09
C GLY A 48 11.47 -6.53 -11.16
N ALA A 49 12.45 -6.86 -10.32
CA ALA A 49 12.99 -8.21 -10.17
C ALA A 49 12.86 -8.69 -8.72
N GLU A 50 13.82 -8.27 -7.89
CA GLU A 50 14.03 -8.71 -6.52
C GLU A 50 12.76 -8.62 -5.67
N GLY A 51 11.99 -7.55 -5.85
CA GLY A 51 10.72 -7.35 -5.19
C GLY A 51 9.77 -8.50 -5.50
N ASN A 52 9.50 -8.78 -6.78
CA ASN A 52 8.58 -9.84 -7.18
C ASN A 52 9.05 -11.17 -6.63
N ARG A 53 10.34 -11.48 -6.83
CA ARG A 53 10.96 -12.71 -6.33
C ARG A 53 10.66 -12.94 -4.87
N TYR A 54 10.87 -11.91 -4.05
CA TYR A 54 10.70 -12.01 -2.62
C TYR A 54 9.23 -12.04 -2.27
N TYR A 55 8.38 -11.25 -2.94
CA TYR A 55 6.95 -11.21 -2.71
C TYR A 55 6.33 -12.59 -2.88
N GLU A 56 6.64 -13.27 -4.01
CA GLU A 56 6.21 -14.63 -4.33
C GLU A 56 6.51 -15.61 -3.21
N ALA A 57 7.52 -15.29 -2.41
CA ALA A 57 7.93 -16.16 -1.33
C ALA A 57 6.92 -16.22 -0.17
N ASN A 58 6.18 -15.14 0.10
CA ASN A 58 5.23 -15.03 1.23
C ASN A 58 4.25 -13.89 0.99
N TYR A 59 3.57 -13.93 -0.15
CA TYR A 59 2.69 -12.86 -0.61
C TYR A 59 1.42 -12.74 0.22
N TRP A 60 0.98 -13.83 0.83
CA TRP A 60 -0.14 -13.88 1.75
C TRP A 60 0.05 -13.00 2.99
N GLN A 61 1.22 -12.39 3.17
CA GLN A 61 1.57 -11.56 4.32
C GLN A 61 1.62 -10.08 3.92
N PHE A 62 0.83 -9.68 2.93
CA PHE A 62 0.73 -8.32 2.40
C PHE A 62 -0.75 -7.93 2.35
N PRO A 63 -1.09 -6.63 2.33
CA PRO A 63 -2.47 -6.20 2.18
C PRO A 63 -3.01 -6.61 0.81
N ASP A 64 -4.29 -6.31 0.60
CA ASP A 64 -4.98 -6.59 -0.64
C ASP A 64 -5.36 -5.24 -1.23
N GLY A 65 -6.28 -4.56 -0.55
CA GLY A 65 -6.56 -3.16 -0.74
C GLY A 65 -6.31 -2.35 0.52
N ILE A 66 -6.56 -1.06 0.41
CA ILE A 66 -6.68 -0.08 1.48
C ILE A 66 -8.12 0.43 1.48
N HIS A 67 -8.59 0.90 2.63
CA HIS A 67 -9.93 1.46 2.82
C HIS A 67 -9.79 2.97 2.59
N TYR A 68 -9.16 3.66 3.55
CA TYR A 68 -8.96 5.10 3.63
C TYR A 68 -10.28 5.84 3.33
N ASN A 69 -10.21 7.07 2.83
CA ASN A 69 -11.35 7.78 2.25
C ASN A 69 -11.08 7.86 0.76
N GLY A 70 -12.13 8.04 -0.04
CA GLY A 70 -12.05 8.41 -1.43
C GLY A 70 -11.66 9.87 -1.62
N CYS A 71 -10.64 10.36 -0.89
CA CYS A 71 -9.91 11.59 -1.09
C CYS A 71 -10.71 12.84 -0.68
N SER A 72 -10.62 13.24 0.59
CA SER A 72 -11.12 14.54 1.05
C SER A 72 -10.14 15.68 0.69
N GLU A 73 -9.52 15.60 -0.50
CA GLU A 73 -8.69 16.63 -1.12
C GLU A 73 -9.02 16.59 -2.60
N ALA A 74 -8.92 17.73 -3.28
CA ALA A 74 -9.42 17.92 -4.63
C ALA A 74 -8.32 18.40 -5.59
N ASN A 75 -7.04 18.35 -5.16
CA ASN A 75 -6.00 19.15 -5.78
C ASN A 75 -4.64 18.49 -5.57
N VAL A 76 -4.50 17.20 -5.91
CA VAL A 76 -3.43 16.37 -5.37
C VAL A 76 -2.80 15.49 -6.47
N THR A 77 -1.87 14.62 -6.07
CA THR A 77 -1.06 13.82 -6.97
C THR A 77 -0.92 12.40 -6.42
N LYS A 78 -0.36 11.51 -7.25
CA LYS A 78 0.07 10.16 -6.87
C LYS A 78 1.26 10.15 -5.91
N GLU A 79 1.82 11.31 -5.59
CA GLU A 79 2.75 11.47 -4.50
C GLU A 79 1.92 11.96 -3.30
N ALA A 80 1.28 13.12 -3.37
CA ALA A 80 0.60 13.80 -2.28
C ALA A 80 -0.47 12.93 -1.61
N PHE A 81 -1.49 12.53 -2.36
CA PHE A 81 -2.64 11.82 -1.82
C PHE A 81 -2.23 10.41 -1.37
N VAL A 82 -1.45 9.70 -2.20
CA VAL A 82 -0.95 8.37 -1.87
C VAL A 82 -0.12 8.49 -0.57
N THR A 83 0.69 9.53 -0.42
CA THR A 83 1.40 9.78 0.83
C THR A 83 0.43 10.10 1.97
N GLY A 84 -0.67 10.83 1.76
CA GLY A 84 -1.68 11.02 2.79
C GLY A 84 -2.28 9.69 3.25
N CYS A 85 -2.41 8.73 2.34
CA CYS A 85 -2.86 7.40 2.68
C CYS A 85 -1.77 6.69 3.49
N ILE A 86 -0.51 6.83 3.09
CA ILE A 86 0.60 6.15 3.74
C ILE A 86 0.86 6.72 5.13
N ASN A 87 0.79 8.02 5.29
CA ASN A 87 0.88 8.69 6.57
C ASN A 87 -0.14 8.13 7.56
N ALA A 88 -1.29 7.66 7.05
CA ALA A 88 -2.26 6.95 7.83
C ALA A 88 -1.88 5.47 8.02
N THR A 89 -1.49 4.74 6.98
CA THR A 89 -1.23 3.31 7.05
C THR A 89 0.05 2.98 7.84
N GLN A 90 1.07 3.84 7.80
CA GLN A 90 2.36 3.64 8.46
C GLN A 90 2.14 3.40 9.96
N ALA A 91 1.16 4.11 10.51
CA ALA A 91 0.76 4.02 11.90
C ALA A 91 -0.51 3.20 12.10
N ALA A 92 -1.15 2.68 11.04
CA ALA A 92 -2.17 1.65 11.17
C ALA A 92 -1.50 0.32 11.50
N ASN A 93 -0.39 0.02 10.83
CA ASN A 93 0.24 -1.30 10.84
C ASN A 93 1.69 -1.14 11.25
N GLN A 94 1.95 -0.59 12.44
CA GLN A 94 3.33 -0.46 12.93
C GLN A 94 4.03 -1.81 12.94
N GLY A 95 3.33 -2.85 13.37
CA GLY A 95 3.85 -4.21 13.34
C GLY A 95 4.29 -4.66 11.95
N GLU A 96 3.77 -4.08 10.87
CA GLU A 96 4.09 -4.47 9.50
C GLU A 96 5.21 -3.60 8.97
N PHE A 97 5.13 -2.28 9.17
CA PHE A 97 6.19 -1.36 8.75
C PHE A 97 7.47 -1.46 9.59
N GLN A 98 7.43 -2.21 10.70
CA GLN A 98 8.61 -2.65 11.41
C GLN A 98 9.10 -3.97 10.80
N LYS A 99 8.76 -5.11 11.42
CA LYS A 99 9.44 -6.39 11.39
C LYS A 99 10.94 -6.30 11.75
N PRO A 100 11.54 -7.39 12.26
CA PRO A 100 12.93 -7.37 12.70
C PRO A 100 13.94 -7.49 11.53
N ASP A 101 13.50 -7.83 10.32
CA ASP A 101 14.41 -8.23 9.22
C ASP A 101 13.84 -7.76 7.87
N ASN A 102 13.22 -6.59 7.91
CA ASN A 102 12.50 -5.93 6.84
C ASN A 102 13.41 -5.47 5.70
N LYS A 103 13.81 -6.38 4.82
CA LYS A 103 14.63 -6.06 3.64
C LYS A 103 13.71 -5.91 2.43
N LEU A 104 13.59 -6.92 1.56
CA LEU A 104 12.78 -6.73 0.36
C LEU A 104 11.30 -6.58 0.71
N HIS A 105 10.82 -7.10 1.85
CA HIS A 105 9.39 -7.08 2.14
C HIS A 105 8.88 -5.65 2.21
N GLN A 106 9.67 -4.69 2.71
CA GLN A 106 9.25 -3.29 2.73
C GLN A 106 9.34 -2.68 1.35
N GLN A 107 10.38 -3.04 0.61
CA GLN A 107 10.57 -2.57 -0.75
C GLN A 107 9.40 -2.97 -1.65
N VAL A 108 8.85 -4.17 -1.45
CA VAL A 108 7.56 -4.57 -1.97
C VAL A 108 6.48 -3.71 -1.30
N LEU A 109 6.27 -3.84 0.00
CA LEU A 109 5.09 -3.35 0.71
C LEU A 109 4.82 -1.87 0.46
N TRP A 110 5.84 -1.02 0.38
CA TRP A 110 5.66 0.39 0.06
C TRP A 110 5.19 0.59 -1.38
N ARG A 111 5.87 0.04 -2.39
CA ARG A 111 5.42 0.10 -3.79
C ARG A 111 4.01 -0.47 -3.96
N LEU A 112 3.69 -1.50 -3.16
CA LEU A 112 2.41 -2.16 -3.11
C LEU A 112 1.37 -1.17 -2.59
N VAL A 113 1.51 -0.66 -1.35
CA VAL A 113 0.54 0.26 -0.80
C VAL A 113 0.46 1.59 -1.57
N GLN A 114 1.56 1.99 -2.22
CA GLN A 114 1.58 3.09 -3.18
C GLN A 114 0.66 2.81 -4.38
N GLU A 115 0.55 1.57 -4.86
CA GLU A 115 -0.40 1.21 -5.91
C GLU A 115 -1.81 1.25 -5.34
N LEU A 116 -2.04 0.58 -4.22
CA LEU A 116 -3.35 0.32 -3.65
C LEU A 116 -4.13 1.61 -3.47
N CYS A 117 -3.49 2.68 -2.99
CA CYS A 117 -4.14 3.97 -2.90
C CYS A 117 -4.23 4.64 -4.27
N SER A 118 -3.16 4.60 -5.07
CA SER A 118 -3.10 5.19 -6.41
C SER A 118 -4.32 4.78 -7.24
N LEU A 119 -4.50 3.50 -7.52
CA LEU A 119 -5.56 2.89 -8.34
C LEU A 119 -6.16 3.88 -9.34
N LYS A 120 -5.49 4.12 -10.48
CA LYS A 120 -5.91 4.99 -11.59
C LYS A 120 -5.75 6.49 -11.30
N HIS A 121 -5.90 6.94 -10.05
CA HIS A 121 -5.61 8.23 -9.43
C HIS A 121 -6.49 8.43 -8.19
N CYS A 122 -7.81 8.55 -8.38
CA CYS A 122 -8.88 8.88 -7.43
C CYS A 122 -9.99 9.60 -8.21
N GLU A 123 -9.93 10.93 -8.33
CA GLU A 123 -10.81 11.68 -9.22
C GLU A 123 -10.14 12.97 -9.70
N PHE A 124 -10.62 13.52 -10.81
CA PHE A 124 -10.21 14.75 -11.48
C PHE A 124 -8.77 14.72 -12.01
N TRP A 125 -7.74 14.46 -11.19
CA TRP A 125 -6.33 14.50 -11.58
C TRP A 125 -5.87 13.24 -12.35
N LEU A 126 -6.69 12.74 -13.28
CA LEU A 126 -6.51 11.46 -13.96
C LEU A 126 -5.10 11.25 -14.52
N GLU A 127 -4.46 10.16 -14.11
CA GLU A 127 -3.11 9.77 -14.55
C GLU A 127 -3.13 9.68 -16.07
N ALA A 29 -10.95 -1.05 13.51
CA ALA A 29 -9.66 -0.72 12.98
C ALA A 29 -9.79 -0.34 11.51
N GLU A 30 -10.72 -0.97 10.80
CA GLU A 30 -10.94 -0.75 9.37
C GLU A 30 -11.37 0.70 9.08
N ASN A 31 -11.81 1.42 10.11
CA ASN A 31 -12.21 2.81 10.02
C ASN A 31 -11.04 3.74 9.70
N ARG A 32 -9.82 3.30 10.05
CA ARG A 32 -8.57 4.06 9.95
C ARG A 32 -8.34 4.58 8.55
N PRO A 33 -7.66 5.73 8.42
CA PRO A 33 -7.35 6.34 7.15
C PRO A 33 -6.27 5.57 6.38
N GLY A 34 -5.88 4.36 6.78
CA GLY A 34 -4.86 3.60 6.07
C GLY A 34 -4.79 2.14 6.52
N ALA A 35 -5.86 1.59 7.09
CA ALA A 35 -5.86 0.20 7.53
C ALA A 35 -5.60 -0.74 6.35
N PHE A 36 -4.82 -1.80 6.58
CA PHE A 36 -4.45 -2.80 5.58
C PHE A 36 -5.58 -3.81 5.39
N ILE A 37 -6.07 -3.96 4.16
CA ILE A 37 -7.17 -4.88 3.81
C ILE A 37 -6.73 -6.35 3.89
N LYS A 38 -5.65 -6.74 3.19
CA LYS A 38 -4.99 -8.06 3.19
C LYS A 38 -5.95 -9.28 3.16
N GLN A 39 -6.55 -9.55 1.99
CA GLN A 39 -7.41 -10.73 1.80
C GLN A 39 -6.66 -12.05 1.56
N GLY A 40 -5.32 -12.05 1.43
CA GLY A 40 -4.56 -13.27 1.22
C GLY A 40 -4.63 -13.76 -0.22
N ARG A 41 -4.35 -12.89 -1.20
CA ARG A 41 -4.41 -13.23 -2.63
C ARG A 41 -3.10 -12.90 -3.33
N LYS A 42 -3.03 -13.02 -4.66
CA LYS A 42 -1.90 -12.56 -5.45
C LYS A 42 -2.48 -11.84 -6.69
N LEU A 43 -1.85 -10.78 -7.18
CA LEU A 43 -2.28 -9.87 -8.24
C LEU A 43 -1.30 -10.03 -9.43
N ASP A 44 -0.86 -8.92 -10.02
CA ASP A 44 0.05 -8.78 -11.16
C ASP A 44 0.96 -7.54 -10.99
N ILE A 45 1.24 -7.11 -9.75
CA ILE A 45 1.97 -5.85 -9.50
C ILE A 45 3.47 -6.12 -9.70
N ASP A 46 4.12 -5.43 -10.64
CA ASP A 46 5.56 -5.58 -10.90
C ASP A 46 6.36 -4.79 -9.86
N PHE A 47 7.51 -5.35 -9.42
CA PHE A 47 8.44 -4.70 -8.48
C PHE A 47 9.90 -4.74 -8.94
N GLY A 48 10.19 -5.29 -10.13
CA GLY A 48 11.52 -5.29 -10.70
C GLY A 48 12.00 -6.72 -10.93
N ALA A 49 12.93 -7.19 -10.09
CA ALA A 49 13.36 -8.58 -10.02
C ALA A 49 13.15 -9.15 -8.62
N GLU A 50 14.04 -8.77 -7.70
CA GLU A 50 14.09 -9.26 -6.33
C GLU A 50 12.77 -9.04 -5.60
N GLY A 51 12.14 -7.87 -5.80
CA GLY A 51 10.85 -7.59 -5.19
C GLY A 51 9.77 -8.57 -5.64
N ASN A 52 9.70 -8.88 -6.94
CA ASN A 52 8.67 -9.78 -7.46
C ASN A 52 8.89 -11.18 -6.91
N ARG A 53 10.13 -11.68 -6.93
CA ARG A 53 10.49 -12.97 -6.36
C ARG A 53 10.04 -13.04 -4.90
N TYR A 54 10.26 -11.97 -4.14
CA TYR A 54 9.93 -11.93 -2.73
C TYR A 54 8.43 -11.82 -2.45
N TYR A 55 7.66 -11.18 -3.33
CA TYR A 55 6.21 -11.11 -3.24
C TYR A 55 5.68 -12.53 -3.33
N GLU A 56 6.04 -13.23 -4.41
CA GLU A 56 5.61 -14.56 -4.80
C GLU A 56 5.87 -15.60 -3.73
N ALA A 57 6.82 -15.32 -2.84
CA ALA A 57 7.15 -16.18 -1.74
C ALA A 57 6.07 -16.24 -0.66
N ASN A 58 5.45 -15.12 -0.31
CA ASN A 58 4.66 -14.97 0.91
C ASN A 58 3.74 -13.76 0.79
N TYR A 59 3.08 -13.67 -0.34
CA TYR A 59 2.21 -12.58 -0.80
C TYR A 59 0.99 -12.37 0.10
N TRP A 60 0.51 -13.42 0.76
CA TRP A 60 -0.62 -13.35 1.67
C TRP A 60 -0.36 -12.41 2.86
N GLN A 61 0.90 -12.11 3.16
CA GLN A 61 1.29 -11.25 4.26
C GLN A 61 1.13 -9.75 3.96
N PHE A 62 0.71 -9.37 2.74
CA PHE A 62 0.72 -8.00 2.27
C PHE A 62 -0.72 -7.50 2.10
N PRO A 63 -0.96 -6.17 2.15
CA PRO A 63 -2.26 -5.58 1.90
C PRO A 63 -2.71 -5.78 0.45
N ASP A 64 -3.91 -5.28 0.16
CA ASP A 64 -4.73 -5.77 -0.95
C ASP A 64 -5.63 -4.67 -1.52
N GLY A 65 -5.37 -3.45 -1.09
CA GLY A 65 -6.25 -2.29 -1.11
C GLY A 65 -6.07 -1.59 0.23
N ILE A 66 -6.54 -0.34 0.32
CA ILE A 66 -6.54 0.49 1.51
C ILE A 66 -7.95 1.08 1.66
N HIS A 67 -8.23 1.54 2.86
CA HIS A 67 -9.42 2.26 3.28
C HIS A 67 -9.30 3.72 2.87
N TYR A 68 -8.64 4.53 3.72
CA TYR A 68 -8.37 5.94 3.53
C TYR A 68 -9.60 6.79 3.16
N ASN A 69 -10.81 6.30 3.47
CA ASN A 69 -12.09 6.94 3.12
C ASN A 69 -12.19 7.12 1.61
N GLY A 70 -11.47 6.31 0.82
CA GLY A 70 -11.38 6.38 -0.63
C GLY A 70 -10.82 7.69 -1.13
N CYS A 71 -11.66 8.71 -1.31
CA CYS A 71 -11.30 10.00 -1.89
C CYS A 71 -11.78 11.12 -0.98
N SER A 72 -11.03 11.34 0.11
CA SER A 72 -11.23 12.42 1.05
C SER A 72 -10.89 13.76 0.37
N GLU A 73 -9.67 13.90 -0.17
CA GLU A 73 -9.19 15.17 -0.71
C GLU A 73 -9.73 15.47 -2.11
N ALA A 74 -9.50 16.70 -2.53
CA ALA A 74 -9.94 17.23 -3.82
C ALA A 74 -8.94 18.17 -4.49
N ASN A 75 -7.77 18.45 -3.90
CA ASN A 75 -6.69 19.09 -4.64
C ASN A 75 -5.35 18.50 -4.19
N VAL A 76 -4.96 17.39 -4.83
CA VAL A 76 -3.81 16.56 -4.47
C VAL A 76 -3.23 15.95 -5.76
N THR A 77 -2.27 15.03 -5.64
CA THR A 77 -1.55 14.38 -6.75
C THR A 77 -1.18 12.95 -6.34
N LYS A 78 -0.63 12.15 -7.27
CA LYS A 78 -0.07 10.85 -6.96
C LYS A 78 1.22 10.91 -6.15
N GLU A 79 1.80 12.09 -5.93
CA GLU A 79 2.63 12.27 -4.75
C GLU A 79 1.67 12.44 -3.58
N ALA A 80 1.05 13.62 -3.45
CA ALA A 80 0.45 14.14 -2.24
C ALA A 80 -0.54 13.18 -1.58
N PHE A 81 -1.51 12.67 -2.34
CA PHE A 81 -2.58 11.86 -1.80
C PHE A 81 -2.13 10.42 -1.53
N VAL A 82 -1.20 9.87 -2.32
CA VAL A 82 -0.64 8.55 -2.03
C VAL A 82 0.24 8.69 -0.77
N THR A 83 1.05 9.74 -0.68
CA THR A 83 1.75 10.17 0.52
C THR A 83 0.78 10.30 1.71
N GLY A 84 -0.39 10.93 1.56
CA GLY A 84 -1.38 11.06 2.63
C GLY A 84 -1.87 9.70 3.10
N CYS A 85 -2.13 8.80 2.15
CA CYS A 85 -2.47 7.41 2.42
C CYS A 85 -1.37 6.75 3.24
N ILE A 86 -0.11 7.04 2.96
CA ILE A 86 1.05 6.43 3.60
C ILE A 86 1.30 7.04 4.98
N ASN A 87 1.09 8.35 5.12
CA ASN A 87 1.09 9.03 6.42
C ASN A 87 0.04 8.44 7.34
N ALA A 88 -1.06 7.99 6.77
CA ALA A 88 -2.09 7.31 7.50
C ALA A 88 -1.65 5.89 7.79
N THR A 89 -1.28 5.12 6.77
CA THR A 89 -0.99 3.69 6.91
C THR A 89 0.20 3.43 7.84
N GLN A 90 1.22 4.30 7.83
CA GLN A 90 2.39 4.18 8.71
C GLN A 90 1.97 4.27 10.19
N ALA A 91 0.83 4.91 10.48
CA ALA A 91 0.21 4.95 11.79
C ALA A 91 -0.96 3.98 11.94
N ALA A 92 -1.49 3.42 10.85
CA ALA A 92 -2.52 2.40 10.91
C ALA A 92 -1.89 1.13 11.47
N ASN A 93 -0.85 0.63 10.79
CA ASN A 93 -0.25 -0.67 11.06
C ASN A 93 1.16 -0.43 11.59
N GLN A 94 1.28 0.36 12.66
CA GLN A 94 2.57 0.80 13.18
C GLN A 94 3.50 -0.36 13.46
N GLY A 95 2.99 -1.40 14.11
CA GLY A 95 3.82 -2.49 14.54
C GLY A 95 4.35 -3.33 13.38
N GLU A 96 3.89 -3.10 12.15
CA GLU A 96 4.27 -3.87 10.99
C GLU A 96 5.46 -3.16 10.34
N PHE A 97 5.32 -1.86 10.06
CA PHE A 97 6.41 -1.08 9.49
C PHE A 97 7.53 -0.77 10.48
N GLN A 98 7.30 -0.85 11.79
CA GLN A 98 8.32 -0.50 12.78
C GLN A 98 9.53 -1.44 12.77
N LYS A 99 9.38 -2.64 12.21
CA LYS A 99 10.40 -3.68 12.20
C LYS A 99 10.84 -3.91 10.76
N PRO A 100 12.00 -4.52 10.53
CA PRO A 100 12.40 -4.88 9.18
C PRO A 100 11.52 -6.01 8.63
N ASP A 101 11.06 -6.89 9.54
CA ASP A 101 10.22 -8.09 9.46
C ASP A 101 10.81 -9.21 8.59
N ASN A 102 11.36 -8.82 7.44
CA ASN A 102 12.04 -9.61 6.45
C ASN A 102 13.06 -8.64 5.81
N LYS A 103 13.35 -8.69 4.50
CA LYS A 103 14.01 -7.58 3.82
C LYS A 103 13.15 -7.04 2.70
N LEU A 104 13.01 -7.81 1.62
CA LEU A 104 12.49 -7.26 0.36
C LEU A 104 11.04 -6.85 0.57
N HIS A 105 10.32 -7.55 1.45
CA HIS A 105 9.01 -7.20 1.94
C HIS A 105 8.89 -5.72 2.28
N GLN A 106 9.91 -5.08 2.85
CA GLN A 106 9.89 -3.66 3.20
C GLN A 106 9.72 -2.83 1.92
N GLN A 107 10.66 -3.00 1.00
CA GLN A 107 10.67 -2.37 -0.30
C GLN A 107 9.37 -2.64 -1.08
N VAL A 108 8.99 -3.92 -1.19
CA VAL A 108 7.76 -4.35 -1.82
C VAL A 108 6.60 -3.60 -1.17
N LEU A 109 6.39 -3.74 0.14
CA LEU A 109 5.24 -3.22 0.85
C LEU A 109 5.04 -1.74 0.57
N TRP A 110 6.10 -0.94 0.58
CA TRP A 110 5.96 0.49 0.30
C TRP A 110 5.56 0.75 -1.15
N ARG A 111 6.23 0.16 -2.15
CA ARG A 111 5.80 0.31 -3.55
C ARG A 111 4.37 -0.22 -3.73
N LEU A 112 4.02 -1.28 -3.00
CA LEU A 112 2.75 -1.98 -3.08
C LEU A 112 1.67 -1.02 -2.62
N VAL A 113 1.72 -0.53 -1.37
CA VAL A 113 0.74 0.43 -0.85
C VAL A 113 0.73 1.76 -1.62
N GLN A 114 1.87 2.16 -2.20
CA GLN A 114 1.87 3.26 -3.16
C GLN A 114 0.89 2.94 -4.30
N GLU A 115 0.96 1.75 -4.91
CA GLU A 115 0.00 1.34 -5.94
C GLU A 115 -1.42 1.19 -5.38
N LEU A 116 -1.59 0.58 -4.19
CA LEU A 116 -2.91 0.37 -3.57
C LEU A 116 -3.69 1.67 -3.44
N CYS A 117 -2.97 2.77 -3.26
CA CYS A 117 -3.54 4.10 -3.15
C CYS A 117 -3.59 4.80 -4.51
N SER A 118 -2.63 4.56 -5.41
CA SER A 118 -2.68 5.03 -6.79
C SER A 118 -3.91 4.56 -7.58
N LEU A 119 -4.47 3.43 -7.18
CA LEU A 119 -5.27 2.49 -7.98
C LEU A 119 -6.53 3.08 -8.63
N LYS A 120 -7.06 4.20 -8.13
CA LYS A 120 -7.83 5.14 -8.96
C LYS A 120 -7.61 6.49 -8.32
N HIS A 121 -6.93 7.40 -9.03
CA HIS A 121 -6.47 8.71 -8.55
C HIS A 121 -7.36 9.29 -7.46
N CYS A 122 -8.47 9.93 -7.83
CA CYS A 122 -9.49 10.50 -6.96
C CYS A 122 -10.48 11.11 -7.95
N GLU A 123 -10.21 12.32 -8.41
CA GLU A 123 -10.91 13.15 -9.36
C GLU A 123 -9.91 14.25 -9.75
N PHE A 124 -10.21 15.08 -10.76
CA PHE A 124 -9.41 16.21 -11.25
C PHE A 124 -8.03 15.83 -11.81
N TRP A 125 -7.11 15.32 -10.99
CA TRP A 125 -5.73 15.09 -11.37
C TRP A 125 -5.65 13.70 -12.01
N LEU A 126 -5.69 13.62 -13.33
CA LEU A 126 -5.62 12.36 -14.06
C LEU A 126 -4.94 12.54 -15.41
N GLU A 127 -4.59 11.45 -16.07
CA GLU A 127 -3.97 11.44 -17.39
C GLU A 127 -5.09 11.30 -18.42
N ALA A 29 -11.09 -1.70 14.59
CA ALA A 29 -9.99 -0.88 14.15
C ALA A 29 -9.31 -1.49 12.91
N GLU A 30 -9.85 -2.58 12.37
CA GLU A 30 -9.61 -3.01 11.00
C GLU A 30 -10.58 -2.34 10.02
N ASN A 31 -11.21 -1.27 10.45
CA ASN A 31 -11.85 -0.28 9.61
C ASN A 31 -11.17 1.07 9.81
N ARG A 32 -9.97 1.07 10.40
CA ARG A 32 -9.16 2.28 10.48
C ARG A 32 -8.77 2.74 9.08
N PRO A 33 -8.58 4.06 8.92
CA PRO A 33 -7.89 4.58 7.78
C PRO A 33 -6.43 4.12 7.86
N GLY A 34 -6.05 3.20 6.97
CA GLY A 34 -4.71 2.66 6.83
C GLY A 34 -4.54 1.27 7.43
N ALA A 35 -5.56 0.68 8.06
CA ALA A 35 -5.46 -0.72 8.48
C ALA A 35 -5.31 -1.64 7.25
N PHE A 36 -4.68 -2.81 7.44
CA PHE A 36 -4.21 -3.68 6.37
C PHE A 36 -5.25 -4.80 6.13
N ILE A 37 -5.83 -4.95 4.92
CA ILE A 37 -6.77 -6.06 4.63
C ILE A 37 -6.10 -7.45 4.79
N LYS A 38 -4.94 -7.67 4.15
CA LYS A 38 -4.13 -8.89 4.28
C LYS A 38 -4.90 -10.22 4.13
N GLN A 39 -5.66 -10.42 3.04
CA GLN A 39 -6.42 -11.66 2.84
C GLN A 39 -5.56 -12.88 2.50
N GLY A 40 -4.28 -12.72 2.16
CA GLY A 40 -3.42 -13.86 1.84
C GLY A 40 -3.36 -14.18 0.34
N ARG A 41 -4.01 -13.36 -0.49
CA ARG A 41 -4.03 -13.52 -1.93
C ARG A 41 -2.69 -13.15 -2.58
N LYS A 42 -2.57 -13.41 -3.88
CA LYS A 42 -1.57 -12.83 -4.75
C LYS A 42 -2.28 -12.01 -5.81
N LEU A 43 -1.78 -10.83 -6.14
CA LEU A 43 -2.09 -10.08 -7.35
C LEU A 43 -0.90 -10.19 -8.31
N ASP A 44 -0.73 -9.19 -9.18
CA ASP A 44 0.28 -9.16 -10.24
C ASP A 44 0.92 -7.76 -10.32
N ILE A 45 1.29 -7.19 -9.18
CA ILE A 45 1.75 -5.80 -9.06
C ILE A 45 3.21 -5.76 -9.53
N ASP A 46 3.63 -4.61 -10.04
CA ASP A 46 4.88 -4.34 -10.73
C ASP A 46 5.87 -3.66 -9.78
N PHE A 47 6.94 -4.37 -9.42
CA PHE A 47 7.91 -3.94 -8.41
C PHE A 47 9.31 -3.65 -8.99
N GLY A 48 9.82 -4.44 -9.95
CA GLY A 48 11.21 -4.35 -10.43
C GLY A 48 11.86 -5.71 -10.70
N ALA A 49 12.74 -6.19 -9.83
CA ALA A 49 13.27 -7.55 -9.84
C ALA A 49 12.97 -8.30 -8.53
N GLU A 50 13.82 -8.12 -7.50
CA GLU A 50 13.86 -8.91 -6.27
C GLU A 50 12.52 -8.96 -5.53
N GLY A 51 11.78 -7.86 -5.55
CA GLY A 51 10.49 -7.71 -4.89
C GLY A 51 9.38 -8.53 -5.55
N ASN A 52 9.38 -8.70 -6.88
CA ASN A 52 8.38 -9.55 -7.56
C ASN A 52 8.65 -10.99 -7.14
N ARG A 53 9.92 -11.40 -7.24
CA ARG A 53 10.40 -12.70 -6.78
C ARG A 53 10.02 -12.93 -5.30
N TYR A 54 10.04 -11.90 -4.47
CA TYR A 54 9.64 -11.94 -3.06
C TYR A 54 8.12 -12.01 -2.89
N TYR A 55 7.36 -11.28 -3.72
CA TYR A 55 5.91 -11.30 -3.69
C TYR A 55 5.48 -12.71 -4.02
N GLU A 56 5.83 -13.25 -5.19
CA GLU A 56 5.56 -14.63 -5.61
C GLU A 56 5.96 -15.65 -4.53
N ALA A 57 7.02 -15.37 -3.77
CA ALA A 57 7.45 -16.23 -2.68
C ALA A 57 6.50 -16.25 -1.48
N ASN A 58 6.02 -15.10 -1.02
CA ASN A 58 5.35 -14.96 0.28
C ASN A 58 4.39 -13.77 0.25
N TYR A 59 3.61 -13.69 -0.83
CA TYR A 59 2.60 -12.68 -1.14
C TYR A 59 1.53 -12.56 -0.07
N TRP A 60 1.21 -13.71 0.53
CA TRP A 60 0.16 -13.87 1.51
C TRP A 60 0.43 -13.10 2.81
N GLN A 61 1.64 -12.53 2.95
CA GLN A 61 2.07 -11.75 4.09
C GLN A 61 1.83 -10.25 3.92
N PHE A 62 1.16 -9.82 2.84
CA PHE A 62 0.99 -8.41 2.49
C PHE A 62 -0.48 -8.05 2.39
N PRO A 63 -0.87 -6.76 2.52
CA PRO A 63 -2.24 -6.34 2.38
C PRO A 63 -2.76 -6.62 0.99
N ASP A 64 -4.03 -7.00 0.87
CA ASP A 64 -4.78 -7.09 -0.39
C ASP A 64 -5.12 -5.67 -0.85
N GLY A 65 -5.79 -4.93 0.04
CA GLY A 65 -6.10 -3.53 -0.07
C GLY A 65 -5.82 -2.84 1.26
N ILE A 66 -5.92 -1.51 1.25
CA ILE A 66 -5.96 -0.66 2.43
C ILE A 66 -7.31 0.03 2.46
N HIS A 67 -7.91 0.05 3.64
CA HIS A 67 -9.10 0.82 3.93
C HIS A 67 -8.64 2.26 4.10
N TYR A 68 -8.97 3.14 3.16
CA TYR A 68 -8.77 4.57 3.30
C TYR A 68 -9.88 5.26 2.50
N ASN A 69 -10.19 6.53 2.81
CA ASN A 69 -11.17 7.24 1.98
C ASN A 69 -10.52 7.65 0.68
N GLY A 70 -11.31 8.21 -0.23
CA GLY A 70 -10.81 9.11 -1.25
C GLY A 70 -10.18 10.36 -0.63
N CYS A 71 -9.96 11.36 -1.47
CA CYS A 71 -9.11 12.51 -1.19
C CYS A 71 -9.91 13.69 -0.60
N SER A 72 -10.89 14.21 -1.36
CA SER A 72 -11.55 15.50 -1.08
C SER A 72 -10.51 16.62 -0.94
N GLU A 73 -10.00 17.07 -2.08
CA GLU A 73 -8.94 18.07 -2.20
C GLU A 73 -9.10 18.84 -3.51
N ALA A 74 -9.64 18.22 -4.57
CA ALA A 74 -10.07 18.79 -5.82
C ALA A 74 -8.91 18.97 -6.80
N ASN A 75 -7.69 18.78 -6.31
CA ASN A 75 -6.45 19.11 -7.03
C ASN A 75 -5.24 18.32 -6.51
N VAL A 76 -5.47 17.06 -6.14
CA VAL A 76 -4.44 16.19 -5.57
C VAL A 76 -3.75 15.39 -6.68
N THR A 77 -2.76 14.58 -6.33
CA THR A 77 -1.90 13.83 -7.25
C THR A 77 -1.61 12.44 -6.69
N LYS A 78 -0.99 11.60 -7.52
CA LYS A 78 -0.52 10.31 -7.09
C LYS A 78 0.60 10.39 -6.06
N GLU A 79 1.18 11.57 -5.82
CA GLU A 79 1.97 11.82 -4.64
C GLU A 79 1.01 12.21 -3.53
N ALA A 80 0.48 13.43 -3.57
CA ALA A 80 -0.18 14.09 -2.45
C ALA A 80 -1.30 13.26 -1.81
N PHE A 81 -2.02 12.44 -2.59
CA PHE A 81 -3.05 11.58 -2.05
C PHE A 81 -2.42 10.33 -1.41
N VAL A 82 -1.59 9.58 -2.16
CA VAL A 82 -0.99 8.32 -1.71
C VAL A 82 -0.13 8.58 -0.46
N THR A 83 0.56 9.72 -0.39
CA THR A 83 1.26 10.25 0.76
C THR A 83 0.36 10.17 2.01
N GLY A 84 -0.83 10.78 2.00
CA GLY A 84 -1.71 10.83 3.16
C GLY A 84 -2.21 9.45 3.57
N CYS A 85 -2.48 8.60 2.59
CA CYS A 85 -2.89 7.20 2.75
C CYS A 85 -1.78 6.42 3.47
N ILE A 86 -0.53 6.51 3.00
CA ILE A 86 0.64 5.90 3.62
C ILE A 86 0.92 6.51 4.98
N ASN A 87 0.77 7.81 5.15
CA ASN A 87 0.92 8.44 6.47
C ASN A 87 -0.03 7.78 7.47
N ALA A 88 -1.21 7.36 7.02
CA ALA A 88 -2.17 6.71 7.87
C ALA A 88 -1.71 5.29 8.18
N THR A 89 -1.41 4.49 7.15
CA THR A 89 -1.07 3.08 7.33
C THR A 89 0.25 2.89 8.08
N GLN A 90 1.23 3.78 7.90
CA GLN A 90 2.50 3.71 8.63
C GLN A 90 2.34 4.05 10.12
N ALA A 91 1.14 4.48 10.51
CA ALA A 91 0.75 4.61 11.90
C ALA A 91 -0.31 3.57 12.27
N ALA A 92 -0.97 2.93 11.30
CA ALA A 92 -1.86 1.80 11.56
C ALA A 92 -1.04 0.61 12.06
N ASN A 93 0.08 0.33 11.39
CA ASN A 93 0.83 -0.92 11.53
C ASN A 93 2.29 -0.58 11.83
N GLN A 94 2.50 0.13 12.95
CA GLN A 94 3.79 0.74 13.28
C GLN A 94 4.91 -0.30 13.24
N GLY A 95 4.86 -1.35 14.04
CA GLY A 95 5.86 -2.42 14.06
C GLY A 95 5.84 -3.36 12.85
N GLU A 96 5.27 -2.97 11.71
CA GLU A 96 5.35 -3.71 10.47
C GLU A 96 6.10 -2.90 9.40
N PHE A 97 5.86 -1.59 9.21
CA PHE A 97 6.83 -0.83 8.41
C PHE A 97 8.07 -0.43 9.20
N GLN A 98 7.97 -0.20 10.51
CA GLN A 98 9.14 0.04 11.36
C GLN A 98 9.74 -1.31 11.73
N LYS A 99 10.38 -1.96 10.76
CA LYS A 99 11.32 -3.04 11.04
C LYS A 99 12.68 -2.44 11.38
N PRO A 100 13.61 -3.23 11.92
CA PRO A 100 14.97 -2.80 12.19
C PRO A 100 15.71 -2.45 10.89
N ASP A 101 15.39 -3.21 9.85
CA ASP A 101 16.15 -3.57 8.67
C ASP A 101 15.61 -4.96 8.36
N ASN A 102 14.84 -5.05 7.27
CA ASN A 102 14.49 -6.25 6.58
C ASN A 102 15.09 -6.08 5.17
N LYS A 103 14.83 -6.98 4.24
CA LYS A 103 15.25 -6.82 2.87
C LYS A 103 14.08 -6.38 2.00
N LEU A 104 13.16 -7.28 1.71
CA LEU A 104 12.18 -7.08 0.66
C LEU A 104 10.79 -6.93 1.23
N HIS A 105 10.50 -7.47 2.41
CA HIS A 105 9.19 -7.22 3.00
C HIS A 105 8.99 -5.71 3.18
N GLN A 106 10.03 -4.98 3.62
CA GLN A 106 10.01 -3.52 3.67
C GLN A 106 9.75 -2.90 2.28
N GLN A 107 10.58 -3.25 1.30
CA GLN A 107 10.56 -2.58 0.01
C GLN A 107 9.30 -2.89 -0.79
N VAL A 108 8.92 -4.17 -0.87
CA VAL A 108 7.68 -4.60 -1.49
C VAL A 108 6.55 -3.88 -0.77
N LEU A 109 6.47 -3.95 0.56
CA LEU A 109 5.33 -3.38 1.28
C LEU A 109 5.19 -1.89 1.00
N TRP A 110 6.30 -1.16 0.82
CA TRP A 110 6.24 0.24 0.43
C TRP A 110 5.57 0.44 -0.93
N ARG A 111 6.11 -0.14 -2.01
CA ARG A 111 5.50 -0.01 -3.36
C ARG A 111 4.09 -0.58 -3.38
N LEU A 112 3.86 -1.68 -2.69
CA LEU A 112 2.59 -2.38 -2.66
C LEU A 112 1.56 -1.43 -2.07
N VAL A 113 1.83 -0.86 -0.88
CA VAL A 113 0.91 0.04 -0.21
C VAL A 113 0.82 1.40 -0.92
N GLN A 114 1.82 1.82 -1.70
CA GLN A 114 1.63 2.92 -2.65
C GLN A 114 0.53 2.56 -3.65
N GLU A 115 0.66 1.41 -4.31
CA GLU A 115 -0.25 1.08 -5.40
C GLU A 115 -1.67 0.82 -4.88
N LEU A 116 -1.80 0.21 -3.70
CA LEU A 116 -3.09 -0.03 -3.05
C LEU A 116 -3.83 1.27 -2.72
N CYS A 117 -3.11 2.39 -2.59
CA CYS A 117 -3.73 3.71 -2.47
C CYS A 117 -4.15 4.17 -3.88
N SER A 118 -3.20 4.20 -4.82
CA SER A 118 -3.48 4.76 -6.15
C SER A 118 -4.51 3.92 -6.88
N LEU A 119 -4.07 2.76 -7.41
CA LEU A 119 -4.83 1.80 -8.21
C LEU A 119 -5.86 2.48 -9.14
N LYS A 120 -5.44 3.58 -9.80
CA LYS A 120 -6.14 4.60 -10.62
C LYS A 120 -5.85 5.98 -9.99
N HIS A 121 -6.59 7.02 -10.39
CA HIS A 121 -6.56 8.37 -9.82
C HIS A 121 -7.64 8.49 -8.76
N CYS A 122 -7.59 9.56 -7.95
CA CYS A 122 -8.62 9.80 -6.93
C CYS A 122 -9.99 9.97 -7.59
N GLU A 123 -10.21 11.04 -8.36
CA GLU A 123 -11.46 11.25 -9.11
C GLU A 123 -11.42 12.50 -9.98
N PHE A 124 -11.16 13.67 -9.37
CA PHE A 124 -11.27 14.98 -10.02
C PHE A 124 -10.41 15.03 -11.28
N TRP A 125 -9.17 14.60 -11.11
CA TRP A 125 -8.11 14.52 -12.08
C TRP A 125 -8.21 13.17 -12.81
N LEU A 126 -9.22 13.04 -13.67
CA LEU A 126 -9.31 11.92 -14.57
C LEU A 126 -8.12 11.91 -15.54
N GLU A 127 -8.00 10.81 -16.27
CA GLU A 127 -6.84 10.44 -17.03
C GLU A 127 -7.34 9.99 -18.40
N ALA A 29 -11.50 -2.93 13.49
CA ALA A 29 -10.53 -1.86 13.49
C ALA A 29 -10.00 -1.64 12.08
N GLU A 30 -10.37 -2.51 11.15
CA GLU A 30 -10.08 -2.36 9.73
C GLU A 30 -10.82 -1.16 9.13
N ASN A 31 -11.67 -0.50 9.93
CA ASN A 31 -12.11 0.85 9.63
C ASN A 31 -10.95 1.84 9.43
N ARG A 32 -9.77 1.56 10.00
CA ARG A 32 -8.69 2.53 10.12
C ARG A 32 -8.24 3.09 8.79
N PRO A 33 -7.81 4.35 8.78
CA PRO A 33 -7.14 4.94 7.63
C PRO A 33 -5.80 4.23 7.50
N GLY A 34 -5.70 3.29 6.56
CA GLY A 34 -4.51 2.50 6.39
C GLY A 34 -4.59 1.11 6.98
N ALA A 35 -5.73 0.70 7.53
CA ALA A 35 -6.02 -0.70 7.75
C ALA A 35 -5.69 -1.53 6.50
N PHE A 36 -4.99 -2.65 6.68
CA PHE A 36 -4.56 -3.54 5.61
C PHE A 36 -5.68 -4.59 5.34
N ILE A 37 -6.17 -4.75 4.09
CA ILE A 37 -7.24 -5.72 3.76
C ILE A 37 -6.78 -7.18 3.90
N LYS A 38 -5.62 -7.51 3.31
CA LYS A 38 -4.93 -8.80 3.30
C LYS A 38 -5.82 -10.06 3.39
N GLN A 39 -6.69 -10.28 2.40
CA GLN A 39 -7.42 -11.55 2.22
C GLN A 39 -6.49 -12.68 1.76
N GLY A 40 -5.27 -12.40 1.32
CA GLY A 40 -4.30 -13.42 0.96
C GLY A 40 -4.20 -13.75 -0.53
N ARG A 41 -4.77 -12.94 -1.43
CA ARG A 41 -4.55 -13.13 -2.87
C ARG A 41 -3.12 -12.74 -3.21
N LYS A 42 -2.62 -13.26 -4.34
CA LYS A 42 -1.30 -12.86 -4.87
C LYS A 42 -1.43 -11.79 -5.95
N LEU A 43 -2.66 -11.48 -6.35
CA LEU A 43 -2.98 -10.48 -7.36
C LEU A 43 -2.09 -10.71 -8.58
N ASP A 44 -1.67 -9.65 -9.24
CA ASP A 44 -0.41 -9.58 -9.96
C ASP A 44 -0.05 -8.09 -9.80
N ILE A 45 0.89 -7.76 -8.90
CA ILE A 45 1.41 -6.41 -8.71
C ILE A 45 2.89 -6.44 -9.15
N ASP A 46 3.37 -5.34 -9.71
CA ASP A 46 4.60 -5.26 -10.48
C ASP A 46 5.60 -4.40 -9.69
N PHE A 47 6.78 -4.94 -9.38
CA PHE A 47 7.63 -4.44 -8.31
C PHE A 47 9.04 -4.05 -8.70
N GLY A 48 9.68 -4.74 -9.64
CA GLY A 48 11.05 -4.42 -10.02
C GLY A 48 11.87 -5.66 -10.39
N ALA A 49 12.70 -6.16 -9.47
CA ALA A 49 13.36 -7.45 -9.59
C ALA A 49 12.96 -8.33 -8.43
N GLU A 50 13.74 -8.25 -7.35
CA GLU A 50 13.61 -9.04 -6.14
C GLU A 50 12.24 -8.86 -5.53
N GLY A 51 11.66 -7.67 -5.64
CA GLY A 51 10.39 -7.38 -5.00
C GLY A 51 9.26 -8.24 -5.56
N ASN A 52 9.29 -8.54 -6.86
CA ASN A 52 8.34 -9.43 -7.53
C ASN A 52 8.40 -10.79 -6.83
N ARG A 53 9.61 -11.36 -6.83
CA ARG A 53 9.93 -12.63 -6.21
C ARG A 53 9.60 -12.64 -4.72
N TYR A 54 9.88 -11.58 -3.97
CA TYR A 54 9.57 -11.51 -2.56
C TYR A 54 8.07 -11.45 -2.30
N TYR A 55 7.29 -10.85 -3.21
CA TYR A 55 5.85 -10.93 -3.16
C TYR A 55 5.48 -12.40 -3.27
N GLU A 56 5.82 -13.05 -4.39
CA GLU A 56 5.45 -14.43 -4.67
C GLU A 56 5.86 -15.41 -3.56
N ALA A 57 6.89 -15.07 -2.80
CA ALA A 57 7.31 -15.87 -1.67
C ALA A 57 6.41 -15.76 -0.45
N ASN A 58 5.79 -14.62 -0.17
CA ASN A 58 4.91 -14.44 0.99
C ASN A 58 3.97 -13.25 0.77
N TYR A 59 3.17 -13.33 -0.28
CA TYR A 59 2.32 -12.26 -0.84
C TYR A 59 1.14 -11.96 0.08
N TRP A 60 0.57 -13.00 0.70
CA TRP A 60 -0.54 -12.90 1.63
C TRP A 60 -0.17 -12.13 2.91
N GLN A 61 1.13 -11.83 3.07
CA GLN A 61 1.67 -11.00 4.12
C GLN A 61 1.76 -9.53 3.68
N PHE A 62 1.02 -9.13 2.65
CA PHE A 62 0.84 -7.77 2.19
C PHE A 62 -0.67 -7.54 2.03
N PRO A 63 -1.16 -6.30 2.10
CA PRO A 63 -2.57 -6.01 1.87
C PRO A 63 -2.92 -6.26 0.40
N ASP A 64 -4.19 -6.58 0.15
CA ASP A 64 -4.71 -6.61 -1.22
C ASP A 64 -5.24 -5.22 -1.60
N GLY A 65 -5.52 -4.40 -0.61
CA GLY A 65 -6.33 -3.20 -0.67
C GLY A 65 -6.18 -2.45 0.65
N ILE A 66 -6.48 -1.16 0.63
CA ILE A 66 -6.55 -0.34 1.84
C ILE A 66 -7.99 0.16 2.00
N HIS A 67 -8.37 0.51 3.23
CA HIS A 67 -9.70 0.98 3.60
C HIS A 67 -9.74 2.52 3.77
N TYR A 68 -8.68 3.23 3.35
CA TYR A 68 -8.56 4.69 3.41
C TYR A 68 -9.57 5.31 2.44
N ASN A 69 -10.05 6.53 2.75
CA ASN A 69 -11.06 7.22 1.95
C ASN A 69 -10.56 7.35 0.50
N GLY A 70 -11.43 7.06 -0.47
CA GLY A 70 -11.09 6.91 -1.87
C GLY A 70 -10.95 8.26 -2.56
N CYS A 71 -10.00 9.09 -2.11
CA CYS A 71 -9.81 10.50 -2.47
C CYS A 71 -10.95 11.37 -1.97
N SER A 72 -10.64 12.18 -0.95
CA SER A 72 -11.48 13.24 -0.41
C SER A 72 -10.91 14.62 -0.72
N GLU A 73 -9.63 14.74 -1.11
CA GLU A 73 -9.03 15.99 -1.56
C GLU A 73 -9.38 16.27 -3.03
N ALA A 74 -8.92 17.41 -3.54
CA ALA A 74 -9.14 17.91 -4.89
C ALA A 74 -7.88 18.47 -5.54
N ASN A 75 -6.81 18.70 -4.78
CA ASN A 75 -5.53 19.23 -5.29
C ASN A 75 -4.36 18.41 -4.76
N VAL A 76 -4.32 17.13 -5.14
CA VAL A 76 -3.34 16.15 -4.69
C VAL A 76 -2.84 15.33 -5.88
N THR A 77 -1.62 14.81 -5.79
CA THR A 77 -1.01 13.98 -6.80
C THR A 77 -0.98 12.53 -6.34
N LYS A 78 -0.51 11.66 -7.25
CA LYS A 78 -0.13 10.30 -6.96
C LYS A 78 1.01 10.13 -5.96
N GLU A 79 1.54 11.20 -5.42
CA GLU A 79 2.48 11.17 -4.32
C GLU A 79 1.90 11.91 -3.14
N ALA A 80 1.33 13.11 -3.29
CA ALA A 80 0.80 13.87 -2.16
C ALA A 80 -0.25 13.07 -1.39
N PHE A 81 -1.31 12.64 -2.09
CA PHE A 81 -2.39 11.82 -1.56
C PHE A 81 -1.84 10.45 -1.12
N VAL A 82 -1.06 9.78 -1.98
CA VAL A 82 -0.63 8.41 -1.73
C VAL A 82 0.32 8.36 -0.50
N THR A 83 1.31 9.24 -0.40
CA THR A 83 2.09 9.44 0.82
C THR A 83 1.17 9.75 1.99
N GLY A 84 0.19 10.64 1.82
CA GLY A 84 -0.75 10.97 2.87
C GLY A 84 -1.46 9.74 3.42
N CYS A 85 -1.79 8.76 2.57
CA CYS A 85 -2.38 7.51 2.99
C CYS A 85 -1.33 6.64 3.70
N ILE A 86 -0.10 6.56 3.19
CA ILE A 86 0.96 5.75 3.76
C ILE A 86 1.37 6.24 5.14
N ASN A 87 1.36 7.55 5.33
CA ASN A 87 1.57 8.17 6.62
C ASN A 87 0.53 7.71 7.64
N ALA A 88 -0.64 7.27 7.19
CA ALA A 88 -1.64 6.66 8.03
C ALA A 88 -1.29 5.18 8.24
N THR A 89 -1.11 4.41 7.17
CA THR A 89 -0.92 2.95 7.29
C THR A 89 0.35 2.55 8.04
N GLN A 90 1.42 3.34 7.95
CA GLN A 90 2.62 3.08 8.75
C GLN A 90 2.27 3.05 10.25
N ALA A 91 1.27 3.85 10.65
CA ALA A 91 0.73 3.91 12.00
C ALA A 91 -0.58 3.13 12.14
N ALA A 92 -1.09 2.45 11.09
CA ALA A 92 -2.11 1.42 11.23
C ALA A 92 -1.44 0.15 11.75
N ASN A 93 -0.25 -0.19 11.23
CA ASN A 93 0.35 -1.50 11.37
C ASN A 93 1.81 -1.36 11.81
N GLN A 94 2.09 -0.57 12.85
CA GLN A 94 3.42 -0.34 13.38
C GLN A 94 4.17 -1.65 13.58
N GLY A 95 3.55 -2.65 14.21
CA GLY A 95 4.19 -3.92 14.51
C GLY A 95 4.60 -4.73 13.27
N GLU A 96 4.22 -4.29 12.07
CA GLU A 96 4.53 -4.89 10.80
C GLU A 96 5.49 -3.99 10.03
N PHE A 97 5.30 -2.67 9.98
CA PHE A 97 6.34 -1.76 9.44
C PHE A 97 7.62 -1.71 10.30
N GLN A 98 7.67 -2.34 11.48
CA GLN A 98 8.91 -2.66 12.21
C GLN A 98 9.11 -4.18 12.37
N LYS A 99 9.02 -4.94 11.28
CA LYS A 99 9.60 -6.29 11.24
C LYS A 99 11.13 -6.16 11.40
N PRO A 100 11.81 -7.17 11.94
CA PRO A 100 13.24 -7.11 12.21
C PRO A 100 14.09 -7.30 10.95
N ASP A 101 13.51 -7.83 9.88
CA ASP A 101 14.19 -8.61 8.84
C ASP A 101 13.63 -8.21 7.47
N ASN A 102 13.51 -6.90 7.24
CA ASN A 102 12.47 -6.33 6.39
C ASN A 102 12.88 -5.97 4.96
N LYS A 103 14.12 -6.25 4.52
CA LYS A 103 14.76 -5.73 3.31
C LYS A 103 13.84 -5.43 2.13
N LEU A 104 13.38 -6.46 1.41
CA LEU A 104 12.55 -6.27 0.24
C LEU A 104 11.13 -5.97 0.68
N HIS A 105 10.64 -6.54 1.79
CA HIS A 105 9.25 -6.36 2.17
C HIS A 105 8.97 -4.87 2.44
N GLN A 106 9.94 -4.09 2.93
CA GLN A 106 9.89 -2.62 2.98
C GLN A 106 9.64 -2.05 1.57
N GLN A 107 10.56 -2.32 0.65
CA GLN A 107 10.53 -1.82 -0.72
C GLN A 107 9.23 -2.18 -1.44
N VAL A 108 8.85 -3.45 -1.36
CA VAL A 108 7.62 -4.00 -1.89
C VAL A 108 6.44 -3.30 -1.22
N LEU A 109 6.30 -3.35 0.11
CA LEU A 109 5.11 -2.85 0.81
C LEU A 109 4.91 -1.36 0.51
N TRP A 110 5.98 -0.62 0.24
CA TRP A 110 5.87 0.74 -0.28
C TRP A 110 5.22 0.77 -1.65
N ARG A 111 5.81 0.17 -2.70
CA ARG A 111 5.21 0.12 -4.06
C ARG A 111 3.79 -0.44 -4.00
N LEU A 112 3.57 -1.45 -3.17
CA LEU A 112 2.35 -2.18 -2.98
C LEU A 112 1.31 -1.18 -2.47
N VAL A 113 1.53 -0.60 -1.31
CA VAL A 113 0.55 0.28 -0.67
C VAL A 113 0.41 1.60 -1.47
N GLN A 114 1.45 2.00 -2.22
CA GLN A 114 1.34 3.07 -3.21
C GLN A 114 0.29 2.70 -4.26
N GLU A 115 0.41 1.54 -4.91
CA GLU A 115 -0.57 1.09 -5.91
C GLU A 115 -1.95 1.04 -5.30
N LEU A 116 -2.12 0.44 -4.13
CA LEU A 116 -3.42 0.24 -3.50
C LEU A 116 -4.16 1.55 -3.26
N CYS A 117 -3.48 2.59 -2.80
CA CYS A 117 -4.12 3.89 -2.63
C CYS A 117 -4.35 4.54 -4.00
N SER A 118 -3.31 4.57 -4.85
CA SER A 118 -3.34 5.16 -6.18
C SER A 118 -4.54 4.67 -6.98
N LEU A 119 -4.60 3.35 -7.15
CA LEU A 119 -5.48 2.48 -7.90
C LEU A 119 -6.58 3.24 -8.64
N LYS A 120 -6.28 3.61 -9.90
CA LYS A 120 -7.08 4.44 -10.80
C LYS A 120 -6.75 5.91 -10.52
N HIS A 121 -7.73 6.80 -10.37
CA HIS A 121 -7.53 8.15 -9.84
C HIS A 121 -8.85 8.67 -9.27
N CYS A 122 -8.89 9.97 -9.00
CA CYS A 122 -9.99 10.69 -8.41
C CYS A 122 -10.67 11.56 -9.47
N GLU A 123 -10.13 12.75 -9.75
CA GLU A 123 -10.61 13.65 -10.79
C GLU A 123 -9.44 14.51 -11.28
N PHE A 124 -9.10 15.61 -10.61
CA PHE A 124 -8.13 16.62 -11.04
C PHE A 124 -6.90 16.04 -11.73
N TRP A 125 -6.29 15.04 -11.08
CA TRP A 125 -5.08 14.36 -11.44
C TRP A 125 -5.42 13.17 -12.32
N LEU A 126 -5.63 13.39 -13.62
CA LEU A 126 -6.06 12.32 -14.50
C LEU A 126 -4.94 11.27 -14.64
N GLU A 127 -5.31 10.05 -15.00
CA GLU A 127 -4.45 9.11 -15.72
C GLU A 127 -4.72 9.35 -17.21
N ALA A 29 -10.40 -3.48 12.67
CA ALA A 29 -9.16 -2.77 12.38
C ALA A 29 -9.40 -1.89 11.16
N GLU A 30 -10.15 -2.43 10.20
CA GLU A 30 -10.53 -1.88 8.91
C GLU A 30 -11.34 -0.59 9.01
N ASN A 31 -11.79 -0.20 10.21
CA ASN A 31 -12.43 1.10 10.41
C ASN A 31 -11.40 2.22 10.43
N ARG A 32 -10.12 1.90 10.66
CA ARG A 32 -9.05 2.87 10.79
C ARG A 32 -8.67 3.40 9.41
N PRO A 33 -8.12 4.61 9.35
CA PRO A 33 -7.79 5.28 8.10
C PRO A 33 -6.53 4.68 7.53
N GLY A 34 -6.67 3.72 6.63
CA GLY A 34 -5.58 2.86 6.24
C GLY A 34 -5.98 1.44 6.53
N ALA A 35 -5.81 1.01 7.78
CA ALA A 35 -5.73 -0.41 8.16
C ALA A 35 -4.97 -1.25 7.10
N PHE A 36 -5.17 -2.57 7.02
CA PHE A 36 -4.63 -3.47 5.98
C PHE A 36 -5.63 -4.60 5.77
N ILE A 37 -6.20 -4.76 4.55
CA ILE A 37 -7.12 -5.87 4.25
C ILE A 37 -6.44 -7.22 4.50
N LYS A 38 -5.34 -7.50 3.80
CA LYS A 38 -4.53 -8.73 3.83
C LYS A 38 -5.35 -10.03 3.85
N GLN A 39 -6.02 -10.31 2.72
CA GLN A 39 -6.65 -11.60 2.49
C GLN A 39 -5.64 -12.76 2.36
N GLY A 40 -4.36 -12.46 2.14
CA GLY A 40 -3.32 -13.46 1.98
C GLY A 40 -3.45 -14.16 0.63
N ARG A 41 -3.17 -13.43 -0.46
CA ARG A 41 -3.25 -13.92 -1.84
C ARG A 41 -1.89 -13.75 -2.52
N LYS A 42 -1.75 -14.18 -3.79
CA LYS A 42 -0.61 -13.83 -4.65
C LYS A 42 -1.10 -13.11 -5.89
N LEU A 43 -1.24 -11.81 -5.74
CA LEU A 43 -1.59 -10.82 -6.73
C LEU A 43 -0.54 -10.75 -7.84
N ASP A 44 -0.94 -10.12 -8.94
CA ASP A 44 -0.07 -9.82 -10.08
C ASP A 44 0.10 -8.30 -10.08
N ILE A 45 1.08 -7.83 -9.31
CA ILE A 45 1.55 -6.45 -9.25
C ILE A 45 3.03 -6.58 -9.62
N ASP A 46 3.53 -5.71 -10.48
CA ASP A 46 4.83 -5.78 -11.15
C ASP A 46 5.78 -4.83 -10.42
N PHE A 47 6.84 -5.35 -9.81
CA PHE A 47 7.63 -4.63 -8.80
C PHE A 47 9.09 -4.40 -9.20
N GLY A 48 9.53 -4.88 -10.36
CA GLY A 48 10.92 -4.81 -10.81
C GLY A 48 11.44 -6.22 -11.08
N ALA A 49 12.47 -6.65 -10.35
CA ALA A 49 13.13 -7.96 -10.40
C ALA A 49 13.05 -8.65 -9.04
N GLU A 50 13.91 -8.21 -8.12
CA GLU A 50 13.91 -8.64 -6.71
C GLU A 50 12.56 -8.33 -6.07
N GLY A 51 11.93 -7.25 -6.53
CA GLY A 51 10.61 -6.83 -6.15
C GLY A 51 9.54 -7.88 -6.45
N ASN A 52 9.79 -8.85 -7.34
CA ASN A 52 8.89 -9.98 -7.58
C ASN A 52 9.34 -11.21 -6.77
N ARG A 53 10.65 -11.47 -6.72
CA ARG A 53 11.24 -12.68 -6.12
C ARG A 53 10.86 -12.88 -4.64
N TYR A 54 10.95 -11.83 -3.83
CA TYR A 54 10.58 -11.84 -2.41
C TYR A 54 9.06 -11.99 -2.24
N TYR A 55 8.26 -11.54 -3.20
CA TYR A 55 6.82 -11.58 -3.16
C TYR A 55 6.39 -13.04 -3.25
N GLU A 56 6.78 -13.73 -4.31
CA GLU A 56 6.56 -15.16 -4.54
C GLU A 56 6.97 -16.00 -3.32
N ALA A 57 7.87 -15.50 -2.49
CA ALA A 57 8.33 -16.19 -1.29
C ALA A 57 7.39 -16.17 -0.08
N ASN A 58 6.55 -15.15 0.06
CA ASN A 58 5.74 -14.92 1.26
C ASN A 58 4.70 -13.83 1.00
N TYR A 59 4.07 -13.91 -0.16
CA TYR A 59 3.03 -13.03 -0.69
C TYR A 59 1.81 -12.94 0.23
N TRP A 60 1.57 -13.99 1.01
CA TRP A 60 0.49 -14.05 1.98
C TRP A 60 0.63 -13.02 3.11
N GLN A 61 1.80 -12.38 3.25
CA GLN A 61 2.11 -11.47 4.35
C GLN A 61 1.98 -9.99 3.93
N PHE A 62 1.02 -9.67 3.06
CA PHE A 62 0.82 -8.35 2.47
C PHE A 62 -0.69 -8.05 2.35
N PRO A 63 -1.11 -6.76 2.25
CA PRO A 63 -2.52 -6.36 2.13
C PRO A 63 -3.16 -6.77 0.78
N ASP A 64 -4.44 -6.44 0.55
CA ASP A 64 -5.19 -6.71 -0.70
C ASP A 64 -6.10 -5.53 -1.11
N GLY A 65 -6.04 -4.44 -0.34
CA GLY A 65 -6.88 -3.26 -0.43
C GLY A 65 -6.64 -2.43 0.84
N ILE A 66 -7.06 -1.17 0.81
CA ILE A 66 -6.91 -0.21 1.91
C ILE A 66 -8.26 0.48 2.21
N HIS A 67 -8.33 1.08 3.41
CA HIS A 67 -9.48 1.71 4.04
C HIS A 67 -9.22 3.21 4.14
N TYR A 68 -8.88 3.82 3.01
CA TYR A 68 -8.53 5.22 2.90
C TYR A 68 -8.77 5.58 1.44
N ASN A 69 -9.29 6.77 1.18
CA ASN A 69 -9.59 7.27 -0.16
C ASN A 69 -9.42 8.79 -0.09
N GLY A 70 -9.16 9.47 -1.20
CA GLY A 70 -8.68 10.85 -1.16
C GLY A 70 -9.15 11.66 -2.36
N CYS A 71 -10.42 12.03 -2.36
CA CYS A 71 -11.00 12.89 -3.38
C CYS A 71 -11.43 14.26 -2.83
N SER A 72 -11.36 14.46 -1.51
CA SER A 72 -11.89 15.63 -0.83
C SER A 72 -11.14 16.92 -1.21
N GLU A 73 -9.80 16.96 -1.09
CA GLU A 73 -9.05 18.22 -1.21
C GLU A 73 -9.12 18.85 -2.61
N ALA A 74 -9.39 18.02 -3.61
CA ALA A 74 -9.68 18.38 -4.99
C ALA A 74 -8.47 18.97 -5.71
N ASN A 75 -7.33 18.94 -5.03
CA ASN A 75 -6.11 19.58 -5.49
C ASN A 75 -4.90 18.83 -4.93
N VAL A 76 -4.72 17.59 -5.40
CA VAL A 76 -3.69 16.68 -4.93
C VAL A 76 -3.17 15.91 -6.14
N THR A 77 -2.04 15.24 -6.01
CA THR A 77 -1.53 14.29 -6.99
C THR A 77 -1.33 12.95 -6.30
N LYS A 78 -1.16 11.88 -7.11
CA LYS A 78 -0.89 10.53 -6.63
C LYS A 78 0.09 10.53 -5.46
N GLU A 79 1.20 11.26 -5.54
CA GLU A 79 2.22 11.26 -4.50
C GLU A 79 1.62 11.77 -3.21
N ALA A 80 1.11 13.01 -3.24
CA ALA A 80 0.63 13.74 -2.08
C ALA A 80 -0.46 12.98 -1.35
N PHE A 81 -1.41 12.43 -2.11
CA PHE A 81 -2.50 11.63 -1.60
C PHE A 81 -1.99 10.29 -1.04
N VAL A 82 -1.28 9.49 -1.84
CA VAL A 82 -0.90 8.14 -1.44
C VAL A 82 0.10 8.19 -0.29
N THR A 83 1.01 9.14 -0.26
CA THR A 83 1.88 9.33 0.90
C THR A 83 1.03 9.65 2.14
N GLY A 84 0.00 10.50 2.05
CA GLY A 84 -0.91 10.74 3.17
C GLY A 84 -1.66 9.50 3.61
N CYS A 85 -2.01 8.63 2.66
CA CYS A 85 -2.66 7.34 2.90
C CYS A 85 -1.70 6.43 3.71
N ILE A 86 -0.43 6.43 3.33
CA ILE A 86 0.63 5.65 3.94
C ILE A 86 1.01 6.16 5.32
N ASN A 87 1.00 7.48 5.51
CA ASN A 87 1.24 8.07 6.82
C ASN A 87 0.21 7.59 7.84
N ALA A 88 -0.97 7.20 7.37
CA ALA A 88 -2.03 6.67 8.18
C ALA A 88 -1.84 5.15 8.37
N THR A 89 -1.70 4.38 7.28
CA THR A 89 -1.56 2.91 7.37
C THR A 89 -0.31 2.52 8.17
N GLN A 90 0.81 3.26 8.10
CA GLN A 90 2.02 2.84 8.79
C GLN A 90 1.82 2.78 10.30
N ALA A 91 0.95 3.65 10.81
CA ALA A 91 0.54 3.68 12.20
C ALA A 91 -0.59 2.70 12.51
N ALA A 92 -1.26 2.17 11.47
CA ALA A 92 -2.33 1.19 11.61
C ALA A 92 -1.66 -0.13 11.99
N ASN A 93 -0.80 -0.60 11.10
CA ASN A 93 -0.20 -1.94 11.13
C ASN A 93 1.27 -1.73 11.46
N GLN A 94 1.51 -1.12 12.62
CA GLN A 94 2.84 -0.93 13.18
C GLN A 94 3.59 -2.26 13.29
N GLY A 95 2.87 -3.34 13.57
CA GLY A 95 3.40 -4.70 13.51
C GLY A 95 4.09 -5.07 12.19
N GLU A 96 3.70 -4.44 11.06
CA GLU A 96 4.22 -4.75 9.73
C GLU A 96 5.39 -3.85 9.39
N PHE A 97 5.44 -2.66 9.98
CA PHE A 97 6.44 -1.63 9.69
C PHE A 97 7.44 -1.46 10.84
N GLN A 98 7.46 -2.44 11.75
CA GLN A 98 8.50 -2.67 12.75
C GLN A 98 8.90 -4.13 12.68
N LYS A 99 9.33 -4.61 11.51
CA LYS A 99 10.03 -5.88 11.42
C LYS A 99 11.46 -5.66 11.91
N PRO A 100 12.17 -6.69 12.39
CA PRO A 100 13.53 -6.52 12.86
C PRO A 100 14.53 -6.22 11.73
N ASP A 101 14.22 -6.57 10.48
CA ASP A 101 15.09 -6.32 9.33
C ASP A 101 14.21 -5.92 8.13
N ASN A 102 13.96 -6.86 7.22
CA ASN A 102 13.16 -6.78 5.99
C ASN A 102 13.56 -5.73 4.96
N LYS A 103 14.67 -6.00 4.25
CA LYS A 103 15.07 -5.23 3.08
C LYS A 103 13.94 -5.03 2.06
N LEU A 104 13.36 -6.13 1.60
CA LEU A 104 12.69 -6.19 0.31
C LEU A 104 11.22 -6.13 0.55
N HIS A 105 10.70 -6.96 1.45
CA HIS A 105 9.30 -6.99 1.81
C HIS A 105 8.85 -5.59 2.24
N GLN A 106 9.71 -4.75 2.84
CA GLN A 106 9.39 -3.36 3.12
C GLN A 106 9.17 -2.56 1.83
N GLN A 107 10.17 -2.52 0.94
CA GLN A 107 10.04 -1.85 -0.36
C GLN A 107 8.83 -2.36 -1.16
N VAL A 108 8.64 -3.67 -1.22
CA VAL A 108 7.47 -4.31 -1.82
C VAL A 108 6.22 -3.75 -1.14
N LEU A 109 6.12 -3.84 0.19
CA LEU A 109 4.94 -3.46 0.94
C LEU A 109 4.58 -2.02 0.66
N TRP A 110 5.55 -1.11 0.63
CA TRP A 110 5.34 0.28 0.26
C TRP A 110 4.80 0.36 -1.16
N ARG A 111 5.51 -0.13 -2.18
CA ARG A 111 5.06 -0.08 -3.59
C ARG A 111 3.64 -0.67 -3.77
N LEU A 112 3.35 -1.74 -3.05
CA LEU A 112 2.08 -2.45 -3.05
C LEU A 112 1.01 -1.56 -2.43
N VAL A 113 1.20 -1.08 -1.20
CA VAL A 113 0.21 -0.20 -0.57
C VAL A 113 0.06 1.12 -1.34
N GLN A 114 1.12 1.57 -2.03
CA GLN A 114 1.06 2.70 -2.93
C GLN A 114 0.01 2.46 -4.03
N GLU A 115 0.00 1.28 -4.65
CA GLU A 115 -1.06 0.90 -5.60
C GLU A 115 -2.44 0.85 -4.92
N LEU A 116 -2.54 0.20 -3.75
CA LEU A 116 -3.82 0.02 -3.06
C LEU A 116 -4.51 1.34 -2.73
N CYS A 117 -3.74 2.37 -2.38
CA CYS A 117 -4.28 3.72 -2.22
C CYS A 117 -4.67 4.29 -3.60
N SER A 118 -3.80 4.18 -4.61
CA SER A 118 -3.99 4.78 -5.94
C SER A 118 -5.28 4.34 -6.63
N LEU A 119 -5.59 3.05 -6.50
CA LEU A 119 -6.62 2.25 -7.16
C LEU A 119 -7.62 3.02 -8.04
N LYS A 120 -8.61 3.71 -7.47
CA LYS A 120 -9.52 4.61 -8.19
C LYS A 120 -9.23 5.99 -7.64
N HIS A 121 -8.38 6.73 -8.37
CA HIS A 121 -7.78 8.00 -7.97
C HIS A 121 -8.81 8.95 -7.36
N CYS A 122 -9.65 9.61 -8.17
CA CYS A 122 -10.64 10.60 -7.80
C CYS A 122 -11.18 11.14 -9.14
N GLU A 123 -10.61 12.25 -9.59
CA GLU A 123 -10.72 12.95 -10.85
C GLU A 123 -9.43 13.78 -10.96
N PHE A 124 -9.34 14.83 -11.80
CA PHE A 124 -8.29 15.86 -11.86
C PHE A 124 -6.91 15.30 -12.18
N TRP A 125 -6.27 14.64 -11.23
CA TRP A 125 -5.04 13.87 -11.33
C TRP A 125 -5.40 12.52 -11.96
N LEU A 126 -5.74 12.58 -13.25
CA LEU A 126 -6.57 11.60 -13.91
C LEU A 126 -5.73 10.75 -14.83
N GLU A 127 -5.17 9.74 -14.22
CA GLU A 127 -4.04 8.99 -14.75
C GLU A 127 -4.46 7.69 -15.46
N ALA A 29 -11.99 -2.58 11.50
CA ALA A 29 -10.63 -2.08 11.56
C ALA A 29 -10.32 -1.24 10.32
N GLU A 30 -11.08 -1.45 9.26
CA GLU A 30 -10.95 -0.82 7.96
C GLU A 30 -11.48 0.62 7.96
N ASN A 31 -12.24 1.03 8.99
CA ASN A 31 -12.64 2.43 9.18
C ASN A 31 -11.42 3.31 9.53
N ARG A 32 -10.26 2.71 9.81
CA ARG A 32 -9.04 3.46 10.05
C ARG A 32 -8.55 4.15 8.78
N PRO A 33 -7.82 5.25 8.95
CA PRO A 33 -7.22 5.92 7.82
C PRO A 33 -6.05 5.03 7.37
N GLY A 34 -6.02 4.69 6.08
CA GLY A 34 -5.14 3.65 5.60
C GLY A 34 -5.78 2.28 5.87
N ALA A 35 -5.82 1.87 7.15
CA ALA A 35 -6.05 0.50 7.56
C ALA A 35 -5.21 -0.46 6.69
N PHE A 36 -5.66 -1.70 6.43
CA PHE A 36 -5.02 -2.65 5.51
C PHE A 36 -6.07 -3.70 5.11
N ILE A 37 -6.31 -3.91 3.81
CA ILE A 37 -7.23 -4.95 3.36
C ILE A 37 -6.59 -6.33 3.57
N LYS A 38 -5.47 -6.57 2.89
CA LYS A 38 -4.67 -7.80 2.86
C LYS A 38 -5.50 -9.08 2.87
N GLN A 39 -6.31 -9.27 1.82
CA GLN A 39 -7.20 -10.44 1.74
C GLN A 39 -6.44 -11.78 1.79
N GLY A 40 -5.18 -11.83 1.35
CA GLY A 40 -4.45 -13.06 1.17
C GLY A 40 -4.63 -13.53 -0.26
N ARG A 41 -3.98 -12.84 -1.21
CA ARG A 41 -4.00 -13.16 -2.65
C ARG A 41 -2.57 -13.04 -3.16
N LYS A 42 -2.26 -13.66 -4.31
CA LYS A 42 -0.93 -13.53 -4.91
C LYS A 42 -0.84 -12.33 -5.84
N LEU A 43 -1.99 -11.72 -6.14
CA LEU A 43 -2.15 -10.47 -6.86
C LEU A 43 -1.42 -10.45 -8.20
N ASP A 44 -1.38 -9.29 -8.82
CA ASP A 44 -0.63 -9.07 -10.04
C ASP A 44 -0.17 -7.62 -10.02
N ILE A 45 1.03 -7.38 -9.47
CA ILE A 45 1.69 -6.09 -9.35
C ILE A 45 3.16 -6.33 -9.74
N ASP A 46 3.63 -5.82 -10.89
CA ASP A 46 4.96 -6.16 -11.42
C ASP A 46 6.03 -5.35 -10.70
N PHE A 47 6.87 -6.03 -9.92
CA PHE A 47 7.78 -5.45 -8.93
C PHE A 47 9.24 -5.37 -9.39
N GLY A 48 9.65 -6.04 -10.46
CA GLY A 48 11.06 -6.31 -10.67
C GLY A 48 11.45 -7.59 -9.93
N ALA A 49 12.70 -7.99 -10.12
CA ALA A 49 13.18 -9.33 -9.83
C ALA A 49 13.13 -9.70 -8.34
N GLU A 50 13.91 -9.01 -7.51
CA GLU A 50 13.97 -9.31 -6.08
C GLU A 50 12.60 -9.04 -5.44
N GLY A 51 11.90 -8.02 -5.91
CA GLY A 51 10.57 -7.66 -5.46
C GLY A 51 9.60 -8.82 -5.66
N ASN A 52 9.42 -9.27 -6.91
CA ASN A 52 8.52 -10.38 -7.23
C ASN A 52 8.95 -11.66 -6.53
N ARG A 53 10.25 -11.93 -6.44
CA ARG A 53 10.77 -13.07 -5.68
C ARG A 53 10.25 -13.04 -4.24
N TYR A 54 10.40 -11.90 -3.54
CA TYR A 54 9.95 -11.80 -2.16
C TYR A 54 8.42 -11.75 -2.08
N TYR A 55 7.72 -11.29 -3.12
CA TYR A 55 6.27 -11.34 -3.16
C TYR A 55 5.85 -12.80 -3.22
N GLU A 56 6.26 -13.58 -4.23
CA GLU A 56 5.95 -15.00 -4.43
C GLU A 56 6.23 -15.84 -3.18
N ALA A 57 7.20 -15.44 -2.37
CA ALA A 57 7.44 -16.06 -1.07
C ALA A 57 6.28 -15.92 -0.08
N ASN A 58 5.86 -14.69 0.23
CA ASN A 58 4.96 -14.36 1.35
C ASN A 58 3.92 -13.29 0.99
N TYR A 59 3.43 -13.32 -0.24
CA TYR A 59 2.51 -12.39 -0.91
C TYR A 59 1.26 -12.10 -0.08
N TRP A 60 0.73 -13.11 0.59
CA TRP A 60 -0.49 -13.06 1.38
C TRP A 60 -0.41 -12.06 2.54
N GLN A 61 0.80 -11.63 2.94
CA GLN A 61 1.02 -10.69 4.03
C GLN A 61 1.17 -9.25 3.53
N PHE A 62 0.51 -8.92 2.42
CA PHE A 62 0.50 -7.59 1.83
C PHE A 62 -0.95 -7.20 1.56
N PRO A 63 -1.26 -5.89 1.52
CA PRO A 63 -2.61 -5.38 1.31
C PRO A 63 -3.13 -5.72 -0.10
N ASP A 64 -4.38 -5.35 -0.40
CA ASP A 64 -5.04 -5.61 -1.69
C ASP A 64 -5.59 -4.31 -2.26
N GLY A 65 -6.36 -3.60 -1.45
CA GLY A 65 -6.75 -2.20 -1.59
C GLY A 65 -6.39 -1.49 -0.30
N ILE A 66 -6.38 -0.15 -0.26
CA ILE A 66 -6.36 0.67 0.96
C ILE A 66 -7.80 1.17 1.24
N HIS A 67 -7.98 1.94 2.31
CA HIS A 67 -9.25 2.52 2.75
C HIS A 67 -9.14 4.03 2.71
N TYR A 68 -8.76 4.66 3.83
CA TYR A 68 -8.47 6.09 3.90
C TYR A 68 -9.66 6.93 3.42
N ASN A 69 -10.88 6.49 3.76
CA ASN A 69 -12.16 7.03 3.31
C ASN A 69 -12.33 7.06 1.79
N GLY A 70 -11.49 6.34 1.04
CA GLY A 70 -11.44 6.34 -0.41
C GLY A 70 -10.75 7.59 -0.96
N CYS A 71 -11.12 8.77 -0.47
CA CYS A 71 -10.40 9.99 -0.77
C CYS A 71 -10.39 10.97 0.40
N SER A 72 -11.55 11.54 0.73
CA SER A 72 -11.77 12.76 1.49
C SER A 72 -11.10 14.01 0.89
N GLU A 73 -9.88 13.91 0.37
CA GLU A 73 -9.17 15.00 -0.28
C GLU A 73 -9.81 15.39 -1.61
N ALA A 74 -9.48 16.60 -2.04
CA ALA A 74 -9.96 17.25 -3.25
C ALA A 74 -8.85 18.03 -3.97
N ASN A 75 -7.65 18.15 -3.40
CA ASN A 75 -6.60 19.07 -3.84
C ASN A 75 -5.22 18.43 -3.72
N VAL A 76 -5.00 17.28 -4.35
CA VAL A 76 -3.78 16.47 -4.20
C VAL A 76 -3.37 15.85 -5.55
N THR A 77 -2.10 15.47 -5.66
CA THR A 77 -1.54 14.75 -6.80
C THR A 77 -1.04 13.38 -6.31
N LYS A 78 -0.45 12.57 -7.18
CA LYS A 78 0.30 11.38 -6.80
C LYS A 78 1.53 11.65 -5.92
N GLU A 79 1.84 12.89 -5.55
CA GLU A 79 2.85 13.18 -4.53
C GLU A 79 2.22 13.53 -3.17
N ALA A 80 0.89 13.66 -3.11
CA ALA A 80 0.15 14.05 -1.93
C ALA A 80 -0.87 13.00 -1.50
N PHE A 81 -1.63 12.46 -2.45
CA PHE A 81 -2.72 11.54 -2.22
C PHE A 81 -2.20 10.23 -1.63
N VAL A 82 -1.39 9.51 -2.40
CA VAL A 82 -0.80 8.23 -2.02
C VAL A 82 0.07 8.41 -0.77
N THR A 83 0.90 9.45 -0.75
CA THR A 83 1.64 9.92 0.40
C THR A 83 0.74 9.96 1.64
N GLY A 84 -0.38 10.68 1.63
CA GLY A 84 -1.28 10.77 2.76
C GLY A 84 -1.78 9.38 3.18
N CYS A 85 -2.05 8.52 2.21
CA CYS A 85 -2.50 7.14 2.42
C CYS A 85 -1.44 6.34 3.18
N ILE A 86 -0.17 6.56 2.84
CA ILE A 86 0.96 5.89 3.46
C ILE A 86 1.24 6.44 4.85
N ASN A 87 1.14 7.75 5.03
CA ASN A 87 1.35 8.36 6.36
C ASN A 87 0.23 7.92 7.31
N ALA A 88 -0.93 7.55 6.76
CA ALA A 88 -2.06 7.05 7.50
C ALA A 88 -1.91 5.56 7.81
N THR A 89 -1.65 4.73 6.79
CA THR A 89 -1.50 3.29 6.96
C THR A 89 -0.34 2.98 7.91
N GLN A 90 0.78 3.72 7.82
CA GLN A 90 1.92 3.41 8.70
C GLN A 90 1.50 3.53 10.16
N ALA A 91 0.63 4.48 10.48
CA ALA A 91 0.06 4.68 11.81
C ALA A 91 -1.13 3.76 12.08
N ALA A 92 -1.73 3.16 11.04
CA ALA A 92 -2.72 2.12 11.22
C ALA A 92 -2.00 0.87 11.76
N ASN A 93 -0.83 0.56 11.18
CA ASN A 93 -0.21 -0.75 11.30
C ASN A 93 1.26 -0.59 11.68
N GLN A 94 1.57 0.23 12.68
CA GLN A 94 2.95 0.45 13.14
C GLN A 94 3.63 -0.87 13.57
N GLY A 95 2.84 -1.85 14.02
CA GLY A 95 3.33 -3.18 14.37
C GLY A 95 3.64 -4.05 13.16
N GLU A 96 3.32 -3.63 11.94
CA GLU A 96 3.38 -4.43 10.74
C GLU A 96 4.54 -3.89 9.89
N PHE A 97 4.54 -2.59 9.59
CA PHE A 97 5.58 -1.91 8.81
C PHE A 97 6.94 -1.79 9.50
N GLN A 98 7.14 -2.37 10.68
CA GLN A 98 8.47 -2.65 11.21
C GLN A 98 8.59 -4.15 11.46
N LYS A 99 8.79 -4.95 10.39
CA LYS A 99 9.38 -6.27 10.56
C LYS A 99 10.86 -6.10 10.87
N PRO A 100 11.51 -7.12 11.46
CA PRO A 100 12.95 -7.09 11.69
C PRO A 100 13.71 -7.43 10.39
N ASP A 101 13.05 -8.13 9.47
CA ASP A 101 13.59 -8.53 8.17
C ASP A 101 14.01 -7.30 7.37
N ASN A 102 13.13 -6.28 7.37
CA ASN A 102 13.16 -4.92 6.82
C ASN A 102 13.75 -4.69 5.41
N LYS A 103 14.27 -5.71 4.75
CA LYS A 103 14.88 -5.63 3.43
C LYS A 103 13.78 -5.57 2.39
N LEU A 104 13.40 -6.72 1.84
CA LEU A 104 12.58 -6.73 0.65
C LEU A 104 11.13 -6.57 1.04
N HIS A 105 10.68 -7.14 2.15
CA HIS A 105 9.31 -6.97 2.62
C HIS A 105 8.95 -5.48 2.67
N GLN A 106 9.84 -4.66 3.24
CA GLN A 106 9.69 -3.20 3.34
C GLN A 106 9.64 -2.58 1.95
N GLN A 107 10.64 -2.88 1.11
CA GLN A 107 10.74 -2.37 -0.24
C GLN A 107 9.52 -2.68 -1.10
N VAL A 108 9.06 -3.94 -1.07
CA VAL A 108 7.83 -4.38 -1.72
C VAL A 108 6.71 -3.53 -1.16
N LEU A 109 6.54 -3.47 0.17
CA LEU A 109 5.39 -2.80 0.78
C LEU A 109 5.31 -1.36 0.32
N TRP A 110 6.43 -0.63 0.24
CA TRP A 110 6.39 0.75 -0.20
C TRP A 110 5.85 0.87 -1.63
N ARG A 111 6.37 0.09 -2.59
CA ARG A 111 5.86 0.11 -3.95
C ARG A 111 4.40 -0.38 -4.00
N LEU A 112 4.07 -1.44 -3.26
CA LEU A 112 2.75 -2.06 -3.17
C LEU A 112 1.72 -1.01 -2.74
N VAL A 113 1.90 -0.38 -1.57
CA VAL A 113 0.91 0.53 -1.00
C VAL A 113 0.90 1.86 -1.77
N GLN A 114 2.02 2.24 -2.40
CA GLN A 114 1.97 3.32 -3.37
C GLN A 114 1.01 2.95 -4.51
N GLU A 115 1.10 1.74 -5.06
CA GLU A 115 0.29 1.29 -6.19
C GLU A 115 -1.20 1.21 -5.84
N LEU A 116 -1.53 0.73 -4.65
CA LEU A 116 -2.92 0.68 -4.17
C LEU A 116 -3.57 2.06 -4.15
N CYS A 117 -2.78 3.10 -3.92
CA CYS A 117 -3.20 4.50 -3.91
C CYS A 117 -2.80 5.20 -5.24
N SER A 118 -2.42 4.43 -6.27
CA SER A 118 -2.14 4.87 -7.64
C SER A 118 -3.17 4.35 -8.65
N LEU A 119 -3.91 3.32 -8.28
CA LEU A 119 -4.72 2.49 -9.15
C LEU A 119 -5.80 3.28 -9.91
N LYS A 120 -6.25 4.41 -9.37
CA LYS A 120 -7.14 5.38 -10.00
C LYS A 120 -6.83 6.78 -9.45
N HIS A 121 -7.39 7.83 -10.03
CA HIS A 121 -7.42 9.16 -9.43
C HIS A 121 -8.74 9.35 -8.67
N CYS A 122 -8.82 10.39 -7.83
CA CYS A 122 -10.10 10.81 -7.27
C CYS A 122 -10.84 11.66 -8.30
N GLU A 123 -10.38 12.88 -8.64
CA GLU A 123 -10.97 13.67 -9.74
C GLU A 123 -10.12 14.90 -10.13
N PHE A 124 -9.66 15.74 -9.20
CA PHE A 124 -9.05 17.04 -9.55
C PHE A 124 -7.89 16.92 -10.55
N TRP A 125 -7.11 15.88 -10.35
CA TRP A 125 -5.87 15.51 -10.99
C TRP A 125 -6.13 14.40 -12.02
N LEU A 126 -7.25 14.51 -12.73
CA LEU A 126 -7.74 13.47 -13.64
C LEU A 126 -6.86 13.21 -14.84
N GLU A 127 -6.18 14.26 -15.28
CA GLU A 127 -5.32 14.33 -16.46
C GLU A 127 -5.98 13.59 -17.62
N ALA A 29 -10.64 -2.97 13.81
CA ALA A 29 -9.60 -1.94 13.86
C ALA A 29 -9.09 -1.59 12.46
N GLU A 30 -9.41 -2.47 11.52
CA GLU A 30 -9.34 -2.29 10.10
C GLU A 30 -10.18 -1.08 9.61
N ASN A 31 -11.08 -0.54 10.43
CA ASN A 31 -11.74 0.75 10.19
C ASN A 31 -10.75 1.91 9.98
N ARG A 32 -9.50 1.77 10.45
CA ARG A 32 -8.50 2.83 10.47
C ARG A 32 -8.29 3.48 9.11
N PRO A 33 -7.91 4.77 9.11
CA PRO A 33 -7.51 5.45 7.90
C PRO A 33 -6.17 4.86 7.49
N GLY A 34 -6.18 4.01 6.46
CA GLY A 34 -4.99 3.34 6.00
C GLY A 34 -4.84 1.94 6.59
N ALA A 35 -5.80 1.39 7.34
CA ALA A 35 -5.69 0.00 7.77
C ALA A 35 -5.50 -0.93 6.57
N PHE A 36 -4.72 -2.00 6.76
CA PHE A 36 -4.53 -3.03 5.75
C PHE A 36 -5.72 -4.01 5.79
N ILE A 37 -6.39 -4.25 4.67
CA ILE A 37 -7.45 -5.27 4.53
C ILE A 37 -6.88 -6.67 4.78
N LYS A 38 -5.72 -6.97 4.17
CA LYS A 38 -4.84 -8.07 4.58
C LYS A 38 -5.52 -9.45 4.60
N GLN A 39 -5.68 -10.08 3.43
CA GLN A 39 -6.35 -11.39 3.30
C GLN A 39 -5.40 -12.54 2.99
N GLY A 40 -4.16 -12.26 2.58
CA GLY A 40 -3.19 -13.25 2.13
C GLY A 40 -3.46 -13.63 0.68
N ARG A 41 -3.09 -12.76 -0.26
CA ARG A 41 -3.23 -12.99 -1.71
C ARG A 41 -1.95 -12.63 -2.44
N LYS A 42 -1.82 -13.09 -3.68
CA LYS A 42 -0.76 -12.68 -4.60
C LYS A 42 -1.37 -11.69 -5.56
N LEU A 43 -1.16 -10.40 -5.31
CA LEU A 43 -1.62 -9.37 -6.21
C LEU A 43 -0.74 -9.35 -7.45
N ASP A 44 -1.30 -8.90 -8.56
CA ASP A 44 -0.66 -8.92 -9.86
C ASP A 44 -0.17 -7.50 -10.14
N ILE A 45 0.96 -7.15 -9.53
CA ILE A 45 1.52 -5.81 -9.52
C ILE A 45 2.97 -5.91 -10.02
N ASP A 46 3.47 -4.86 -10.69
CA ASP A 46 4.79 -4.83 -11.29
C ASP A 46 5.79 -4.22 -10.30
N PHE A 47 6.69 -5.02 -9.74
CA PHE A 47 7.78 -4.58 -8.88
C PHE A 47 9.13 -4.71 -9.59
N GLY A 48 9.28 -5.64 -10.55
CA GLY A 48 10.50 -5.86 -11.33
C GLY A 48 11.15 -7.17 -10.91
N ALA A 49 12.27 -7.11 -10.18
CA ALA A 49 13.07 -8.26 -9.80
C ALA A 49 12.92 -8.56 -8.32
N GLU A 50 13.85 -8.09 -7.48
CA GLU A 50 13.98 -8.48 -6.08
C GLU A 50 12.66 -8.38 -5.33
N GLY A 51 11.93 -7.27 -5.47
CA GLY A 51 10.67 -7.07 -4.80
C GLY A 51 9.62 -8.06 -5.27
N ASN A 52 9.47 -8.21 -6.58
CA ASN A 52 8.46 -9.10 -7.14
C ASN A 52 8.75 -10.54 -6.74
N ARG A 53 9.99 -11.01 -6.90
CA ARG A 53 10.42 -12.32 -6.46
C ARG A 53 10.21 -12.52 -4.97
N TYR A 54 10.56 -11.54 -4.13
CA TYR A 54 10.28 -11.63 -2.71
C TYR A 54 8.78 -11.68 -2.43
N TYR A 55 7.96 -10.98 -3.21
CA TYR A 55 6.52 -11.06 -3.10
C TYR A 55 6.11 -12.49 -3.40
N GLU A 56 6.49 -13.05 -4.56
CA GLU A 56 6.20 -14.42 -4.94
C GLU A 56 6.66 -15.46 -3.90
N ALA A 57 7.61 -15.10 -3.04
CA ALA A 57 8.08 -15.96 -1.96
C ALA A 57 7.12 -16.04 -0.78
N ASN A 58 6.46 -14.94 -0.41
CA ASN A 58 5.70 -14.79 0.83
C ASN A 58 4.61 -13.73 0.65
N TYR A 59 3.90 -13.80 -0.47
CA TYR A 59 2.87 -12.85 -0.89
C TYR A 59 1.68 -12.87 0.05
N TRP A 60 1.43 -14.04 0.63
CA TRP A 60 0.35 -14.36 1.57
C TRP A 60 0.42 -13.60 2.89
N GLN A 61 1.20 -12.51 2.99
CA GLN A 61 1.51 -11.79 4.21
C GLN A 61 1.30 -10.27 4.07
N PHE A 62 0.60 -9.79 3.04
CA PHE A 62 0.50 -8.37 2.63
C PHE A 62 -0.96 -7.88 2.63
N PRO A 63 -1.25 -6.57 2.49
CA PRO A 63 -2.61 -6.10 2.29
C PRO A 63 -3.15 -6.55 0.94
N ASP A 64 -4.41 -7.00 0.92
CA ASP A 64 -5.24 -7.11 -0.27
C ASP A 64 -5.45 -5.72 -0.87
N GLY A 65 -5.88 -4.79 -0.01
CA GLY A 65 -6.16 -3.41 -0.29
C GLY A 65 -6.08 -2.60 1.00
N ILE A 66 -6.37 -1.31 0.90
CA ILE A 66 -6.47 -0.38 2.02
C ILE A 66 -7.92 0.10 2.12
N HIS A 67 -8.24 0.61 3.29
CA HIS A 67 -9.44 1.38 3.58
C HIS A 67 -9.15 2.81 3.11
N TYR A 68 -9.17 3.81 4.01
CA TYR A 68 -8.78 5.21 3.78
C TYR A 68 -9.81 5.91 2.89
N ASN A 69 -10.12 7.19 3.19
CA ASN A 69 -11.23 7.87 2.51
C ASN A 69 -10.91 7.99 1.02
N GLY A 70 -11.90 7.72 0.18
CA GLY A 70 -11.86 8.09 -1.22
C GLY A 70 -12.54 9.41 -1.39
N CYS A 71 -11.96 10.21 -2.27
CA CYS A 71 -12.48 11.50 -2.65
C CYS A 71 -12.61 12.39 -1.40
N SER A 72 -11.52 12.50 -0.65
CA SER A 72 -11.35 13.41 0.47
C SER A 72 -10.72 14.72 0.01
N GLU A 73 -9.93 14.69 -1.05
CA GLU A 73 -9.13 15.80 -1.53
C GLU A 73 -9.34 15.91 -3.04
N ALA A 74 -8.99 17.04 -3.65
CA ALA A 74 -9.13 17.20 -5.09
C ALA A 74 -8.10 18.18 -5.67
N ASN A 75 -7.03 18.49 -4.94
CA ASN A 75 -6.00 19.46 -5.35
C ASN A 75 -4.61 18.91 -5.02
N VAL A 76 -4.38 17.64 -5.33
CA VAL A 76 -3.25 16.82 -4.88
C VAL A 76 -2.64 16.07 -6.07
N THR A 77 -1.69 15.18 -5.84
CA THR A 77 -1.06 14.38 -6.88
C THR A 77 -0.85 12.95 -6.38
N LYS A 78 -0.39 12.06 -7.26
CA LYS A 78 0.13 10.74 -6.93
C LYS A 78 1.33 10.76 -5.99
N GLU A 79 1.93 11.92 -5.75
CA GLU A 79 2.83 12.11 -4.62
C GLU A 79 1.97 12.42 -3.41
N ALA A 80 1.44 13.65 -3.31
CA ALA A 80 0.86 14.21 -2.10
C ALA A 80 -0.17 13.31 -1.43
N PHE A 81 -1.15 12.84 -2.22
CA PHE A 81 -2.24 12.03 -1.70
C PHE A 81 -1.75 10.64 -1.32
N VAL A 82 -1.02 9.94 -2.21
CA VAL A 82 -0.57 8.57 -1.96
C VAL A 82 0.35 8.55 -0.72
N THR A 83 1.23 9.55 -0.60
CA THR A 83 2.02 9.84 0.58
C THR A 83 1.13 10.02 1.82
N GLY A 84 0.06 10.80 1.73
CA GLY A 84 -0.88 11.00 2.84
C GLY A 84 -1.42 9.65 3.32
N CYS A 85 -1.81 8.79 2.38
CA CYS A 85 -2.32 7.46 2.72
C CYS A 85 -1.25 6.65 3.46
N ILE A 86 0.01 6.74 3.02
CA ILE A 86 1.14 6.06 3.63
C ILE A 86 1.46 6.60 5.03
N ASN A 87 1.31 7.90 5.23
CA ASN A 87 1.50 8.52 6.53
C ASN A 87 0.44 8.07 7.53
N ALA A 88 -0.70 7.60 7.01
CA ALA A 88 -1.82 7.10 7.77
C ALA A 88 -1.66 5.59 8.03
N THR A 89 -1.35 4.80 6.99
CA THR A 89 -1.20 3.36 7.08
C THR A 89 -0.02 2.96 7.97
N GLN A 90 1.09 3.72 7.95
CA GLN A 90 2.22 3.36 8.79
C GLN A 90 1.82 3.33 10.26
N ALA A 91 1.03 4.32 10.68
CA ALA A 91 0.45 4.42 12.00
C ALA A 91 -0.73 3.46 12.17
N ALA A 92 -1.32 2.91 11.10
CA ALA A 92 -2.32 1.88 11.20
C ALA A 92 -1.67 0.59 11.71
N ASN A 93 -0.66 0.10 11.00
CA ASN A 93 -0.09 -1.25 11.20
C ASN A 93 1.37 -1.15 11.65
N GLN A 94 1.68 -0.37 12.70
CA GLN A 94 3.06 -0.06 13.07
C GLN A 94 3.93 -1.31 13.22
N GLY A 95 3.56 -2.25 14.09
CA GLY A 95 4.35 -3.44 14.31
C GLY A 95 4.39 -4.39 13.11
N GLU A 96 3.62 -4.14 12.05
CA GLU A 96 3.62 -5.00 10.87
C GLU A 96 4.72 -4.59 9.91
N PHE A 97 5.03 -3.29 9.80
CA PHE A 97 6.17 -2.87 8.99
C PHE A 97 7.53 -3.31 9.59
N GLN A 98 7.59 -3.87 10.81
CA GLN A 98 8.80 -4.51 11.33
C GLN A 98 9.06 -5.85 10.61
N LYS A 99 8.12 -6.78 10.82
CA LYS A 99 8.21 -8.22 10.76
C LYS A 99 9.31 -8.79 11.65
N PRO A 100 9.16 -10.05 12.11
CA PRO A 100 10.22 -10.75 12.81
C PRO A 100 11.51 -10.79 11.99
N ASP A 101 11.36 -11.01 10.70
CA ASP A 101 12.47 -11.04 9.74
C ASP A 101 11.87 -11.04 8.36
N ASN A 102 11.87 -9.88 7.73
CA ASN A 102 11.64 -9.74 6.30
C ASN A 102 12.38 -8.47 5.87
N LYS A 103 13.28 -8.55 4.89
CA LYS A 103 13.97 -7.37 4.33
C LYS A 103 13.12 -6.80 3.21
N LEU A 104 13.19 -7.44 2.04
CA LEU A 104 12.66 -6.92 0.78
C LEU A 104 11.18 -6.61 0.90
N HIS A 105 10.46 -7.25 1.82
CA HIS A 105 9.05 -6.98 2.05
C HIS A 105 8.79 -5.51 2.30
N GLN A 106 9.71 -4.71 2.83
CA GLN A 106 9.51 -3.28 3.05
C GLN A 106 9.40 -2.55 1.71
N GLN A 107 10.43 -2.71 0.88
CA GLN A 107 10.43 -2.25 -0.49
C GLN A 107 9.19 -2.72 -1.28
N VAL A 108 8.74 -3.96 -1.09
CA VAL A 108 7.48 -4.45 -1.68
C VAL A 108 6.32 -3.65 -1.07
N LEU A 109 6.18 -3.66 0.25
CA LEU A 109 5.02 -3.16 0.99
C LEU A 109 4.73 -1.75 0.55
N TRP A 110 5.76 -0.90 0.49
CA TRP A 110 5.66 0.48 0.04
C TRP A 110 5.15 0.57 -1.39
N ARG A 111 5.83 -0.04 -2.37
CA ARG A 111 5.38 -0.04 -3.77
C ARG A 111 3.94 -0.55 -3.91
N LEU A 112 3.57 -1.57 -3.14
CA LEU A 112 2.26 -2.19 -3.10
C LEU A 112 1.26 -1.16 -2.54
N VAL A 113 1.47 -0.62 -1.34
CA VAL A 113 0.54 0.35 -0.73
C VAL A 113 0.47 1.66 -1.52
N GLN A 114 1.54 2.07 -2.20
CA GLN A 114 1.53 3.14 -3.17
C GLN A 114 0.52 2.84 -4.27
N GLU A 115 0.60 1.66 -4.90
CA GLU A 115 -0.27 1.30 -6.01
C GLU A 115 -1.72 1.21 -5.54
N LEU A 116 -1.96 0.65 -4.35
CA LEU A 116 -3.27 0.49 -3.75
C LEU A 116 -3.98 1.85 -3.70
N CYS A 117 -3.36 2.88 -3.09
CA CYS A 117 -4.02 4.19 -3.00
C CYS A 117 -4.14 4.83 -4.39
N SER A 118 -3.06 4.77 -5.17
CA SER A 118 -2.98 5.40 -6.49
C SER A 118 -4.10 4.91 -7.41
N LEU A 119 -4.23 3.59 -7.55
CA LEU A 119 -5.06 2.82 -8.46
C LEU A 119 -5.37 3.51 -9.80
N LYS A 120 -6.42 4.32 -9.91
CA LYS A 120 -6.58 5.25 -11.02
C LYS A 120 -6.60 6.68 -10.49
N HIS A 121 -7.59 7.04 -9.66
CA HIS A 121 -7.70 8.19 -8.74
C HIS A 121 -9.11 8.28 -8.15
N CYS A 122 -9.37 9.29 -7.30
CA CYS A 122 -10.66 9.84 -6.88
C CYS A 122 -10.52 11.38 -6.71
N GLU A 123 -9.78 12.06 -7.59
CA GLU A 123 -9.35 13.45 -7.37
C GLU A 123 -9.63 14.28 -8.64
N PHE A 124 -8.65 15.04 -9.15
CA PHE A 124 -8.76 15.85 -10.37
C PHE A 124 -7.74 15.45 -11.44
N TRP A 125 -6.68 14.72 -11.05
CA TRP A 125 -5.63 14.24 -11.94
C TRP A 125 -6.11 12.99 -12.71
N LEU A 126 -7.31 13.05 -13.28
CA LEU A 126 -7.87 11.98 -14.09
C LEU A 126 -7.02 11.83 -15.34
N GLU A 127 -6.71 10.59 -15.71
CA GLU A 127 -5.94 10.23 -16.90
C GLU A 127 -6.76 10.38 -18.20
N ALA A 29 -11.97 -2.05 12.82
CA ALA A 29 -10.56 -1.83 12.58
C ALA A 29 -10.19 -1.66 11.10
N GLU A 30 -10.63 -2.55 10.22
CA GLU A 30 -10.38 -2.48 8.79
C GLU A 30 -10.93 -1.19 8.18
N ASN A 31 -12.00 -0.63 8.74
CA ASN A 31 -12.57 0.64 8.31
C ASN A 31 -11.62 1.85 8.48
N ARG A 32 -10.39 1.67 8.98
CA ARG A 32 -9.43 2.74 9.17
C ARG A 32 -8.91 3.29 7.85
N PRO A 33 -8.47 4.54 7.88
CA PRO A 33 -7.64 5.05 6.82
C PRO A 33 -6.31 4.32 6.89
N GLY A 34 -6.00 3.50 5.89
CA GLY A 34 -4.74 2.79 5.84
C GLY A 34 -4.76 1.41 6.50
N ALA A 35 -5.89 0.87 6.96
CA ALA A 35 -5.90 -0.56 7.32
C ALA A 35 -5.49 -1.41 6.12
N PHE A 36 -4.75 -2.50 6.36
CA PHE A 36 -4.36 -3.46 5.33
C PHE A 36 -5.53 -4.43 5.08
N ILE A 37 -6.08 -4.53 3.86
CA ILE A 37 -7.17 -5.50 3.56
C ILE A 37 -6.67 -6.95 3.76
N LYS A 38 -5.54 -7.31 3.13
CA LYS A 38 -4.88 -8.63 3.16
C LYS A 38 -5.85 -9.81 3.12
N GLN A 39 -6.39 -10.06 1.94
CA GLN A 39 -7.07 -11.31 1.64
C GLN A 39 -6.12 -12.51 1.74
N GLY A 40 -4.83 -12.32 1.43
CA GLY A 40 -3.86 -13.41 1.37
C GLY A 40 -3.60 -13.89 -0.06
N ARG A 41 -3.94 -13.11 -1.09
CA ARG A 41 -3.72 -13.46 -2.51
C ARG A 41 -2.50 -12.76 -3.08
N LYS A 42 -1.84 -13.37 -4.08
CA LYS A 42 -0.90 -12.63 -4.93
C LYS A 42 -1.71 -11.77 -5.88
N LEU A 43 -1.13 -10.65 -6.31
CA LEU A 43 -1.48 -9.89 -7.47
C LEU A 43 -0.27 -9.73 -8.36
N ASP A 44 -0.51 -8.99 -9.42
CA ASP A 44 0.40 -8.88 -10.57
C ASP A 44 0.95 -7.46 -10.58
N ILE A 45 1.55 -7.07 -9.46
CA ILE A 45 1.93 -5.69 -9.19
C ILE A 45 3.23 -5.40 -9.95
N ASP A 46 3.49 -4.14 -10.23
CA ASP A 46 4.66 -3.66 -10.96
C ASP A 46 5.85 -3.54 -10.00
N PHE A 47 6.37 -4.69 -9.55
CA PHE A 47 7.56 -4.80 -8.72
C PHE A 47 8.80 -5.13 -9.56
N GLY A 48 8.64 -5.79 -10.70
CA GLY A 48 9.70 -5.99 -11.65
C GLY A 48 10.38 -7.31 -11.35
N ALA A 49 11.45 -7.30 -10.55
CA ALA A 49 12.36 -8.43 -10.43
C ALA A 49 12.42 -8.95 -9.00
N GLU A 50 13.46 -8.59 -8.25
CA GLU A 50 13.68 -8.96 -6.85
C GLU A 50 12.43 -8.75 -6.00
N GLY A 51 11.72 -7.64 -6.25
CA GLY A 51 10.49 -7.31 -5.55
C GLY A 51 9.44 -8.39 -5.80
N ASN A 52 9.09 -8.64 -7.06
CA ASN A 52 8.11 -9.66 -7.44
C ASN A 52 8.53 -11.04 -6.90
N ARG A 53 9.81 -11.40 -6.98
CA ARG A 53 10.30 -12.63 -6.34
C ARG A 53 9.99 -12.67 -4.86
N TYR A 54 10.36 -11.65 -4.08
CA TYR A 54 10.10 -11.65 -2.65
C TYR A 54 8.60 -11.55 -2.35
N TYR A 55 7.78 -11.07 -3.29
CA TYR A 55 6.33 -11.12 -3.18
C TYR A 55 5.89 -12.57 -3.10
N GLU A 56 6.23 -13.42 -4.08
CA GLU A 56 5.82 -14.82 -4.14
C GLU A 56 6.12 -15.59 -2.85
N ALA A 57 7.08 -15.11 -2.06
CA ALA A 57 7.51 -15.74 -0.83
C ALA A 57 6.64 -15.45 0.40
N ASN A 58 5.87 -14.36 0.40
CA ASN A 58 5.23 -13.80 1.60
C ASN A 58 4.22 -12.70 1.24
N TYR A 59 3.65 -12.76 0.04
CA TYR A 59 2.62 -11.86 -0.47
C TYR A 59 1.41 -11.79 0.47
N TRP A 60 1.05 -12.90 1.10
CA TRP A 60 -0.11 -12.97 1.99
C TRP A 60 0.08 -12.14 3.26
N GLN A 61 1.34 -11.80 3.58
CA GLN A 61 1.67 -10.92 4.70
C GLN A 61 1.28 -9.48 4.33
N PHE A 62 1.13 -9.17 3.04
CA PHE A 62 0.91 -7.82 2.52
C PHE A 62 -0.59 -7.61 2.25
N PRO A 63 -1.04 -6.33 2.12
CA PRO A 63 -2.43 -6.01 1.84
C PRO A 63 -2.84 -6.43 0.43
N ASP A 64 -4.05 -6.03 0.04
CA ASP A 64 -4.71 -6.47 -1.18
C ASP A 64 -5.19 -5.22 -1.91
N GLY A 65 -6.08 -4.49 -1.26
CA GLY A 65 -6.23 -3.05 -1.38
C GLY A 65 -5.83 -2.40 -0.05
N ILE A 66 -5.79 -1.07 -0.03
CA ILE A 66 -5.94 -0.27 1.17
C ILE A 66 -7.33 0.38 1.10
N HIS A 67 -7.92 0.59 2.27
CA HIS A 67 -9.19 1.28 2.47
C HIS A 67 -9.01 2.76 2.10
N TYR A 68 -8.65 3.60 3.09
CA TYR A 68 -8.34 5.03 2.95
C TYR A 68 -9.42 5.77 2.13
N ASN A 69 -10.60 5.92 2.75
CA ASN A 69 -11.74 6.64 2.20
C ASN A 69 -11.44 8.13 2.19
N GLY A 70 -11.06 8.66 1.03
CA GLY A 70 -10.65 10.04 0.90
C GLY A 70 -10.56 10.40 -0.58
N CYS A 71 -11.71 10.67 -1.18
CA CYS A 71 -11.83 11.09 -2.58
C CYS A 71 -12.58 12.43 -2.68
N SER A 72 -12.26 13.37 -1.78
CA SER A 72 -12.75 14.74 -1.76
C SER A 72 -11.57 15.66 -1.37
N GLU A 73 -10.86 16.25 -2.33
CA GLU A 73 -9.81 17.21 -2.04
C GLU A 73 -9.72 18.33 -3.07
N ALA A 74 -9.94 18.03 -4.36
CA ALA A 74 -10.00 19.02 -5.43
C ALA A 74 -8.65 19.73 -5.65
N ASN A 75 -7.60 19.14 -5.09
CA ASN A 75 -6.22 19.51 -5.28
C ASN A 75 -5.39 18.39 -4.70
N VAL A 76 -5.30 17.26 -5.40
CA VAL A 76 -4.48 16.14 -4.97
C VAL A 76 -3.76 15.52 -6.16
N THR A 77 -2.78 14.67 -5.87
CA THR A 77 -2.00 13.92 -6.85
C THR A 77 -1.52 12.61 -6.26
N LYS A 78 -1.01 11.75 -7.13
CA LYS A 78 -0.30 10.52 -6.84
C LYS A 78 0.96 10.69 -5.98
N GLU A 79 1.31 11.90 -5.54
CA GLU A 79 2.39 12.15 -4.61
C GLU A 79 1.88 12.84 -3.33
N ALA A 80 0.60 13.18 -3.24
CA ALA A 80 -0.06 13.81 -2.09
C ALA A 80 -1.01 12.82 -1.40
N PHE A 81 -1.84 12.14 -2.20
CA PHE A 81 -2.86 11.20 -1.76
C PHE A 81 -2.23 9.97 -1.11
N VAL A 82 -1.44 9.23 -1.90
CA VAL A 82 -0.87 7.96 -1.47
C VAL A 82 0.03 8.17 -0.24
N THR A 83 0.84 9.23 -0.26
CA THR A 83 1.56 9.79 0.87
C THR A 83 0.69 9.88 2.14
N GLY A 84 -0.48 10.53 2.07
CA GLY A 84 -1.38 10.62 3.22
C GLY A 84 -1.85 9.23 3.68
N CYS A 85 -2.11 8.35 2.72
CA CYS A 85 -2.41 6.95 3.01
C CYS A 85 -1.25 6.31 3.77
N ILE A 86 0.00 6.52 3.36
CA ILE A 86 1.19 5.94 3.97
C ILE A 86 1.39 6.47 5.39
N ASN A 87 1.09 7.74 5.62
CA ASN A 87 1.10 8.30 6.97
C ASN A 87 0.09 7.57 7.86
N ALA A 88 -1.05 7.19 7.30
CA ALA A 88 -2.11 6.56 8.04
C ALA A 88 -1.85 5.06 8.24
N THR A 89 -1.33 4.37 7.22
CA THR A 89 -1.08 2.94 7.19
C THR A 89 0.16 2.58 8.00
N GLN A 90 1.19 3.45 8.04
CA GLN A 90 2.39 3.11 8.80
C GLN A 90 2.04 2.90 10.27
N ALA A 91 1.10 3.71 10.77
CA ALA A 91 0.51 3.60 12.09
C ALA A 91 -0.48 2.43 12.17
N ALA A 92 -1.18 2.10 11.07
CA ALA A 92 -2.15 1.01 11.08
C ALA A 92 -1.46 -0.34 11.30
N ASN A 93 -0.20 -0.52 10.88
CA ASN A 93 0.49 -1.81 10.92
C ASN A 93 1.91 -1.62 11.44
N GLN A 94 2.10 -0.97 12.58
CA GLN A 94 3.44 -0.70 13.11
C GLN A 94 4.25 -1.98 13.27
N GLY A 95 3.66 -3.02 13.88
CA GLY A 95 4.33 -4.30 14.06
C GLY A 95 4.50 -5.11 12.77
N GLU A 96 4.03 -4.62 11.61
CA GLU A 96 4.48 -5.11 10.33
C GLU A 96 5.75 -4.36 9.99
N PHE A 97 5.68 -3.05 9.73
CA PHE A 97 6.84 -2.31 9.22
C PHE A 97 8.07 -2.33 10.15
N GLN A 98 7.90 -2.69 11.42
CA GLN A 98 9.00 -2.97 12.34
C GLN A 98 9.41 -4.45 12.28
N LYS A 99 9.63 -5.01 11.08
CA LYS A 99 10.22 -6.35 10.91
C LYS A 99 11.74 -6.27 11.11
N PRO A 100 12.42 -7.42 11.31
CA PRO A 100 13.81 -7.46 11.72
C PRO A 100 14.79 -7.51 10.56
N ASP A 101 14.35 -8.04 9.41
CA ASP A 101 15.09 -7.95 8.16
C ASP A 101 14.91 -6.53 7.69
N ASN A 102 13.65 -6.14 7.44
CA ASN A 102 13.26 -4.88 6.82
C ASN A 102 14.14 -4.67 5.59
N LYS A 103 14.08 -5.63 4.67
CA LYS A 103 14.86 -5.58 3.44
C LYS A 103 13.94 -5.59 2.25
N LEU A 104 13.81 -6.73 1.57
CA LEU A 104 13.09 -6.79 0.32
C LEU A 104 11.61 -6.83 0.63
N HIS A 105 11.19 -7.62 1.62
CA HIS A 105 9.76 -7.75 1.95
C HIS A 105 9.20 -6.36 2.23
N GLN A 106 10.00 -5.49 2.84
CA GLN A 106 9.59 -4.16 3.20
C GLN A 106 9.57 -3.27 1.97
N GLN A 107 10.62 -3.33 1.16
CA GLN A 107 10.69 -2.65 -0.10
C GLN A 107 9.52 -3.02 -1.03
N VAL A 108 9.14 -4.30 -1.12
CA VAL A 108 7.93 -4.75 -1.78
C VAL A 108 6.75 -4.07 -1.11
N LEU A 109 6.57 -4.23 0.20
CA LEU A 109 5.39 -3.76 0.90
C LEU A 109 5.21 -2.25 0.73
N TRP A 110 6.28 -1.46 0.75
CA TRP A 110 6.18 -0.04 0.45
C TRP A 110 5.75 0.20 -0.99
N ARG A 111 6.44 -0.40 -1.96
CA ARG A 111 6.09 -0.29 -3.38
C ARG A 111 4.64 -0.72 -3.62
N LEU A 112 4.19 -1.74 -2.91
CA LEU A 112 2.86 -2.29 -2.95
C LEU A 112 1.89 -1.24 -2.44
N VAL A 113 2.03 -0.81 -1.19
CA VAL A 113 1.09 0.09 -0.55
C VAL A 113 1.06 1.45 -1.26
N GLN A 114 2.19 1.89 -1.83
CA GLN A 114 2.27 3.04 -2.70
C GLN A 114 1.28 2.88 -3.86
N GLU A 115 1.32 1.74 -4.56
CA GLU A 115 0.44 1.53 -5.71
C GLU A 115 -1.01 1.28 -5.29
N LEU A 116 -1.26 0.50 -4.23
CA LEU A 116 -2.59 0.23 -3.72
C LEU A 116 -3.31 1.52 -3.33
N CYS A 117 -2.55 2.52 -2.89
CA CYS A 117 -3.07 3.84 -2.56
C CYS A 117 -2.93 4.83 -3.71
N SER A 118 -2.50 4.40 -4.91
CA SER A 118 -2.53 5.14 -6.15
C SER A 118 -3.69 4.58 -6.99
N LEU A 119 -3.49 3.42 -7.62
CA LEU A 119 -4.41 2.70 -8.47
C LEU A 119 -5.10 3.62 -9.49
N LYS A 120 -6.31 3.29 -9.96
CA LYS A 120 -7.10 4.27 -10.69
C LYS A 120 -7.37 5.46 -9.77
N HIS A 121 -7.24 6.67 -10.31
CA HIS A 121 -7.49 7.91 -9.61
C HIS A 121 -8.86 7.92 -8.94
N CYS A 122 -9.03 8.76 -7.92
CA CYS A 122 -10.35 9.07 -7.38
C CYS A 122 -11.15 9.81 -8.46
N GLU A 123 -10.95 11.13 -8.58
CA GLU A 123 -11.84 11.97 -9.38
C GLU A 123 -11.16 13.20 -9.98
N PHE A 124 -10.92 14.25 -9.18
CA PHE A 124 -10.53 15.59 -9.63
C PHE A 124 -9.34 15.58 -10.60
N TRP A 125 -8.39 14.73 -10.30
CA TRP A 125 -7.14 14.51 -10.99
C TRP A 125 -7.34 13.42 -12.07
N LEU A 126 -8.41 13.55 -12.84
CA LEU A 126 -8.76 12.63 -13.91
C LEU A 126 -7.62 12.49 -14.92
N GLU A 127 -7.30 11.24 -15.27
CA GLU A 127 -6.32 10.83 -16.26
C GLU A 127 -5.05 11.69 -16.18
N ALA A 29 -10.48 -3.87 12.73
CA ALA A 29 -9.20 -3.19 12.59
C ALA A 29 -9.25 -2.18 11.44
N GLU A 30 -10.08 -2.54 10.47
CA GLU A 30 -10.48 -1.87 9.25
C GLU A 30 -11.09 -0.48 9.46
N ASN A 31 -11.46 -0.13 10.69
CA ASN A 31 -11.89 1.22 11.05
C ASN A 31 -10.82 2.28 10.74
N ARG A 32 -9.54 1.90 10.79
CA ARG A 32 -8.43 2.84 10.70
C ARG A 32 -8.29 3.44 9.30
N PRO A 33 -7.78 4.69 9.22
CA PRO A 33 -7.53 5.41 7.98
C PRO A 33 -6.34 4.86 7.18
N GLY A 34 -5.81 3.70 7.54
CA GLY A 34 -4.86 2.94 6.74
C GLY A 34 -4.77 1.51 7.25
N ALA A 35 -5.85 0.97 7.80
CA ALA A 35 -5.97 -0.45 8.00
C ALA A 35 -5.70 -1.19 6.69
N PHE A 36 -4.88 -2.23 6.77
CA PHE A 36 -4.62 -3.16 5.69
C PHE A 36 -5.77 -4.15 5.62
N ILE A 37 -6.36 -4.39 4.45
CA ILE A 37 -7.31 -5.49 4.25
C ILE A 37 -6.56 -6.83 4.41
N LYS A 38 -5.53 -7.06 3.59
CA LYS A 38 -4.77 -8.31 3.47
C LYS A 38 -5.65 -9.57 3.48
N GLN A 39 -6.36 -9.81 2.38
CA GLN A 39 -7.25 -10.97 2.24
C GLN A 39 -6.51 -12.33 2.21
N GLY A 40 -5.19 -12.38 2.07
CA GLY A 40 -4.46 -13.64 1.93
C GLY A 40 -4.57 -14.16 0.50
N ARG A 41 -4.13 -13.38 -0.49
CA ARG A 41 -4.09 -13.72 -1.92
C ARG A 41 -2.67 -13.65 -2.44
N LYS A 42 -2.45 -14.00 -3.70
CA LYS A 42 -1.34 -13.53 -4.54
C LYS A 42 -1.94 -12.66 -5.62
N LEU A 43 -1.18 -11.71 -6.16
CA LEU A 43 -1.51 -10.87 -7.29
C LEU A 43 -0.29 -10.81 -8.20
N ASP A 44 -0.28 -9.89 -9.14
CA ASP A 44 0.85 -9.63 -10.04
C ASP A 44 1.02 -8.11 -10.12
N ILE A 45 1.73 -7.54 -9.15
CA ILE A 45 2.07 -6.12 -9.07
C ILE A 45 3.57 -6.02 -9.37
N ASP A 46 3.96 -4.99 -10.12
CA ASP A 46 5.29 -4.86 -10.70
C ASP A 46 6.26 -4.37 -9.63
N PHE A 47 7.16 -5.24 -9.18
CA PHE A 47 8.11 -4.96 -8.12
C PHE A 47 9.55 -4.82 -8.61
N GLY A 48 9.80 -4.79 -9.92
CA GLY A 48 11.13 -4.57 -10.48
C GLY A 48 11.83 -5.90 -10.69
N ALA A 49 12.74 -6.30 -9.79
CA ALA A 49 13.48 -7.56 -9.87
C ALA A 49 13.24 -8.46 -8.65
N GLU A 50 13.94 -8.14 -7.57
CA GLU A 50 14.07 -8.96 -6.37
C GLU A 50 12.73 -9.02 -5.65
N GLY A 51 11.97 -7.92 -5.68
CA GLY A 51 10.70 -7.83 -5.01
C GLY A 51 9.65 -8.71 -5.66
N ASN A 52 9.79 -9.05 -6.95
CA ASN A 52 8.89 -10.01 -7.59
C ASN A 52 9.10 -11.35 -6.89
N ARG A 53 10.36 -11.76 -6.80
CA ARG A 53 10.78 -13.03 -6.23
C ARG A 53 10.48 -13.10 -4.74
N TYR A 54 10.63 -12.00 -4.02
CA TYR A 54 10.29 -11.92 -2.61
C TYR A 54 8.77 -11.85 -2.39
N TYR A 55 7.99 -11.44 -3.40
CA TYR A 55 6.54 -11.60 -3.36
C TYR A 55 6.25 -13.10 -3.36
N GLU A 56 6.70 -13.86 -4.36
CA GLU A 56 6.42 -15.29 -4.49
C GLU A 56 6.80 -16.11 -3.25
N ALA A 57 7.73 -15.60 -2.43
CA ALA A 57 8.10 -16.22 -1.17
C ALA A 57 7.06 -16.13 -0.06
N ASN A 58 6.32 -15.02 0.03
CA ASN A 58 5.51 -14.65 1.19
C ASN A 58 4.48 -13.59 0.84
N TYR A 59 3.90 -13.70 -0.36
CA TYR A 59 2.93 -12.79 -0.98
C TYR A 59 1.69 -12.64 -0.10
N TRP A 60 1.22 -13.76 0.45
CA TRP A 60 0.05 -13.88 1.33
C TRP A 60 0.07 -12.94 2.53
N GLN A 61 1.21 -12.32 2.83
CA GLN A 61 1.40 -11.44 3.96
C GLN A 61 1.07 -9.97 3.65
N PHE A 62 0.74 -9.61 2.42
CA PHE A 62 0.64 -8.21 1.98
C PHE A 62 -0.82 -7.75 1.91
N PRO A 63 -1.12 -6.44 1.95
CA PRO A 63 -2.49 -5.95 1.80
C PRO A 63 -3.06 -6.29 0.42
N ASP A 64 -4.39 -6.19 0.30
CA ASP A 64 -5.15 -6.39 -0.95
C ASP A 64 -5.68 -5.04 -1.39
N GLY A 65 -6.34 -4.35 -0.46
CA GLY A 65 -6.83 -2.98 -0.60
C GLY A 65 -6.54 -2.20 0.68
N ILE A 66 -6.77 -0.89 0.60
CA ILE A 66 -6.80 0.06 1.74
C ILE A 66 -8.20 0.71 1.78
N HIS A 67 -8.58 1.29 2.92
CA HIS A 67 -9.92 1.84 3.16
C HIS A 67 -9.82 3.36 3.20
N TYR A 68 -8.99 3.87 4.13
CA TYR A 68 -8.68 5.29 4.31
C TYR A 68 -9.96 6.13 4.43
N ASN A 69 -9.94 7.39 3.98
CA ASN A 69 -11.13 8.16 3.63
C ASN A 69 -11.33 8.00 2.12
N GLY A 70 -12.13 8.87 1.48
CA GLY A 70 -12.31 8.83 0.04
C GLY A 70 -11.13 9.52 -0.62
N CYS A 71 -11.32 10.76 -1.09
CA CYS A 71 -10.33 11.62 -1.69
C CYS A 71 -10.99 13.00 -1.85
N SER A 72 -11.30 13.67 -0.74
CA SER A 72 -12.01 14.94 -0.73
C SER A 72 -11.02 16.09 -0.97
N GLU A 73 -10.38 16.11 -2.14
CA GLU A 73 -9.34 17.06 -2.52
C GLU A 73 -9.65 17.64 -3.90
N ALA A 74 -9.14 18.83 -4.18
CA ALA A 74 -9.29 19.56 -5.43
C ALA A 74 -7.95 20.07 -5.98
N ASN A 75 -6.85 19.58 -5.41
CA ASN A 75 -5.49 19.74 -5.91
C ASN A 75 -4.66 18.65 -5.24
N VAL A 76 -4.76 17.43 -5.77
CA VAL A 76 -3.97 16.33 -5.25
C VAL A 76 -3.26 15.61 -6.40
N THR A 77 -2.30 14.76 -6.03
CA THR A 77 -1.44 14.02 -6.93
C THR A 77 -1.17 12.67 -6.27
N LYS A 78 -0.56 11.73 -7.00
CA LYS A 78 -0.10 10.46 -6.45
C LYS A 78 1.02 10.63 -5.42
N GLU A 79 1.79 11.71 -5.50
CA GLU A 79 2.81 12.03 -4.54
C GLU A 79 2.19 12.65 -3.27
N ALA A 80 0.90 13.02 -3.29
CA ALA A 80 0.21 13.61 -2.15
C ALA A 80 -0.80 12.63 -1.52
N PHE A 81 -1.71 12.08 -2.33
CA PHE A 81 -2.84 11.27 -1.88
C PHE A 81 -2.35 9.96 -1.28
N VAL A 82 -1.70 9.11 -2.10
CA VAL A 82 -1.32 7.76 -1.65
C VAL A 82 -0.31 7.85 -0.52
N THR A 83 0.60 8.81 -0.62
CA THR A 83 1.45 9.31 0.45
C THR A 83 0.64 9.53 1.74
N GLY A 84 -0.41 10.37 1.75
CA GLY A 84 -1.24 10.60 2.92
C GLY A 84 -1.81 9.28 3.46
N CYS A 85 -2.23 8.40 2.57
CA CYS A 85 -2.67 7.05 2.92
C CYS A 85 -1.55 6.32 3.67
N ILE A 86 -0.31 6.40 3.21
CA ILE A 86 0.85 5.78 3.82
C ILE A 86 1.14 6.35 5.20
N ASN A 87 1.05 7.68 5.34
CA ASN A 87 1.21 8.33 6.63
C ASN A 87 0.15 7.86 7.62
N ALA A 88 -1.01 7.39 7.14
CA ALA A 88 -2.00 6.75 7.98
C ALA A 88 -1.63 5.29 8.26
N THR A 89 -1.31 4.50 7.22
CA THR A 89 -1.10 3.06 7.35
C THR A 89 0.13 2.74 8.20
N GLN A 90 1.20 3.55 8.12
CA GLN A 90 2.42 3.32 8.89
C GLN A 90 2.09 3.18 10.38
N ALA A 91 1.12 3.95 10.87
CA ALA A 91 0.66 3.93 12.24
C ALA A 91 -0.48 2.92 12.46
N ALA A 92 -1.11 2.42 11.39
CA ALA A 92 -2.05 1.31 11.48
C ALA A 92 -1.32 0.04 11.88
N ASN A 93 -0.20 -0.25 11.20
CA ASN A 93 0.48 -1.52 11.31
C ASN A 93 1.98 -1.31 11.48
N GLN A 94 2.36 -0.66 12.58
CA GLN A 94 3.75 -0.51 12.99
C GLN A 94 4.44 -1.89 13.02
N GLY A 95 3.82 -2.88 13.66
CA GLY A 95 4.37 -4.22 13.81
C GLY A 95 4.47 -5.03 12.51
N GLU A 96 4.18 -4.44 11.35
CA GLU A 96 4.17 -5.07 10.06
C GLU A 96 5.28 -4.47 9.19
N PHE A 97 5.38 -3.14 9.13
CA PHE A 97 6.58 -2.53 8.56
C PHE A 97 7.82 -2.80 9.43
N GLN A 98 7.71 -2.85 10.77
CA GLN A 98 8.83 -3.19 11.66
C GLN A 98 9.06 -4.71 11.70
N LYS A 99 9.40 -5.32 10.57
CA LYS A 99 9.74 -6.74 10.48
C LYS A 99 11.25 -6.96 10.55
N PRO A 100 11.71 -8.19 10.81
CA PRO A 100 13.12 -8.49 10.95
C PRO A 100 13.80 -8.70 9.58
N ASP A 101 13.03 -8.95 8.51
CA ASP A 101 13.55 -8.98 7.15
C ASP A 101 14.06 -7.59 6.79
N ASN A 102 13.17 -6.60 6.89
CA ASN A 102 13.29 -5.17 6.55
C ASN A 102 13.89 -4.78 5.19
N LYS A 103 14.37 -5.74 4.42
CA LYS A 103 14.94 -5.52 3.10
C LYS A 103 13.83 -5.47 2.06
N LEU A 104 13.51 -6.60 1.45
CA LEU A 104 12.71 -6.60 0.24
C LEU A 104 11.26 -6.45 0.62
N HIS A 105 10.82 -7.04 1.74
CA HIS A 105 9.41 -6.98 2.12
C HIS A 105 8.97 -5.51 2.20
N GLN A 106 9.82 -4.61 2.70
CA GLN A 106 9.60 -3.17 2.77
C GLN A 106 9.51 -2.57 1.36
N GLN A 107 10.49 -2.86 0.49
CA GLN A 107 10.54 -2.34 -0.87
C GLN A 107 9.31 -2.79 -1.68
N VAL A 108 8.86 -4.03 -1.50
CA VAL A 108 7.60 -4.54 -2.02
C VAL A 108 6.46 -3.76 -1.36
N LEU A 109 6.45 -3.65 -0.03
CA LEU A 109 5.34 -3.12 0.75
C LEU A 109 4.99 -1.73 0.27
N TRP A 110 5.96 -0.82 0.25
CA TRP A 110 5.71 0.56 -0.16
C TRP A 110 5.13 0.58 -1.56
N ARG A 111 5.79 -0.05 -2.55
CA ARG A 111 5.27 -0.12 -3.91
C ARG A 111 3.82 -0.64 -3.95
N LEU A 112 3.52 -1.69 -3.18
CA LEU A 112 2.22 -2.32 -3.16
C LEU A 112 1.19 -1.34 -2.61
N VAL A 113 1.40 -0.81 -1.40
CA VAL A 113 0.47 0.12 -0.78
C VAL A 113 0.36 1.41 -1.58
N GLN A 114 1.42 1.81 -2.27
CA GLN A 114 1.40 2.88 -3.26
C GLN A 114 0.35 2.58 -4.35
N GLU A 115 0.33 1.38 -4.96
CA GLU A 115 -0.68 1.06 -5.96
C GLU A 115 -2.08 0.98 -5.36
N LEU A 116 -2.25 0.33 -4.19
CA LEU A 116 -3.57 0.17 -3.56
C LEU A 116 -4.25 1.53 -3.37
N CYS A 117 -3.49 2.50 -2.90
CA CYS A 117 -3.96 3.85 -2.71
C CYS A 117 -3.81 4.70 -3.98
N SER A 118 -3.22 4.19 -5.06
CA SER A 118 -3.43 4.73 -6.39
C SER A 118 -4.85 4.32 -6.80
N LEU A 119 -5.01 3.16 -7.45
CA LEU A 119 -6.22 2.69 -8.12
C LEU A 119 -6.95 3.83 -8.83
N LYS A 120 -6.43 4.21 -10.02
CA LYS A 120 -6.91 5.32 -10.87
C LYS A 120 -6.88 6.67 -10.16
N HIS A 121 -7.12 7.75 -10.91
CA HIS A 121 -7.30 9.07 -10.34
C HIS A 121 -8.61 9.08 -9.54
N CYS A 122 -8.75 10.01 -8.59
CA CYS A 122 -9.97 10.18 -7.81
C CYS A 122 -11.09 10.74 -8.69
N GLU A 123 -11.11 12.07 -8.86
CA GLU A 123 -12.11 12.78 -9.64
C GLU A 123 -11.44 13.97 -10.33
N PHE A 124 -11.09 15.01 -9.56
CA PHE A 124 -10.75 16.35 -10.05
C PHE A 124 -9.57 16.34 -11.03
N TRP A 125 -8.57 15.51 -10.78
CA TRP A 125 -7.34 15.43 -11.54
C TRP A 125 -7.41 14.35 -12.62
N LEU A 126 -8.56 14.24 -13.29
CA LEU A 126 -8.88 13.22 -14.28
C LEU A 126 -7.76 13.03 -15.29
N GLU A 127 -7.22 11.82 -15.32
CA GLU A 127 -6.13 11.41 -16.23
C GLU A 127 -6.66 11.39 -17.66
N ALA A 29 -10.68 -1.04 13.66
CA ALA A 29 -9.46 -1.78 13.35
C ALA A 29 -9.27 -1.98 11.85
N GLU A 30 -10.28 -2.49 11.14
CA GLU A 30 -10.24 -2.72 9.70
C GLU A 30 -10.76 -1.52 8.92
N ASN A 31 -11.80 -0.84 9.38
CA ASN A 31 -12.27 0.34 8.64
C ASN A 31 -11.46 1.59 9.00
N ARG A 32 -10.30 1.42 9.65
CA ARG A 32 -9.38 2.52 9.96
C ARG A 32 -8.78 3.06 8.67
N PRO A 33 -8.51 4.37 8.61
CA PRO A 33 -7.77 4.95 7.52
C PRO A 33 -6.36 4.37 7.58
N GLY A 34 -6.01 3.54 6.61
CA GLY A 34 -4.71 2.90 6.51
C GLY A 34 -4.70 1.44 6.95
N ALA A 35 -5.79 0.87 7.48
CA ALA A 35 -5.87 -0.55 7.80
C ALA A 35 -5.51 -1.44 6.60
N PHE A 36 -4.84 -2.56 6.82
CA PHE A 36 -4.42 -3.52 5.79
C PHE A 36 -5.54 -4.57 5.59
N ILE A 37 -6.04 -4.81 4.36
CA ILE A 37 -7.01 -5.91 4.09
C ILE A 37 -6.41 -7.30 4.36
N LYS A 38 -5.35 -7.67 3.64
CA LYS A 38 -4.62 -8.94 3.71
C LYS A 38 -5.48 -10.20 3.91
N GLN A 39 -6.34 -10.52 2.94
CA GLN A 39 -7.06 -11.79 2.84
C GLN A 39 -6.10 -12.98 2.65
N GLY A 40 -4.93 -12.77 2.02
CA GLY A 40 -3.96 -13.84 1.75
C GLY A 40 -3.84 -14.28 0.28
N ARG A 41 -4.42 -13.55 -0.69
CA ARG A 41 -4.33 -13.89 -2.12
C ARG A 41 -2.98 -13.51 -2.74
N LYS A 42 -2.71 -13.97 -3.97
CA LYS A 42 -1.57 -13.57 -4.79
C LYS A 42 -2.08 -12.73 -5.96
N LEU A 43 -1.95 -11.42 -5.88
CA LEU A 43 -2.15 -10.49 -7.01
C LEU A 43 -1.03 -10.65 -8.06
N ASP A 44 -0.82 -9.61 -8.86
CA ASP A 44 0.06 -9.57 -10.02
C ASP A 44 0.70 -8.17 -10.20
N ILE A 45 0.95 -7.45 -9.10
CA ILE A 45 1.31 -6.03 -9.17
C ILE A 45 2.80 -5.95 -9.58
N ASP A 46 3.18 -5.00 -10.43
CA ASP A 46 4.53 -4.83 -10.96
C ASP A 46 5.43 -4.13 -9.92
N PHE A 47 6.52 -4.77 -9.50
CA PHE A 47 7.44 -4.28 -8.47
C PHE A 47 8.84 -4.05 -9.03
N GLY A 48 9.39 -5.06 -9.67
CA GLY A 48 10.77 -5.12 -10.09
C GLY A 48 11.29 -6.52 -9.86
N ALA A 49 12.57 -6.73 -10.17
CA ALA A 49 13.17 -8.06 -10.11
C ALA A 49 13.17 -8.64 -8.69
N GLU A 50 14.02 -8.14 -7.80
CA GLU A 50 14.09 -8.68 -6.45
C GLU A 50 12.74 -8.57 -5.73
N GLY A 51 12.00 -7.50 -6.01
CA GLY A 51 10.66 -7.24 -5.49
C GLY A 51 9.67 -8.35 -5.84
N ASN A 52 9.44 -8.61 -7.14
CA ASN A 52 8.46 -9.60 -7.59
C ASN A 52 8.80 -11.00 -7.05
N ARG A 53 10.09 -11.33 -6.95
CA ARG A 53 10.53 -12.61 -6.40
C ARG A 53 10.17 -12.74 -4.92
N TYR A 54 10.29 -11.67 -4.16
CA TYR A 54 9.93 -11.64 -2.73
C TYR A 54 8.42 -11.66 -2.56
N TYR A 55 7.69 -10.99 -3.45
CA TYR A 55 6.25 -11.05 -3.52
C TYR A 55 5.86 -12.52 -3.69
N GLU A 56 6.24 -13.16 -4.81
CA GLU A 56 5.93 -14.54 -5.16
C GLU A 56 6.24 -15.52 -4.04
N ALA A 57 7.30 -15.24 -3.29
CA ALA A 57 7.52 -15.90 -2.02
C ALA A 57 6.36 -15.71 -1.04
N ASN A 58 6.27 -14.56 -0.37
CA ASN A 58 5.47 -14.38 0.85
C ASN A 58 4.36 -13.32 0.74
N TYR A 59 3.80 -13.16 -0.46
CA TYR A 59 2.72 -12.25 -0.87
C TYR A 59 1.54 -12.15 0.11
N TRP A 60 1.21 -13.22 0.84
CA TRP A 60 0.04 -13.21 1.71
C TRP A 60 0.25 -12.35 2.96
N GLN A 61 1.50 -12.03 3.31
CA GLN A 61 1.86 -11.24 4.50
C GLN A 61 1.76 -9.72 4.24
N PHE A 62 1.06 -9.32 3.18
CA PHE A 62 0.93 -7.95 2.69
C PHE A 62 -0.56 -7.67 2.44
N PRO A 63 -0.99 -6.39 2.41
CA PRO A 63 -2.37 -6.03 2.12
C PRO A 63 -2.73 -6.30 0.65
N ASP A 64 -3.98 -5.98 0.31
CA ASP A 64 -4.65 -6.19 -0.99
C ASP A 64 -5.76 -5.14 -1.19
N GLY A 65 -5.89 -4.26 -0.20
CA GLY A 65 -6.65 -3.03 -0.20
C GLY A 65 -6.13 -2.27 1.01
N ILE A 66 -6.22 -0.95 0.94
CA ILE A 66 -6.14 -0.09 2.10
C ILE A 66 -7.47 0.62 2.19
N HIS A 67 -8.01 0.64 3.40
CA HIS A 67 -9.25 1.29 3.72
C HIS A 67 -8.88 2.76 3.87
N TYR A 68 -9.13 3.57 2.86
CA TYR A 68 -8.84 5.00 2.86
C TYR A 68 -9.82 5.67 1.91
N ASN A 69 -9.98 6.99 2.01
CA ASN A 69 -10.90 7.74 1.16
C ASN A 69 -10.14 8.15 -0.10
N GLY A 70 -10.42 7.51 -1.24
CA GLY A 70 -9.57 7.56 -2.44
C GLY A 70 -9.45 8.94 -3.11
N CYS A 71 -10.19 9.95 -2.62
CA CYS A 71 -10.02 11.33 -3.04
C CYS A 71 -9.12 12.05 -2.04
N SER A 72 -9.61 12.24 -0.81
CA SER A 72 -8.96 13.00 0.26
C SER A 72 -9.03 14.51 -0.07
N GLU A 73 -8.37 14.97 -1.13
CA GLU A 73 -8.36 16.37 -1.53
C GLU A 73 -8.58 16.51 -3.04
N ALA A 74 -8.80 17.75 -3.47
CA ALA A 74 -8.99 18.15 -4.86
C ALA A 74 -7.66 18.59 -5.51
N ASN A 75 -6.55 18.48 -4.79
CA ASN A 75 -5.31 19.24 -5.01
C ASN A 75 -4.08 18.41 -4.61
N VAL A 76 -4.07 17.16 -5.06
CA VAL A 76 -3.10 16.14 -4.68
C VAL A 76 -2.65 15.41 -5.96
N THR A 77 -1.69 14.49 -5.85
CA THR A 77 -1.21 13.65 -6.94
C THR A 77 -1.09 12.20 -6.46
N LYS A 78 -0.69 11.27 -7.33
CA LYS A 78 -0.32 9.93 -6.88
C LYS A 78 0.86 9.95 -5.90
N GLU A 79 1.63 11.03 -5.76
CA GLU A 79 2.49 11.20 -4.59
C GLU A 79 1.63 11.68 -3.43
N ALA A 80 1.08 12.90 -3.51
CA ALA A 80 0.57 13.60 -2.34
C ALA A 80 -0.58 12.87 -1.63
N PHE A 81 -1.55 12.36 -2.40
CA PHE A 81 -2.71 11.67 -1.86
C PHE A 81 -2.27 10.32 -1.27
N VAL A 82 -1.53 9.53 -2.05
CA VAL A 82 -1.09 8.21 -1.61
C VAL A 82 -0.16 8.34 -0.40
N THR A 83 0.58 9.44 -0.28
CA THR A 83 1.38 9.78 0.89
C THR A 83 0.47 9.91 2.10
N GLY A 84 -0.63 10.67 2.04
CA GLY A 84 -1.59 10.75 3.14
C GLY A 84 -2.07 9.36 3.55
N CYS A 85 -2.32 8.50 2.56
CA CYS A 85 -2.73 7.11 2.79
C CYS A 85 -1.62 6.31 3.50
N ILE A 86 -0.35 6.52 3.15
CA ILE A 86 0.81 5.90 3.81
C ILE A 86 0.99 6.44 5.22
N ASN A 87 0.84 7.74 5.40
CA ASN A 87 0.96 8.39 6.70
C ASN A 87 -0.09 7.82 7.65
N ALA A 88 -1.25 7.45 7.10
CA ALA A 88 -2.31 6.79 7.81
C ALA A 88 -1.88 5.34 8.11
N THR A 89 -1.42 4.61 7.10
CA THR A 89 -1.12 3.18 7.21
C THR A 89 0.06 2.89 8.15
N GLN A 90 1.08 3.76 8.19
CA GLN A 90 2.27 3.47 8.98
C GLN A 90 1.92 3.43 10.46
N ALA A 91 0.94 4.25 10.86
CA ALA A 91 0.37 4.20 12.19
C ALA A 91 -0.70 3.12 12.33
N ALA A 92 -1.34 2.67 11.23
CA ALA A 92 -2.33 1.60 11.25
C ALA A 92 -1.71 0.29 11.71
N ASN A 93 -0.54 -0.06 11.17
CA ASN A 93 0.13 -1.34 11.39
C ASN A 93 1.60 -1.06 11.72
N GLN A 94 1.85 -0.44 12.87
CA GLN A 94 3.21 -0.13 13.29
C GLN A 94 4.05 -1.38 13.39
N GLY A 95 3.48 -2.46 13.94
CA GLY A 95 4.11 -3.76 14.03
C GLY A 95 4.67 -4.25 12.69
N GLU A 96 4.08 -3.88 11.56
CA GLU A 96 4.56 -4.38 10.28
C GLU A 96 5.81 -3.61 9.89
N PHE A 97 5.75 -2.28 9.97
CA PHE A 97 6.81 -1.37 9.55
C PHE A 97 7.96 -1.25 10.57
N GLN A 98 8.16 -2.24 11.44
CA GLN A 98 9.26 -2.30 12.40
C GLN A 98 10.02 -3.63 12.34
N LYS A 99 9.83 -4.43 11.28
CA LYS A 99 10.30 -5.80 11.28
C LYS A 99 11.82 -5.85 11.28
N PRO A 100 12.41 -6.87 11.91
CA PRO A 100 13.86 -6.98 12.07
C PRO A 100 14.57 -7.40 10.78
N ASP A 101 13.84 -7.88 9.78
CA ASP A 101 14.40 -8.54 8.61
C ASP A 101 13.63 -8.01 7.41
N ASN A 102 14.00 -6.81 6.99
CA ASN A 102 13.16 -5.93 6.17
C ASN A 102 13.89 -5.38 4.94
N LYS A 103 14.64 -6.22 4.21
CA LYS A 103 15.18 -5.85 2.91
C LYS A 103 14.02 -5.60 1.96
N LEU A 104 13.40 -6.67 1.46
CA LEU A 104 12.43 -6.52 0.38
C LEU A 104 11.05 -6.20 0.90
N HIS A 105 10.63 -6.76 2.06
CA HIS A 105 9.26 -6.56 2.53
C HIS A 105 8.94 -5.06 2.63
N GLN A 106 9.92 -4.24 3.02
CA GLN A 106 9.79 -2.79 3.10
C GLN A 106 9.49 -2.22 1.72
N GLN A 107 10.39 -2.44 0.75
CA GLN A 107 10.29 -1.90 -0.60
C GLN A 107 9.07 -2.41 -1.36
N VAL A 108 8.71 -3.67 -1.18
CA VAL A 108 7.48 -4.24 -1.73
C VAL A 108 6.31 -3.51 -1.08
N LEU A 109 6.21 -3.55 0.26
CA LEU A 109 5.03 -3.06 0.98
C LEU A 109 4.79 -1.58 0.69
N TRP A 110 5.83 -0.75 0.56
CA TRP A 110 5.67 0.65 0.19
C TRP A 110 4.95 0.78 -1.16
N ARG A 111 5.50 0.19 -2.23
CA ARG A 111 4.88 0.20 -3.56
C ARG A 111 3.48 -0.43 -3.53
N LEU A 112 3.31 -1.51 -2.78
CA LEU A 112 2.07 -2.27 -2.75
C LEU A 112 0.97 -1.40 -2.16
N VAL A 113 1.19 -0.84 -0.97
CA VAL A 113 0.25 0.06 -0.31
C VAL A 113 0.03 1.29 -1.21
N GLN A 114 1.07 1.79 -1.89
CA GLN A 114 0.93 2.91 -2.80
C GLN A 114 -0.14 2.60 -3.84
N GLU A 115 -0.04 1.44 -4.51
CA GLU A 115 -0.98 1.13 -5.57
C GLU A 115 -2.39 0.83 -5.05
N LEU A 116 -2.49 0.19 -3.90
CA LEU A 116 -3.76 -0.10 -3.22
C LEU A 116 -4.57 1.17 -2.97
N CYS A 117 -3.90 2.25 -2.54
CA CYS A 117 -4.56 3.53 -2.34
C CYS A 117 -4.89 4.17 -3.70
N SER A 118 -3.90 4.21 -4.61
CA SER A 118 -3.98 4.75 -5.96
C SER A 118 -5.21 4.25 -6.74
N LEU A 119 -5.32 2.93 -6.89
CA LEU A 119 -6.26 2.11 -7.65
C LEU A 119 -7.22 2.87 -8.57
N LYS A 120 -6.70 3.49 -9.63
CA LYS A 120 -7.34 4.52 -10.46
C LYS A 120 -7.77 5.74 -9.64
N HIS A 121 -7.19 6.87 -10.02
CA HIS A 121 -7.25 8.15 -9.35
C HIS A 121 -8.69 8.65 -9.16
N CYS A 122 -8.89 9.52 -8.18
CA CYS A 122 -10.17 10.17 -7.92
C CYS A 122 -10.52 11.14 -9.04
N GLU A 123 -9.77 12.23 -9.18
CA GLU A 123 -9.96 13.34 -10.11
C GLU A 123 -8.62 13.99 -10.43
N PHE A 124 -8.58 14.94 -11.37
CA PHE A 124 -7.47 15.86 -11.69
C PHE A 124 -6.12 15.20 -12.00
N TRP A 125 -5.49 14.51 -11.06
CA TRP A 125 -4.17 13.90 -11.15
C TRP A 125 -4.20 12.55 -11.90
N LEU A 126 -4.98 12.46 -12.98
CA LEU A 126 -5.18 11.27 -13.78
C LEU A 126 -3.89 10.56 -14.15
N GLU A 127 -3.85 9.25 -13.89
CA GLU A 127 -2.85 8.33 -14.44
C GLU A 127 -3.26 8.01 -15.88
N ALA A 29 -11.19 -2.41 13.61
CA ALA A 29 -9.84 -2.02 13.28
C ALA A 29 -9.66 -1.95 11.75
N GLU A 30 -10.55 -2.59 11.00
CA GLU A 30 -10.53 -2.64 9.55
C GLU A 30 -11.12 -1.35 8.97
N ASN A 31 -12.03 -0.73 9.71
CA ASN A 31 -12.70 0.50 9.30
C ASN A 31 -11.83 1.73 9.57
N ARG A 32 -10.63 1.53 10.15
CA ARG A 32 -9.63 2.55 10.41
C ARG A 32 -9.26 3.28 9.13
N PRO A 33 -8.81 4.54 9.25
CA PRO A 33 -8.22 5.26 8.15
C PRO A 33 -6.88 4.58 7.85
N GLY A 34 -6.81 3.85 6.73
CA GLY A 34 -5.59 3.21 6.31
C GLY A 34 -5.41 1.81 6.88
N ALA A 35 -6.45 1.13 7.38
CA ALA A 35 -6.29 -0.29 7.69
C ALA A 35 -5.83 -1.10 6.47
N PHE A 36 -5.02 -2.13 6.71
CA PHE A 36 -4.61 -3.11 5.70
C PHE A 36 -5.75 -4.13 5.51
N ILE A 37 -6.31 -4.26 4.30
CA ILE A 37 -7.33 -5.28 3.98
C ILE A 37 -6.77 -6.70 4.19
N LYS A 38 -5.52 -6.92 3.80
CA LYS A 38 -4.73 -8.12 4.09
C LYS A 38 -5.46 -9.46 3.92
N GLN A 39 -6.15 -9.63 2.79
CA GLN A 39 -6.76 -10.87 2.32
C GLN A 39 -5.78 -12.02 2.07
N GLY A 40 -4.50 -11.92 2.47
CA GLY A 40 -3.58 -13.06 2.51
C GLY A 40 -3.29 -13.69 1.14
N ARG A 41 -3.59 -12.98 0.06
CA ARG A 41 -3.62 -13.50 -1.30
C ARG A 41 -2.32 -13.19 -2.04
N LYS A 42 -2.12 -13.78 -3.24
CA LYS A 42 -1.08 -13.34 -4.16
C LYS A 42 -1.79 -12.55 -5.24
N LEU A 43 -1.36 -11.31 -5.47
CA LEU A 43 -1.73 -10.57 -6.67
C LEU A 43 -0.59 -10.64 -7.67
N ASP A 44 -0.72 -9.86 -8.73
CA ASP A 44 0.23 -9.77 -9.83
C ASP A 44 0.46 -8.28 -10.08
N ILE A 45 1.00 -7.61 -9.07
CA ILE A 45 1.44 -6.23 -9.10
C ILE A 45 2.81 -6.28 -9.79
N ASP A 46 3.08 -5.36 -10.71
CA ASP A 46 4.38 -5.30 -11.40
C ASP A 46 5.36 -4.65 -10.44
N PHE A 47 6.28 -5.43 -9.86
CA PHE A 47 7.25 -4.93 -8.89
C PHE A 47 8.66 -4.90 -9.45
N GLY A 48 8.93 -5.56 -10.58
CA GLY A 48 10.23 -5.57 -11.21
C GLY A 48 10.77 -6.99 -11.15
N ALA A 49 11.91 -7.19 -10.47
CA ALA A 49 12.68 -8.41 -10.54
C ALA A 49 12.82 -9.04 -9.15
N GLU A 50 13.85 -8.67 -8.40
CA GLU A 50 13.90 -8.95 -6.96
C GLU A 50 12.63 -8.44 -6.27
N GLY A 51 12.10 -7.33 -6.79
CA GLY A 51 10.83 -6.74 -6.39
C GLY A 51 9.63 -7.66 -6.56
N ASN A 52 9.58 -8.58 -7.54
CA ASN A 52 8.55 -9.64 -7.60
C ASN A 52 8.92 -10.85 -6.74
N ARG A 53 10.19 -11.26 -6.74
CA ARG A 53 10.66 -12.53 -6.17
C ARG A 53 10.31 -12.75 -4.69
N TYR A 54 10.46 -11.73 -3.85
CA TYR A 54 10.13 -11.76 -2.43
C TYR A 54 8.61 -11.76 -2.21
N TYR A 55 7.83 -11.11 -3.09
CA TYR A 55 6.38 -11.24 -3.08
C TYR A 55 6.05 -12.70 -3.32
N GLU A 56 6.53 -13.29 -4.43
CA GLU A 56 6.30 -14.70 -4.78
C GLU A 56 6.67 -15.65 -3.64
N ALA A 57 7.64 -15.26 -2.80
CA ALA A 57 7.99 -15.97 -1.59
C ALA A 57 6.88 -15.96 -0.53
N ASN A 58 6.41 -14.79 -0.13
CA ASN A 58 5.63 -14.62 1.10
C ASN A 58 4.58 -13.52 0.97
N TYR A 59 3.99 -13.42 -0.21
CA TYR A 59 2.93 -12.51 -0.67
C TYR A 59 1.77 -12.37 0.30
N TRP A 60 1.39 -13.47 0.95
CA TRP A 60 0.25 -13.51 1.86
C TRP A 60 0.43 -12.62 3.08
N GLN A 61 1.65 -12.12 3.30
CA GLN A 61 1.97 -11.25 4.41
C GLN A 61 1.61 -9.79 4.12
N PHE A 62 1.08 -9.44 2.94
CA PHE A 62 0.91 -8.05 2.47
C PHE A 62 -0.58 -7.74 2.25
N PRO A 63 -1.00 -6.46 2.31
CA PRO A 63 -2.38 -6.05 2.05
C PRO A 63 -2.79 -6.35 0.61
N ASP A 64 -4.07 -6.66 0.41
CA ASP A 64 -4.70 -6.77 -0.91
C ASP A 64 -5.20 -5.41 -1.39
N GLY A 65 -5.52 -4.52 -0.45
CA GLY A 65 -6.04 -3.20 -0.68
C GLY A 65 -5.96 -2.40 0.63
N ILE A 66 -6.40 -1.15 0.55
CA ILE A 66 -6.57 -0.23 1.66
C ILE A 66 -8.05 0.19 1.62
N HIS A 67 -8.49 0.87 2.68
CA HIS A 67 -9.86 1.30 2.89
C HIS A 67 -10.00 2.83 2.74
N TYR A 68 -8.88 3.53 2.56
CA TYR A 68 -8.73 4.95 2.82
C TYR A 68 -9.09 5.75 1.57
N ASN A 69 -10.38 6.02 1.41
CA ASN A 69 -10.91 6.77 0.29
C ASN A 69 -10.74 8.26 0.59
N GLY A 70 -9.50 8.74 0.60
CA GLY A 70 -9.13 10.12 0.86
C GLY A 70 -9.49 11.01 -0.33
N CYS A 71 -10.80 11.25 -0.52
CA CYS A 71 -11.37 12.07 -1.56
C CYS A 71 -11.96 13.27 -0.85
N SER A 72 -11.13 14.29 -0.68
CA SER A 72 -11.48 15.59 -0.12
C SER A 72 -10.96 16.65 -1.06
N GLU A 73 -9.64 16.66 -1.25
CA GLU A 73 -8.84 17.56 -2.04
C GLU A 73 -9.31 17.60 -3.49
N ALA A 74 -8.78 18.58 -4.22
CA ALA A 74 -9.15 18.85 -5.60
C ALA A 74 -7.99 18.64 -6.56
N ASN A 75 -6.76 18.75 -6.08
CA ASN A 75 -5.55 18.56 -6.86
C ASN A 75 -4.54 17.81 -6.01
N VAL A 76 -4.53 16.48 -6.14
CA VAL A 76 -3.52 15.61 -5.55
C VAL A 76 -2.80 14.81 -6.64
N THR A 77 -1.66 14.21 -6.29
CA THR A 77 -1.03 13.14 -7.04
C THR A 77 -0.74 11.99 -6.08
N LYS A 78 -0.14 10.92 -6.61
CA LYS A 78 0.36 9.79 -5.83
C LYS A 78 1.37 10.21 -4.76
N GLU A 79 1.95 11.39 -4.84
CA GLU A 79 2.89 11.91 -3.86
C GLU A 79 2.21 12.79 -2.80
N ALA A 80 0.90 12.98 -2.88
CA ALA A 80 0.09 13.77 -1.97
C ALA A 80 -0.96 12.88 -1.30
N PHE A 81 -1.88 12.33 -2.09
CA PHE A 81 -2.98 11.53 -1.58
C PHE A 81 -2.46 10.22 -0.97
N VAL A 82 -1.65 9.45 -1.72
CA VAL A 82 -1.15 8.17 -1.22
C VAL A 82 -0.23 8.40 -0.02
N THR A 83 0.59 9.46 -0.01
CA THR A 83 1.31 9.89 1.17
C THR A 83 0.34 10.04 2.36
N GLY A 84 -0.83 10.67 2.18
CA GLY A 84 -1.81 10.76 3.25
C GLY A 84 -2.35 9.40 3.68
N CYS A 85 -2.50 8.47 2.73
CA CYS A 85 -2.93 7.10 3.03
C CYS A 85 -1.83 6.37 3.80
N ILE A 86 -0.56 6.67 3.53
CA ILE A 86 0.59 6.05 4.14
C ILE A 86 0.80 6.60 5.54
N ASN A 87 0.71 7.91 5.73
CA ASN A 87 0.71 8.51 7.08
C ASN A 87 -0.35 7.85 7.95
N ALA A 88 -1.48 7.48 7.35
CA ALA A 88 -2.55 6.81 8.06
C ALA A 88 -2.15 5.37 8.33
N THR A 89 -1.83 4.60 7.28
CA THR A 89 -1.61 3.17 7.37
C THR A 89 -0.35 2.84 8.17
N GLN A 90 0.69 3.70 8.16
CA GLN A 90 1.94 3.41 8.86
C GLN A 90 1.70 3.27 10.36
N ALA A 91 0.66 3.94 10.86
CA ALA A 91 0.21 3.91 12.24
C ALA A 91 -1.03 3.01 12.41
N ALA A 92 -1.59 2.44 11.33
CA ALA A 92 -2.61 1.39 11.45
C ALA A 92 -1.96 0.01 11.66
N ASN A 93 -0.70 -0.16 11.23
CA ASN A 93 -0.02 -1.46 11.23
C ASN A 93 1.46 -1.29 11.61
N GLN A 94 1.80 -0.49 12.64
CA GLN A 94 3.20 -0.27 13.01
C GLN A 94 3.94 -1.60 13.18
N GLY A 95 3.34 -2.52 13.93
CA GLY A 95 3.85 -3.86 14.20
C GLY A 95 3.89 -4.78 12.98
N GLU A 96 3.66 -4.28 11.77
CA GLU A 96 3.64 -5.07 10.55
C GLU A 96 4.65 -4.51 9.54
N PHE A 97 4.89 -3.19 9.50
CA PHE A 97 6.06 -2.67 8.80
C PHE A 97 7.37 -3.03 9.52
N GLN A 98 7.34 -3.27 10.83
CA GLN A 98 8.51 -3.63 11.61
C GLN A 98 8.64 -5.15 11.65
N LYS A 99 9.18 -5.71 10.57
CA LYS A 99 9.71 -7.08 10.55
C LYS A 99 11.23 -7.03 10.49
N PRO A 100 11.95 -7.96 11.15
CA PRO A 100 13.41 -7.96 11.18
C PRO A 100 14.05 -8.24 9.82
N ASP A 101 13.26 -8.60 8.80
CA ASP A 101 13.69 -8.67 7.41
C ASP A 101 14.22 -7.31 6.99
N ASN A 102 13.39 -6.26 7.13
CA ASN A 102 13.41 -4.92 6.52
C ASN A 102 14.05 -4.74 5.14
N LYS A 103 14.27 -5.81 4.40
CA LYS A 103 15.00 -5.80 3.15
C LYS A 103 14.02 -5.58 2.02
N LEU A 104 13.66 -6.68 1.33
CA LEU A 104 12.84 -6.64 0.14
C LEU A 104 11.40 -6.49 0.61
N HIS A 105 11.01 -7.15 1.72
CA HIS A 105 9.69 -6.96 2.33
C HIS A 105 9.36 -5.47 2.48
N GLN A 106 10.29 -4.67 3.01
CA GLN A 106 10.11 -3.24 3.21
C GLN A 106 9.94 -2.53 1.86
N GLN A 107 10.86 -2.82 0.93
CA GLN A 107 10.90 -2.25 -0.39
C GLN A 107 9.63 -2.55 -1.20
N VAL A 108 9.14 -3.78 -1.14
CA VAL A 108 7.88 -4.22 -1.72
C VAL A 108 6.75 -3.44 -1.05
N LEU A 109 6.63 -3.48 0.28
CA LEU A 109 5.44 -3.01 0.99
C LEU A 109 5.10 -1.57 0.65
N TRP A 110 6.11 -0.71 0.44
CA TRP A 110 5.90 0.66 -0.01
C TRP A 110 5.24 0.68 -1.39
N ARG A 111 5.90 0.16 -2.43
CA ARG A 111 5.34 0.13 -3.78
C ARG A 111 3.96 -0.53 -3.77
N LEU A 112 3.81 -1.59 -2.98
CA LEU A 112 2.59 -2.33 -2.76
C LEU A 112 1.53 -1.34 -2.32
N VAL A 113 1.60 -0.81 -1.08
CA VAL A 113 0.56 0.06 -0.53
C VAL A 113 0.38 1.34 -1.35
N GLN A 114 1.43 1.81 -2.04
CA GLN A 114 1.30 2.92 -2.95
C GLN A 114 0.38 2.59 -4.12
N GLU A 115 0.56 1.42 -4.74
CA GLU A 115 -0.32 0.94 -5.79
C GLU A 115 -1.73 0.78 -5.20
N LEU A 116 -1.87 0.19 -4.01
CA LEU A 116 -3.18 -0.11 -3.43
C LEU A 116 -4.07 1.12 -3.34
N CYS A 117 -3.56 2.21 -2.76
CA CYS A 117 -4.32 3.44 -2.61
C CYS A 117 -4.59 4.07 -3.99
N SER A 118 -3.59 4.07 -4.90
CA SER A 118 -3.77 4.56 -6.25
C SER A 118 -4.75 3.71 -7.08
N LEU A 119 -4.28 2.56 -7.56
CA LEU A 119 -4.81 1.61 -8.54
C LEU A 119 -5.56 2.25 -9.70
N LYS A 120 -6.81 2.67 -9.54
CA LYS A 120 -7.44 3.59 -10.48
C LYS A 120 -6.97 4.98 -10.06
N HIS A 121 -7.83 5.74 -9.39
CA HIS A 121 -7.60 7.12 -8.99
C HIS A 121 -8.78 7.54 -8.10
N CYS A 122 -8.65 8.68 -7.42
CA CYS A 122 -9.74 9.27 -6.66
C CYS A 122 -10.74 9.84 -7.66
N GLU A 123 -10.47 10.98 -8.32
CA GLU A 123 -11.36 11.49 -9.37
C GLU A 123 -10.63 12.31 -10.44
N PHE A 124 -10.38 13.59 -10.16
CA PHE A 124 -10.01 14.63 -11.12
C PHE A 124 -8.85 14.21 -12.02
N TRP A 125 -7.82 13.62 -11.43
CA TRP A 125 -6.60 13.08 -12.01
C TRP A 125 -6.82 11.68 -12.63
N LEU A 126 -7.92 11.50 -13.34
CA LEU A 126 -8.29 10.24 -13.98
C LEU A 126 -7.28 9.80 -15.05
N GLU A 127 -7.47 8.58 -15.55
CA GLU A 127 -6.66 7.99 -16.62
C GLU A 127 -6.70 8.91 -17.84
N ALA A 29 -9.61 -4.48 12.80
CA ALA A 29 -8.43 -3.85 12.25
C ALA A 29 -8.78 -2.95 11.06
N GLU A 30 -10.04 -2.92 10.65
CA GLU A 30 -10.50 -2.08 9.54
C GLU A 30 -11.02 -0.74 10.05
N ASN A 31 -11.08 -0.56 11.37
CA ASN A 31 -11.44 0.73 11.97
C ASN A 31 -10.41 1.83 11.65
N ARG A 32 -9.18 1.45 11.29
CA ARG A 32 -8.10 2.41 11.04
C ARG A 32 -8.27 3.07 9.67
N PRO A 33 -7.55 4.17 9.40
CA PRO A 33 -7.54 4.91 8.15
C PRO A 33 -6.88 4.09 7.05
N GLY A 34 -5.57 4.24 6.96
CA GLY A 34 -4.61 3.41 6.21
C GLY A 34 -4.51 1.97 6.74
N ALA A 35 -5.59 1.42 7.28
CA ALA A 35 -5.72 0.03 7.64
C ALA A 35 -5.39 -0.89 6.47
N PHE A 36 -4.63 -1.95 6.74
CA PHE A 36 -4.26 -2.99 5.80
C PHE A 36 -5.41 -4.01 5.74
N ILE A 37 -5.96 -4.28 4.54
CA ILE A 37 -6.99 -5.31 4.36
C ILE A 37 -6.37 -6.72 4.48
N LYS A 38 -5.17 -6.91 3.90
CA LYS A 38 -4.39 -8.16 3.85
C LYS A 38 -5.25 -9.45 3.75
N GLN A 39 -5.96 -9.61 2.63
CA GLN A 39 -6.77 -10.80 2.37
C GLN A 39 -5.93 -12.07 2.17
N GLY A 40 -4.62 -11.96 1.97
CA GLY A 40 -3.67 -13.07 1.88
C GLY A 40 -3.55 -13.58 0.46
N ARG A 41 -3.48 -12.69 -0.55
CA ARG A 41 -3.56 -13.06 -1.97
C ARG A 41 -2.34 -12.64 -2.78
N LYS A 42 -2.30 -13.06 -4.05
CA LYS A 42 -1.43 -12.50 -5.08
C LYS A 42 -2.28 -11.62 -5.99
N LEU A 43 -1.74 -10.50 -6.43
CA LEU A 43 -2.22 -9.67 -7.53
C LEU A 43 -1.11 -9.66 -8.60
N ASP A 44 -1.23 -8.74 -9.53
CA ASP A 44 -0.29 -8.48 -10.63
C ASP A 44 0.21 -7.04 -10.46
N ILE A 45 1.38 -6.88 -9.84
CA ILE A 45 2.01 -5.62 -9.50
C ILE A 45 3.47 -5.79 -9.92
N ASP A 46 4.04 -4.78 -10.57
CA ASP A 46 5.35 -4.81 -11.21
C ASP A 46 6.39 -4.21 -10.27
N PHE A 47 6.84 -4.97 -9.26
CA PHE A 47 7.82 -4.51 -8.31
C PHE A 47 9.23 -4.47 -8.88
N GLY A 48 9.53 -5.17 -9.98
CA GLY A 48 10.83 -5.17 -10.61
C GLY A 48 11.43 -6.57 -10.60
N ALA A 49 12.49 -6.78 -9.82
CA ALA A 49 13.19 -8.05 -9.70
C ALA A 49 13.18 -8.58 -8.27
N GLU A 50 13.97 -7.98 -7.37
CA GLU A 50 14.28 -8.55 -6.06
C GLU A 50 13.01 -8.75 -5.24
N GLY A 51 12.19 -7.70 -5.15
CA GLY A 51 10.93 -7.69 -4.44
C GLY A 51 9.85 -8.44 -5.21
N ASN A 52 9.87 -8.35 -6.53
CA ASN A 52 8.91 -9.01 -7.41
C ASN A 52 8.87 -10.52 -7.17
N ARG A 53 10.02 -11.17 -7.30
CA ARG A 53 10.24 -12.55 -6.84
C ARG A 53 9.83 -12.76 -5.39
N TYR A 54 10.17 -11.84 -4.48
CA TYR A 54 9.78 -11.96 -3.08
C TYR A 54 8.26 -11.99 -2.91
N TYR A 55 7.50 -11.29 -3.76
CA TYR A 55 6.05 -11.37 -3.73
C TYR A 55 5.66 -12.80 -4.08
N GLU A 56 6.03 -13.31 -5.25
CA GLU A 56 5.75 -14.70 -5.67
C GLU A 56 6.11 -15.74 -4.60
N ALA A 57 7.16 -15.47 -3.83
CA ALA A 57 7.55 -16.29 -2.70
C ALA A 57 6.52 -16.33 -1.56
N ASN A 58 6.11 -15.17 -1.05
CA ASN A 58 5.41 -15.06 0.24
C ASN A 58 4.40 -13.91 0.22
N TYR A 59 3.70 -13.75 -0.90
CA TYR A 59 2.67 -12.76 -1.22
C TYR A 59 1.55 -12.68 -0.20
N TRP A 60 1.26 -13.78 0.50
CA TRP A 60 0.21 -13.84 1.50
C TRP A 60 0.48 -12.91 2.70
N GLN A 61 1.71 -12.45 2.88
CA GLN A 61 2.17 -11.67 4.03
C GLN A 61 2.07 -10.16 3.79
N PHE A 62 1.09 -9.70 3.00
CA PHE A 62 1.00 -8.31 2.54
C PHE A 62 -0.45 -7.83 2.51
N PRO A 63 -0.72 -6.50 2.54
CA PRO A 63 -2.05 -5.97 2.34
C PRO A 63 -2.55 -6.31 0.93
N ASP A 64 -3.84 -6.58 0.82
CA ASP A 64 -4.55 -6.69 -0.46
C ASP A 64 -4.93 -5.29 -0.96
N GLY A 65 -5.47 -4.49 -0.04
CA GLY A 65 -6.11 -3.23 -0.30
C GLY A 65 -5.91 -2.29 0.89
N ILE A 66 -6.22 -1.02 0.67
CA ILE A 66 -6.29 0.02 1.69
C ILE A 66 -7.66 0.67 1.59
N HIS A 67 -8.37 0.69 2.71
CA HIS A 67 -9.64 1.36 2.93
C HIS A 67 -9.46 2.87 2.72
N TYR A 68 -8.94 3.58 3.75
CA TYR A 68 -8.64 5.00 3.80
C TYR A 68 -9.79 5.92 3.32
N ASN A 69 -9.51 7.22 3.23
CA ASN A 69 -10.45 8.22 2.73
C ASN A 69 -10.47 8.13 1.20
N GLY A 70 -11.65 8.30 0.60
CA GLY A 70 -11.86 8.18 -0.82
C GLY A 70 -11.59 9.48 -1.57
N CYS A 71 -10.52 10.20 -1.21
CA CYS A 71 -10.08 11.48 -1.77
C CYS A 71 -10.90 12.61 -1.14
N SER A 72 -10.28 13.74 -0.77
CA SER A 72 -10.96 14.97 -0.38
C SER A 72 -9.94 16.11 -0.31
N GLU A 73 -9.77 16.84 -1.41
CA GLU A 73 -8.81 17.92 -1.60
C GLU A 73 -9.15 18.68 -2.89
N ALA A 74 -9.85 18.03 -3.81
CA ALA A 74 -10.48 18.58 -5.00
C ALA A 74 -9.46 18.83 -6.11
N ASN A 75 -8.17 18.57 -5.82
CA ASN A 75 -7.07 18.88 -6.76
C ASN A 75 -5.78 18.07 -6.57
N VAL A 76 -5.87 16.91 -5.96
CA VAL A 76 -4.72 16.15 -5.45
C VAL A 76 -4.02 15.39 -6.58
N THR A 77 -2.96 14.64 -6.24
CA THR A 77 -2.09 13.93 -7.17
C THR A 77 -1.75 12.54 -6.61
N LYS A 78 -1.15 11.70 -7.47
CA LYS A 78 -0.58 10.42 -7.11
C LYS A 78 0.64 10.54 -6.20
N GLU A 79 1.17 11.74 -5.95
CA GLU A 79 1.99 11.97 -4.77
C GLU A 79 1.02 12.24 -3.63
N ALA A 80 0.48 13.46 -3.54
CA ALA A 80 -0.15 14.00 -2.34
C ALA A 80 -1.11 13.03 -1.65
N PHE A 81 -2.04 12.44 -2.39
CA PHE A 81 -3.06 11.56 -1.82
C PHE A 81 -2.42 10.24 -1.37
N VAL A 82 -1.58 9.61 -2.19
CA VAL A 82 -0.96 8.33 -1.84
C VAL A 82 -0.03 8.56 -0.63
N THR A 83 0.77 9.63 -0.63
CA THR A 83 1.50 10.12 0.52
C THR A 83 0.59 10.22 1.75
N GLY A 84 -0.57 10.88 1.65
CA GLY A 84 -1.52 11.03 2.75
C GLY A 84 -1.97 9.67 3.28
N CYS A 85 -2.19 8.70 2.38
CA CYS A 85 -2.58 7.35 2.79
C CYS A 85 -1.44 6.67 3.55
N ILE A 86 -0.19 6.96 3.19
CA ILE A 86 1.00 6.39 3.80
C ILE A 86 1.30 7.03 5.15
N ASN A 87 1.00 8.32 5.31
CA ASN A 87 0.98 8.97 6.64
C ASN A 87 -0.01 8.27 7.56
N ALA A 88 -1.09 7.72 7.00
CA ALA A 88 -2.09 6.99 7.74
C ALA A 88 -1.63 5.55 8.01
N THR A 89 -1.13 4.86 7.00
CA THR A 89 -0.80 3.45 7.12
C THR A 89 0.44 3.24 7.98
N GLN A 90 1.40 4.19 8.01
CA GLN A 90 2.59 4.00 8.84
C GLN A 90 2.17 3.83 10.29
N ALA A 91 1.27 4.70 10.77
CA ALA A 91 0.68 4.62 12.09
C ALA A 91 -0.12 3.33 12.25
N ALA A 92 -0.79 2.87 11.17
CA ALA A 92 -1.61 1.66 11.21
C ALA A 92 -0.75 0.41 11.43
N ASN A 93 0.57 0.49 11.21
CA ASN A 93 1.44 -0.67 11.05
C ASN A 93 2.82 -0.37 11.64
N GLN A 94 2.88 0.34 12.77
CA GLN A 94 4.14 0.74 13.37
C GLN A 94 4.94 -0.46 13.88
N GLY A 95 4.23 -1.53 14.22
CA GLY A 95 4.78 -2.82 14.59
C GLY A 95 4.82 -3.80 13.42
N GLU A 96 4.79 -3.33 12.16
CA GLU A 96 4.70 -4.19 10.99
C GLU A 96 5.70 -3.82 9.90
N PHE A 97 5.79 -2.56 9.41
CA PHE A 97 6.93 -2.16 8.54
C PHE A 97 8.32 -2.26 9.21
N GLN A 98 8.39 -2.61 10.51
CA GLN A 98 9.63 -2.79 11.25
C GLN A 98 9.85 -4.25 11.64
N LYS A 99 8.96 -5.17 11.23
CA LYS A 99 9.13 -6.59 11.55
C LYS A 99 10.43 -7.08 10.91
N PRO A 100 11.12 -8.03 11.56
CA PRO A 100 12.31 -8.67 11.01
C PRO A 100 11.96 -9.91 10.17
N ASP A 101 10.66 -10.19 9.95
CA ASP A 101 10.16 -11.43 9.37
C ASP A 101 10.81 -11.70 8.02
N ASN A 102 11.07 -10.64 7.23
CA ASN A 102 11.89 -10.68 6.04
C ASN A 102 12.38 -9.25 5.79
N LYS A 103 13.38 -9.10 4.91
CA LYS A 103 13.85 -7.82 4.39
C LYS A 103 12.98 -7.30 3.27
N LEU A 104 12.98 -7.98 2.10
CA LEU A 104 12.41 -7.43 0.86
C LEU A 104 10.92 -7.12 1.06
N HIS A 105 10.27 -7.75 2.05
CA HIS A 105 9.03 -7.32 2.69
C HIS A 105 8.90 -5.81 2.65
N GLN A 106 9.88 -5.06 3.17
CA GLN A 106 9.86 -3.62 3.32
C GLN A 106 9.71 -2.96 1.95
N GLN A 107 10.65 -3.30 1.06
CA GLN A 107 10.74 -2.71 -0.26
C GLN A 107 9.47 -2.99 -1.08
N VAL A 108 9.02 -4.24 -1.09
CA VAL A 108 7.74 -4.63 -1.69
C VAL A 108 6.62 -3.85 -1.02
N LEU A 109 6.47 -3.95 0.30
CA LEU A 109 5.32 -3.47 1.05
C LEU A 109 5.10 -1.98 0.83
N TRP A 110 6.14 -1.15 0.95
CA TRP A 110 5.99 0.27 0.67
C TRP A 110 5.51 0.51 -0.76
N ARG A 111 6.04 -0.20 -1.75
CA ARG A 111 5.57 -0.06 -3.13
C ARG A 111 4.12 -0.56 -3.26
N LEU A 112 3.81 -1.68 -2.63
CA LEU A 112 2.53 -2.34 -2.69
C LEU A 112 1.47 -1.36 -2.20
N VAL A 113 1.67 -0.76 -1.02
CA VAL A 113 0.73 0.19 -0.46
C VAL A 113 0.59 1.47 -1.30
N GLN A 114 1.65 1.88 -2.01
CA GLN A 114 1.54 2.96 -3.00
C GLN A 114 0.49 2.62 -4.07
N GLU A 115 0.63 1.48 -4.76
CA GLU A 115 -0.32 1.11 -5.82
C GLU A 115 -1.72 0.89 -5.24
N LEU A 116 -1.84 0.25 -4.07
CA LEU A 116 -3.11 -0.04 -3.43
C LEU A 116 -3.94 1.23 -3.24
N CYS A 117 -3.34 2.29 -2.69
CA CYS A 117 -4.04 3.55 -2.52
C CYS A 117 -4.28 4.19 -3.89
N SER A 118 -3.24 4.25 -4.73
CA SER A 118 -3.28 4.88 -6.03
C SER A 118 -4.46 4.37 -6.84
N LEU A 119 -4.53 3.05 -7.01
CA LEU A 119 -5.34 2.27 -7.93
C LEU A 119 -5.84 3.11 -9.09
N LYS A 120 -4.94 3.34 -10.05
CA LYS A 120 -5.05 4.36 -11.08
C LYS A 120 -4.95 5.72 -10.40
N HIS A 121 -6.02 6.49 -10.36
CA HIS A 121 -6.13 7.82 -9.78
C HIS A 121 -7.47 7.89 -9.03
N CYS A 122 -7.74 8.97 -8.30
CA CYS A 122 -9.03 9.11 -7.63
C CYS A 122 -10.08 9.54 -8.66
N GLU A 123 -10.27 10.84 -8.89
CA GLU A 123 -11.44 11.36 -9.59
C GLU A 123 -11.19 12.71 -10.24
N PHE A 124 -10.95 13.79 -9.47
CA PHE A 124 -10.87 15.16 -10.02
C PHE A 124 -9.82 15.26 -11.14
N TRP A 125 -8.70 14.60 -10.91
CA TRP A 125 -7.48 14.56 -11.68
C TRP A 125 -7.46 13.34 -12.61
N LEU A 126 -8.61 13.02 -13.20
CA LEU A 126 -8.73 11.94 -14.18
C LEU A 126 -7.91 12.19 -15.44
N GLU A 127 -7.71 11.10 -16.18
CA GLU A 127 -7.33 11.08 -17.57
C GLU A 127 -8.38 11.86 -18.35
N ALA A 29 -11.00 -2.03 13.43
CA ALA A 29 -9.81 -1.25 13.20
C ALA A 29 -9.58 -1.11 11.69
N GLU A 30 -10.41 -1.76 10.87
CA GLU A 30 -10.48 -1.49 9.45
C GLU A 30 -11.00 -0.05 9.24
N ASN A 31 -11.58 0.56 10.29
CA ASN A 31 -11.96 1.98 10.30
C ASN A 31 -10.78 2.94 10.09
N ARG A 32 -9.54 2.47 10.24
CA ARG A 32 -8.34 3.29 10.15
C ARG A 32 -8.24 3.93 8.76
N PRO A 33 -7.76 5.19 8.68
CA PRO A 33 -7.51 5.95 7.46
C PRO A 33 -6.29 5.44 6.68
N GLY A 34 -5.96 4.16 6.82
CA GLY A 34 -4.79 3.50 6.28
C GLY A 34 -4.76 2.04 6.68
N ALA A 35 -5.88 1.47 7.15
CA ALA A 35 -5.94 0.08 7.56
C ALA A 35 -5.58 -0.83 6.38
N PHE A 36 -4.80 -1.87 6.65
CA PHE A 36 -4.37 -2.89 5.71
C PHE A 36 -5.49 -3.93 5.53
N ILE A 37 -6.16 -3.99 4.37
CA ILE A 37 -7.27 -4.95 4.15
C ILE A 37 -6.81 -6.42 4.25
N LYS A 38 -5.55 -6.69 3.92
CA LYS A 38 -4.79 -7.92 4.18
C LYS A 38 -5.63 -9.20 4.10
N GLN A 39 -6.09 -9.53 2.90
CA GLN A 39 -6.70 -10.83 2.63
C GLN A 39 -5.67 -11.93 2.41
N GLY A 40 -4.42 -11.58 2.16
CA GLY A 40 -3.36 -12.51 1.87
C GLY A 40 -3.58 -13.18 0.50
N ARG A 41 -3.15 -12.54 -0.58
CA ARG A 41 -3.34 -12.95 -1.98
C ARG A 41 -2.12 -12.56 -2.82
N LYS A 42 -2.00 -13.07 -4.06
CA LYS A 42 -0.96 -12.69 -5.03
C LYS A 42 -1.63 -11.94 -6.19
N LEU A 43 -1.39 -10.65 -6.29
CA LEU A 43 -1.82 -9.81 -7.39
C LEU A 43 -0.60 -9.42 -8.23
N ASP A 44 -0.85 -8.63 -9.27
CA ASP A 44 0.03 -8.47 -10.43
C ASP A 44 0.82 -7.17 -10.32
N ILE A 45 1.21 -6.84 -9.09
CA ILE A 45 1.78 -5.55 -8.71
C ILE A 45 3.24 -5.61 -9.16
N ASP A 46 3.59 -4.75 -10.11
CA ASP A 46 4.76 -4.81 -10.98
C ASP A 46 6.01 -4.30 -10.27
N PHE A 47 6.43 -5.03 -9.23
CA PHE A 47 7.55 -4.70 -8.36
C PHE A 47 8.92 -4.72 -9.05
N GLY A 48 9.04 -5.38 -10.20
CA GLY A 48 10.25 -5.40 -11.01
C GLY A 48 10.96 -6.71 -10.80
N ALA A 49 12.04 -6.72 -10.02
CA ALA A 49 12.91 -7.88 -9.95
C ALA A 49 12.77 -8.58 -8.60
N GLU A 50 13.71 -8.34 -7.68
CA GLU A 50 13.75 -8.93 -6.35
C GLU A 50 12.42 -8.78 -5.60
N GLY A 51 11.72 -7.66 -5.82
CA GLY A 51 10.44 -7.33 -5.22
C GLY A 51 9.37 -8.31 -5.69
N ASN A 52 9.26 -8.50 -7.00
CA ASN A 52 8.30 -9.42 -7.58
C ASN A 52 8.62 -10.83 -7.11
N ARG A 53 9.89 -11.25 -7.18
CA ARG A 53 10.33 -12.57 -6.75
C ARG A 53 10.03 -12.84 -5.27
N TYR A 54 10.13 -11.82 -4.41
CA TYR A 54 9.75 -11.91 -3.01
C TYR A 54 8.23 -12.01 -2.87
N TYR A 55 7.47 -11.20 -3.62
CA TYR A 55 6.02 -11.27 -3.60
C TYR A 55 5.59 -12.68 -3.98
N GLU A 56 6.03 -13.21 -5.11
CA GLU A 56 5.82 -14.60 -5.54
C GLU A 56 6.09 -15.62 -4.44
N ALA A 57 7.02 -15.32 -3.54
CA ALA A 57 7.39 -16.21 -2.43
C ALA A 57 6.49 -16.17 -1.19
N ASN A 58 5.88 -15.02 -0.87
CA ASN A 58 5.12 -14.83 0.37
C ASN A 58 4.20 -13.62 0.21
N TYR A 59 3.47 -13.63 -0.89
CA TYR A 59 2.54 -12.61 -1.35
C TYR A 59 1.43 -12.38 -0.34
N TRP A 60 1.00 -13.45 0.35
CA TRP A 60 -0.16 -13.46 1.21
C TRP A 60 0.08 -12.76 2.56
N GLN A 61 1.10 -11.91 2.65
CA GLN A 61 1.55 -11.25 3.86
C GLN A 61 1.49 -9.72 3.72
N PHE A 62 0.76 -9.21 2.72
CA PHE A 62 0.68 -7.81 2.35
C PHE A 62 -0.81 -7.39 2.35
N PRO A 63 -1.12 -6.09 2.37
CA PRO A 63 -2.51 -5.65 2.26
C PRO A 63 -3.03 -5.95 0.85
N ASP A 64 -4.34 -6.24 0.75
CA ASP A 64 -5.04 -6.35 -0.52
C ASP A 64 -5.33 -4.94 -1.07
N GLY A 65 -5.85 -4.08 -0.21
CA GLY A 65 -6.22 -2.71 -0.50
C GLY A 65 -5.99 -1.84 0.72
N ILE A 66 -6.17 -0.53 0.54
CA ILE A 66 -6.28 0.45 1.60
C ILE A 66 -7.69 1.05 1.58
N HIS A 67 -8.15 1.40 2.77
CA HIS A 67 -9.38 2.14 3.00
C HIS A 67 -9.10 3.61 2.64
N TYR A 68 -8.71 4.42 3.64
CA TYR A 68 -8.48 5.85 3.53
C TYR A 68 -9.68 6.56 2.88
N ASN A 69 -10.86 6.04 3.21
CA ASN A 69 -12.21 6.44 2.83
C ASN A 69 -12.56 6.30 1.37
N GLY A 70 -11.76 6.88 0.51
CA GLY A 70 -11.84 6.75 -0.93
C GLY A 70 -11.00 7.80 -1.63
N CYS A 71 -11.52 9.01 -1.79
CA CYS A 71 -10.79 10.21 -2.17
C CYS A 71 -11.65 11.38 -1.69
N SER A 72 -11.05 12.32 -0.96
CA SER A 72 -11.71 13.46 -0.32
C SER A 72 -10.80 14.69 -0.48
N GLU A 73 -10.24 14.82 -1.68
CA GLU A 73 -9.36 15.89 -2.11
C GLU A 73 -9.68 16.17 -3.58
N ALA A 74 -9.38 17.38 -4.06
CA ALA A 74 -9.65 17.81 -5.43
C ALA A 74 -8.47 18.51 -6.09
N ASN A 75 -7.32 18.53 -5.43
CA ASN A 75 -6.10 19.13 -5.97
C ASN A 75 -4.91 18.36 -5.42
N VAL A 76 -4.87 17.05 -5.68
CA VAL A 76 -3.81 16.17 -5.22
C VAL A 76 -3.22 15.43 -6.41
N THR A 77 -2.13 14.71 -6.18
CA THR A 77 -1.38 13.96 -7.17
C THR A 77 -0.88 12.67 -6.51
N LYS A 78 -0.18 11.81 -7.25
CA LYS A 78 0.47 10.63 -6.71
C LYS A 78 1.64 10.93 -5.78
N GLU A 79 1.97 12.20 -5.52
CA GLU A 79 2.87 12.60 -4.44
C GLU A 79 2.13 13.19 -3.24
N ALA A 80 0.80 13.31 -3.32
CA ALA A 80 0.00 13.93 -2.29
C ALA A 80 -0.99 12.93 -1.69
N PHE A 81 -1.87 12.42 -2.54
CA PHE A 81 -2.97 11.57 -2.15
C PHE A 81 -2.46 10.31 -1.45
N VAL A 82 -1.66 9.50 -2.15
CA VAL A 82 -1.14 8.23 -1.64
C VAL A 82 -0.21 8.47 -0.45
N THR A 83 0.66 9.46 -0.55
CA THR A 83 1.50 9.97 0.53
C THR A 83 0.72 10.15 1.84
N GLY A 84 -0.45 10.80 1.84
CA GLY A 84 -1.24 10.95 3.06
C GLY A 84 -1.74 9.60 3.57
N CYS A 85 -2.08 8.69 2.66
CA CYS A 85 -2.46 7.33 2.99
C CYS A 85 -1.31 6.61 3.69
N ILE A 86 -0.06 6.89 3.29
CA ILE A 86 1.13 6.29 3.87
C ILE A 86 1.46 6.88 5.23
N ASN A 87 1.25 8.18 5.39
CA ASN A 87 1.35 8.82 6.71
C ASN A 87 0.34 8.25 7.70
N ALA A 88 -0.78 7.76 7.18
CA ALA A 88 -1.80 7.13 7.98
C ALA A 88 -1.40 5.66 8.23
N THR A 89 -1.09 4.91 7.19
CA THR A 89 -0.85 3.47 7.27
C THR A 89 0.41 3.14 8.10
N GLN A 90 1.42 4.01 8.10
CA GLN A 90 2.59 3.77 8.94
C GLN A 90 2.18 3.72 10.41
N ALA A 91 1.25 4.57 10.82
CA ALA A 91 0.66 4.54 12.14
C ALA A 91 -0.34 3.38 12.27
N ALA A 92 -0.99 2.95 11.18
CA ALA A 92 -1.91 1.81 11.22
C ALA A 92 -1.17 0.52 11.60
N ASN A 93 0.07 0.35 11.14
CA ASN A 93 0.82 -0.92 11.23
C ASN A 93 2.22 -0.70 11.81
N GLN A 94 2.36 0.11 12.86
CA GLN A 94 3.65 0.43 13.50
C GLN A 94 4.50 -0.82 13.68
N GLY A 95 4.05 -1.72 14.55
CA GLY A 95 4.67 -3.03 14.76
C GLY A 95 4.41 -4.00 13.61
N GLU A 96 4.50 -3.54 12.36
CA GLU A 96 4.68 -4.35 11.17
C GLU A 96 5.68 -3.68 10.24
N PHE A 97 5.61 -2.36 10.00
CA PHE A 97 6.71 -1.70 9.30
C PHE A 97 8.05 -1.84 10.03
N GLN A 98 8.03 -2.03 11.35
CA GLN A 98 9.22 -2.21 12.20
C GLN A 98 9.51 -3.70 12.44
N LYS A 99 9.26 -4.58 11.47
CA LYS A 99 9.49 -6.03 11.63
C LYS A 99 11.00 -6.34 11.66
N PRO A 100 11.39 -7.57 12.05
CA PRO A 100 12.78 -8.00 12.01
C PRO A 100 13.23 -8.44 10.60
N ASP A 101 12.31 -8.44 9.63
CA ASP A 101 12.64 -8.69 8.23
C ASP A 101 13.59 -7.60 7.72
N ASN A 102 13.09 -6.36 7.68
CA ASN A 102 13.71 -5.17 7.10
C ASN A 102 14.62 -5.48 5.91
N LYS A 103 14.21 -6.38 5.01
CA LYS A 103 14.88 -6.66 3.76
C LYS A 103 13.93 -6.37 2.63
N LEU A 104 13.19 -7.37 2.18
CA LEU A 104 12.40 -7.25 0.99
C LEU A 104 10.95 -7.03 1.34
N HIS A 105 10.48 -7.42 2.54
CA HIS A 105 9.13 -7.04 2.93
C HIS A 105 9.03 -5.52 3.02
N GLN A 106 10.07 -4.81 3.49
CA GLN A 106 10.07 -3.34 3.49
C GLN A 106 10.00 -2.80 2.06
N GLN A 107 10.86 -3.33 1.17
CA GLN A 107 11.02 -2.83 -0.18
C GLN A 107 9.77 -3.09 -1.03
N VAL A 108 9.15 -4.26 -0.87
CA VAL A 108 7.86 -4.57 -1.47
C VAL A 108 6.78 -3.72 -0.80
N LEU A 109 6.62 -3.78 0.52
CA LEU A 109 5.42 -3.29 1.19
C LEU A 109 5.24 -1.81 0.96
N TRP A 110 6.32 -1.02 0.88
CA TRP A 110 6.18 0.38 0.50
C TRP A 110 5.65 0.50 -0.92
N ARG A 111 6.30 -0.11 -1.91
CA ARG A 111 5.82 -0.02 -3.29
C ARG A 111 4.39 -0.56 -3.42
N LEU A 112 4.04 -1.55 -2.61
CA LEU A 112 2.75 -2.19 -2.52
C LEU A 112 1.75 -1.12 -2.09
N VAL A 113 1.89 -0.56 -0.88
CA VAL A 113 0.90 0.37 -0.36
C VAL A 113 0.84 1.67 -1.18
N GLN A 114 1.94 2.05 -1.82
CA GLN A 114 1.97 3.12 -2.80
C GLN A 114 1.00 2.82 -3.95
N GLU A 115 1.08 1.64 -4.56
CA GLU A 115 0.18 1.26 -5.65
C GLU A 115 -1.26 1.24 -5.14
N LEU A 116 -1.51 0.56 -4.02
CA LEU A 116 -2.86 0.32 -3.49
C LEU A 116 -3.67 1.59 -3.40
N CYS A 117 -3.07 2.67 -2.86
CA CYS A 117 -3.79 3.92 -2.75
C CYS A 117 -3.92 4.55 -4.14
N SER A 118 -2.87 4.54 -4.96
CA SER A 118 -2.87 5.08 -6.31
C SER A 118 -4.03 4.53 -7.15
N LEU A 119 -3.95 3.25 -7.57
CA LEU A 119 -4.80 2.60 -8.58
C LEU A 119 -5.23 3.59 -9.68
N LYS A 120 -4.26 3.90 -10.54
CA LYS A 120 -4.21 5.09 -11.40
C LYS A 120 -4.29 6.34 -10.52
N HIS A 121 -5.44 7.00 -10.46
CA HIS A 121 -5.62 8.30 -9.84
C HIS A 121 -7.08 8.48 -9.46
N CYS A 122 -7.42 9.53 -8.68
CA CYS A 122 -8.80 9.87 -8.37
C CYS A 122 -9.49 10.33 -9.66
N GLU A 123 -9.30 11.60 -10.06
CA GLU A 123 -9.95 12.13 -11.26
C GLU A 123 -9.25 13.40 -11.76
N PHE A 124 -9.27 14.46 -10.94
CA PHE A 124 -8.89 15.84 -11.32
C PHE A 124 -7.48 15.93 -11.90
N TRP A 125 -6.62 15.01 -11.48
CA TRP A 125 -5.21 14.86 -11.84
C TRP A 125 -5.02 13.71 -12.84
N LEU A 126 -5.75 13.78 -13.95
CA LEU A 126 -5.83 12.76 -14.99
C LEU A 126 -4.58 12.60 -15.87
N GLU A 127 -3.56 13.41 -15.63
CA GLU A 127 -2.17 13.21 -16.05
C GLU A 127 -2.03 12.75 -17.50
#